data_3B61
# 
_entry.id   3B61 
# 
_audit_conform.dict_name       mmcif_pdbx.dic 
_audit_conform.dict_version    5.387 
_audit_conform.dict_location   http://mmcif.pdb.org/dictionaries/ascii/mmcif_pdbx.dic 
# 
loop_
_database_2.database_id 
_database_2.database_code 
_database_2.pdbx_database_accession 
_database_2.pdbx_DOI 
PDB   3B61         pdb_00003b61 10.2210/pdb3b61/pdb 
RCSB  RCSB045122   ?            ?                   
WWPDB D_1000045122 ?            ?                   
# 
loop_
_pdbx_audit_revision_history.ordinal 
_pdbx_audit_revision_history.data_content_type 
_pdbx_audit_revision_history.major_revision 
_pdbx_audit_revision_history.minor_revision 
_pdbx_audit_revision_history.revision_date 
1 'Structure model' 1 0 2007-12-04 
2 'Structure model' 1 1 2011-07-13 
3 'Structure model' 1 2 2024-02-21 
# 
_pdbx_audit_revision_details.ordinal             1 
_pdbx_audit_revision_details.revision_ordinal    1 
_pdbx_audit_revision_details.data_content_type   'Structure model' 
_pdbx_audit_revision_details.provider            repository 
_pdbx_audit_revision_details.type                'Initial release' 
_pdbx_audit_revision_details.description         ? 
_pdbx_audit_revision_details.details             ? 
# 
loop_
_pdbx_audit_revision_group.ordinal 
_pdbx_audit_revision_group.revision_ordinal 
_pdbx_audit_revision_group.data_content_type 
_pdbx_audit_revision_group.group 
1 2 'Structure model' 'Version format compliance' 
2 3 'Structure model' 'Data collection'           
3 3 'Structure model' 'Database references'       
# 
loop_
_pdbx_audit_revision_category.ordinal 
_pdbx_audit_revision_category.revision_ordinal 
_pdbx_audit_revision_category.data_content_type 
_pdbx_audit_revision_category.category 
1 3 'Structure model' chem_comp_atom 
2 3 'Structure model' chem_comp_bond 
3 3 'Structure model' database_2     
# 
loop_
_pdbx_audit_revision_item.ordinal 
_pdbx_audit_revision_item.revision_ordinal 
_pdbx_audit_revision_item.data_content_type 
_pdbx_audit_revision_item.item 
1 3 'Structure model' '_database_2.pdbx_DOI'                
2 3 'Structure model' '_database_2.pdbx_database_accession' 
# 
_pdbx_database_status.status_code                     REL 
_pdbx_database_status.entry_id                        3B61 
_pdbx_database_status.recvd_initial_deposition_date   2007-10-26 
_pdbx_database_status.deposit_site                    RCSB 
_pdbx_database_status.process_site                    RCSB 
_pdbx_database_status.status_code_sf                  REL 
_pdbx_database_status.status_code_mr                  ? 
_pdbx_database_status.SG_entry                        ? 
_pdbx_database_status.pdb_format_compatible           Y 
_pdbx_database_status.status_code_cs                  ? 
_pdbx_database_status.status_code_nmr_data            ? 
_pdbx_database_status.methods_development_category    ? 
# 
loop_
_pdbx_database_related.db_name 
_pdbx_database_related.db_id 
_pdbx_database_related.details 
_pdbx_database_related.content_type 
PDB 3B5D 'EmrE-TPP structure, C2 crystal form' unspecified 
PDB 3B62 .                                     unspecified 
# 
loop_
_audit_author.name 
_audit_author.pdbx_ordinal 
'Chang, G.'  1 
'Chen, Y.J.' 2 
# 
_citation.id                        primary 
_citation.title                     'X-ray structure of EmrE supports dual topology model.' 
_citation.journal_abbrev            Proc.Natl.Acad.Sci.Usa 
_citation.journal_volume            104 
_citation.page_first                18999 
_citation.page_last                 19004 
_citation.year                      2007 
_citation.journal_id_ASTM           PNASA6 
_citation.country                   US 
_citation.journal_id_ISSN           0027-8424 
_citation.journal_id_CSD            0040 
_citation.book_publisher            ? 
_citation.pdbx_database_id_PubMed   18024586 
_citation.pdbx_database_id_DOI      10.1073/pnas.0709387104 
# 
loop_
_citation_author.citation_id 
_citation_author.name 
_citation_author.ordinal 
_citation_author.identifier_ORCID 
primary 'Chen, Y.J.'    1 ? 
primary 'Pornillos, O.' 2 ? 
primary 'Lieu, S.'      3 ? 
primary 'Ma, C.'        4 ? 
primary 'Chen, A.P.'    5 ? 
primary 'Chang, G.'     6 ? 
# 
_entity.id                         1 
_entity.type                       polymer 
_entity.src_method                 man 
_entity.pdbx_description           'Multidrug transporter emrE' 
_entity.formula_weight             11963.278 
_entity.pdbx_number_of_molecules   8 
_entity.pdbx_ec                    ? 
_entity.pdbx_mutation              ? 
_entity.pdbx_fragment              ? 
_entity.details                    ? 
# 
_entity_name_com.entity_id   1 
_entity_name_com.name        
'Efflux-multidrug resistance protein emrE, Methyl viologen resistance protein C, Ethidium resistance protein' 
# 
_entity_poly.entity_id                      1 
_entity_poly.type                           'polypeptide(L)' 
_entity_poly.nstd_linkage                   no 
_entity_poly.nstd_monomer                   no 
_entity_poly.pdbx_seq_one_letter_code       
;MNPYIYLGGAILAEVIGTTLMKFSEGFTRLWPSVGTIICYCASFWLLAQTLAYIPTGIAYAIWSGVGIVLISLLSWGFFG
QRLDLPAIIGMMLICAGVLIINLLSRSTPH
;
_entity_poly.pdbx_seq_one_letter_code_can   
;MNPYIYLGGAILAEVIGTTLMKFSEGFTRLWPSVGTIICYCASFWLLAQTLAYIPTGIAYAIWSGVGIVLISLLSWGFFG
QRLDLPAIIGMMLICAGVLIINLLSRSTPH
;
_entity_poly.pdbx_strand_id                 A,B,C,D,E,F,G,H 
_entity_poly.pdbx_target_identifier         ? 
# 
loop_
_entity_poly_seq.entity_id 
_entity_poly_seq.num 
_entity_poly_seq.mon_id 
_entity_poly_seq.hetero 
1 1   MET n 
1 2   ASN n 
1 3   PRO n 
1 4   TYR n 
1 5   ILE n 
1 6   TYR n 
1 7   LEU n 
1 8   GLY n 
1 9   GLY n 
1 10  ALA n 
1 11  ILE n 
1 12  LEU n 
1 13  ALA n 
1 14  GLU n 
1 15  VAL n 
1 16  ILE n 
1 17  GLY n 
1 18  THR n 
1 19  THR n 
1 20  LEU n 
1 21  MET n 
1 22  LYS n 
1 23  PHE n 
1 24  SER n 
1 25  GLU n 
1 26  GLY n 
1 27  PHE n 
1 28  THR n 
1 29  ARG n 
1 30  LEU n 
1 31  TRP n 
1 32  PRO n 
1 33  SER n 
1 34  VAL n 
1 35  GLY n 
1 36  THR n 
1 37  ILE n 
1 38  ILE n 
1 39  CYS n 
1 40  TYR n 
1 41  CYS n 
1 42  ALA n 
1 43  SER n 
1 44  PHE n 
1 45  TRP n 
1 46  LEU n 
1 47  LEU n 
1 48  ALA n 
1 49  GLN n 
1 50  THR n 
1 51  LEU n 
1 52  ALA n 
1 53  TYR n 
1 54  ILE n 
1 55  PRO n 
1 56  THR n 
1 57  GLY n 
1 58  ILE n 
1 59  ALA n 
1 60  TYR n 
1 61  ALA n 
1 62  ILE n 
1 63  TRP n 
1 64  SER n 
1 65  GLY n 
1 66  VAL n 
1 67  GLY n 
1 68  ILE n 
1 69  VAL n 
1 70  LEU n 
1 71  ILE n 
1 72  SER n 
1 73  LEU n 
1 74  LEU n 
1 75  SER n 
1 76  TRP n 
1 77  GLY n 
1 78  PHE n 
1 79  PHE n 
1 80  GLY n 
1 81  GLN n 
1 82  ARG n 
1 83  LEU n 
1 84  ASP n 
1 85  LEU n 
1 86  PRO n 
1 87  ALA n 
1 88  ILE n 
1 89  ILE n 
1 90  GLY n 
1 91  MET n 
1 92  MET n 
1 93  LEU n 
1 94  ILE n 
1 95  CYS n 
1 96  ALA n 
1 97  GLY n 
1 98  VAL n 
1 99  LEU n 
1 100 ILE n 
1 101 ILE n 
1 102 ASN n 
1 103 LEU n 
1 104 LEU n 
1 105 SER n 
1 106 ARG n 
1 107 SER n 
1 108 THR n 
1 109 PRO n 
1 110 HIS n 
# 
_entity_src_gen.entity_id                          1 
_entity_src_gen.pdbx_src_id                        1 
_entity_src_gen.pdbx_alt_source_flag               sample 
_entity_src_gen.pdbx_seq_type                      ? 
_entity_src_gen.pdbx_beg_seq_num                   ? 
_entity_src_gen.pdbx_end_seq_num                   ? 
_entity_src_gen.gene_src_common_name               ? 
_entity_src_gen.gene_src_genus                     Escherichia 
_entity_src_gen.pdbx_gene_src_gene                 'emrE, eb, mvrC' 
_entity_src_gen.gene_src_species                   'Escherichia coli' 
_entity_src_gen.gene_src_strain                    K-12 
_entity_src_gen.gene_src_tissue                    ? 
_entity_src_gen.gene_src_tissue_fraction           ? 
_entity_src_gen.gene_src_details                   ? 
_entity_src_gen.pdbx_gene_src_fragment             ? 
_entity_src_gen.pdbx_gene_src_scientific_name      'Escherichia coli K12' 
_entity_src_gen.pdbx_gene_src_ncbi_taxonomy_id     83333 
_entity_src_gen.pdbx_gene_src_variant              ? 
_entity_src_gen.pdbx_gene_src_cell_line            ? 
_entity_src_gen.pdbx_gene_src_atcc                 ? 
_entity_src_gen.pdbx_gene_src_organ                ? 
_entity_src_gen.pdbx_gene_src_organelle            ? 
_entity_src_gen.pdbx_gene_src_cell                 ? 
_entity_src_gen.pdbx_gene_src_cellular_location    ? 
_entity_src_gen.host_org_common_name               ? 
_entity_src_gen.pdbx_host_org_scientific_name      'Escherichia coli BL21(DE3)' 
_entity_src_gen.pdbx_host_org_ncbi_taxonomy_id     469008 
_entity_src_gen.host_org_genus                     Escherichia 
_entity_src_gen.pdbx_host_org_gene                 ? 
_entity_src_gen.pdbx_host_org_organ                ? 
_entity_src_gen.host_org_species                   'Escherichia coli' 
_entity_src_gen.pdbx_host_org_tissue               ? 
_entity_src_gen.pdbx_host_org_tissue_fraction      ? 
_entity_src_gen.pdbx_host_org_strain               'BL21(DE3)' 
_entity_src_gen.pdbx_host_org_variant              ? 
_entity_src_gen.pdbx_host_org_cell_line            ? 
_entity_src_gen.pdbx_host_org_atcc                 ? 
_entity_src_gen.pdbx_host_org_culture_collection   ? 
_entity_src_gen.pdbx_host_org_cell                 ? 
_entity_src_gen.pdbx_host_org_organelle            ? 
_entity_src_gen.pdbx_host_org_cellular_location    ? 
_entity_src_gen.pdbx_host_org_vector_type          PLASMID 
_entity_src_gen.pdbx_host_org_vector               ? 
_entity_src_gen.host_org_details                   ? 
_entity_src_gen.expression_system_id               ? 
_entity_src_gen.plasmid_name                       pET-15b 
_entity_src_gen.plasmid_details                    ? 
_entity_src_gen.pdbx_description                   ? 
# 
loop_
_chem_comp.id 
_chem_comp.type 
_chem_comp.mon_nstd_flag 
_chem_comp.name 
_chem_comp.pdbx_synonyms 
_chem_comp.formula 
_chem_comp.formula_weight 
ALA 'L-peptide linking' y ALANINE         ? 'C3 H7 N O2'     89.093  
ARG 'L-peptide linking' y ARGININE        ? 'C6 H15 N4 O2 1' 175.209 
ASN 'L-peptide linking' y ASPARAGINE      ? 'C4 H8 N2 O3'    132.118 
ASP 'L-peptide linking' y 'ASPARTIC ACID' ? 'C4 H7 N O4'     133.103 
CYS 'L-peptide linking' y CYSTEINE        ? 'C3 H7 N O2 S'   121.158 
GLN 'L-peptide linking' y GLUTAMINE       ? 'C5 H10 N2 O3'   146.144 
GLU 'L-peptide linking' y 'GLUTAMIC ACID' ? 'C5 H9 N O4'     147.129 
GLY 'peptide linking'   y GLYCINE         ? 'C2 H5 N O2'     75.067  
HIS 'L-peptide linking' y HISTIDINE       ? 'C6 H10 N3 O2 1' 156.162 
ILE 'L-peptide linking' y ISOLEUCINE      ? 'C6 H13 N O2'    131.173 
LEU 'L-peptide linking' y LEUCINE         ? 'C6 H13 N O2'    131.173 
LYS 'L-peptide linking' y LYSINE          ? 'C6 H15 N2 O2 1' 147.195 
MET 'L-peptide linking' y METHIONINE      ? 'C5 H11 N O2 S'  149.211 
PHE 'L-peptide linking' y PHENYLALANINE   ? 'C9 H11 N O2'    165.189 
PRO 'L-peptide linking' y PROLINE         ? 'C5 H9 N O2'     115.130 
SER 'L-peptide linking' y SERINE          ? 'C3 H7 N O3'     105.093 
THR 'L-peptide linking' y THREONINE       ? 'C4 H9 N O3'     119.119 
TRP 'L-peptide linking' y TRYPTOPHAN      ? 'C11 H12 N2 O2'  204.225 
TYR 'L-peptide linking' y TYROSINE        ? 'C9 H11 N O3'    181.189 
VAL 'L-peptide linking' y VALINE          ? 'C5 H11 N O2'    117.146 
# 
loop_
_pdbx_poly_seq_scheme.asym_id 
_pdbx_poly_seq_scheme.entity_id 
_pdbx_poly_seq_scheme.seq_id 
_pdbx_poly_seq_scheme.mon_id 
_pdbx_poly_seq_scheme.ndb_seq_num 
_pdbx_poly_seq_scheme.pdb_seq_num 
_pdbx_poly_seq_scheme.auth_seq_num 
_pdbx_poly_seq_scheme.pdb_mon_id 
_pdbx_poly_seq_scheme.auth_mon_id 
_pdbx_poly_seq_scheme.pdb_strand_id 
_pdbx_poly_seq_scheme.pdb_ins_code 
_pdbx_poly_seq_scheme.hetero 
A 1 1   MET 1   1   ?   ?   ?   A . n 
A 1 2   ASN 2   2   ?   ?   ?   A . n 
A 1 3   PRO 3   3   ?   ?   ?   A . n 
A 1 4   TYR 4   4   4   TYR TYR A . n 
A 1 5   ILE 5   5   5   ILE ILE A . n 
A 1 6   TYR 6   6   6   TYR TYR A . n 
A 1 7   LEU 7   7   7   LEU LEU A . n 
A 1 8   GLY 8   8   8   GLY GLY A . n 
A 1 9   GLY 9   9   9   GLY GLY A . n 
A 1 10  ALA 10  10  10  ALA ALA A . n 
A 1 11  ILE 11  11  11  ILE ILE A . n 
A 1 12  LEU 12  12  12  LEU LEU A . n 
A 1 13  ALA 13  13  13  ALA ALA A . n 
A 1 14  GLU 14  14  14  GLU GLU A . n 
A 1 15  VAL 15  15  15  VAL VAL A . n 
A 1 16  ILE 16  16  16  ILE ILE A . n 
A 1 17  GLY 17  17  17  GLY GLY A . n 
A 1 18  THR 18  18  18  THR THR A . n 
A 1 19  THR 19  19  19  THR THR A . n 
A 1 20  LEU 20  20  20  LEU LEU A . n 
A 1 21  MET 21  21  21  MET MET A . n 
A 1 22  LYS 22  22  22  LYS LYS A . n 
A 1 23  PHE 23  23  23  PHE PHE A . n 
A 1 24  SER 24  24  24  SER SER A . n 
A 1 25  GLU 25  25  25  GLU GLU A . n 
A 1 26  GLY 26  26  26  GLY GLY A . n 
A 1 27  PHE 27  27  27  PHE PHE A . n 
A 1 28  THR 28  28  28  THR THR A . n 
A 1 29  ARG 29  29  29  ARG ARG A . n 
A 1 30  LEU 30  30  30  LEU LEU A . n 
A 1 31  TRP 31  31  31  TRP TRP A . n 
A 1 32  PRO 32  32  32  PRO PRO A . n 
A 1 33  SER 33  33  33  SER SER A . n 
A 1 34  VAL 34  34  34  VAL VAL A . n 
A 1 35  GLY 35  35  35  GLY GLY A . n 
A 1 36  THR 36  36  36  THR THR A . n 
A 1 37  ILE 37  37  37  ILE ILE A . n 
A 1 38  ILE 38  38  38  ILE ILE A . n 
A 1 39  CYS 39  39  39  CYS CYS A . n 
A 1 40  TYR 40  40  40  TYR TYR A . n 
A 1 41  CYS 41  41  41  CYS CYS A . n 
A 1 42  ALA 42  42  42  ALA ALA A . n 
A 1 43  SER 43  43  43  SER SER A . n 
A 1 44  PHE 44  44  44  PHE PHE A . n 
A 1 45  TRP 45  45  45  TRP TRP A . n 
A 1 46  LEU 46  46  46  LEU LEU A . n 
A 1 47  LEU 47  47  47  LEU LEU A . n 
A 1 48  ALA 48  48  48  ALA ALA A . n 
A 1 49  GLN 49  49  49  GLN GLN A . n 
A 1 50  THR 50  50  50  THR THR A . n 
A 1 51  LEU 51  51  51  LEU LEU A . n 
A 1 52  ALA 52  52  52  ALA ALA A . n 
A 1 53  TYR 53  53  53  TYR TYR A . n 
A 1 54  ILE 54  54  54  ILE ILE A . n 
A 1 55  PRO 55  55  55  PRO PRO A . n 
A 1 56  THR 56  56  56  THR THR A . n 
A 1 57  GLY 57  57  57  GLY GLY A . n 
A 1 58  ILE 58  58  58  ILE ILE A . n 
A 1 59  ALA 59  59  59  ALA ALA A . n 
A 1 60  TYR 60  60  60  TYR TYR A . n 
A 1 61  ALA 61  61  61  ALA ALA A . n 
A 1 62  ILE 62  62  62  ILE ILE A . n 
A 1 63  TRP 63  63  63  TRP TRP A . n 
A 1 64  SER 64  64  64  SER SER A . n 
A 1 65  GLY 65  65  65  GLY GLY A . n 
A 1 66  VAL 66  66  66  VAL VAL A . n 
A 1 67  GLY 67  67  67  GLY GLY A . n 
A 1 68  ILE 68  68  68  ILE ILE A . n 
A 1 69  VAL 69  69  69  VAL VAL A . n 
A 1 70  LEU 70  70  70  LEU LEU A . n 
A 1 71  ILE 71  71  71  ILE ILE A . n 
A 1 72  SER 72  72  72  SER SER A . n 
A 1 73  LEU 73  73  73  LEU LEU A . n 
A 1 74  LEU 74  74  74  LEU LEU A . n 
A 1 75  SER 75  75  75  SER SER A . n 
A 1 76  TRP 76  76  76  TRP TRP A . n 
A 1 77  GLY 77  77  77  GLY GLY A . n 
A 1 78  PHE 78  78  78  PHE PHE A . n 
A 1 79  PHE 79  79  79  PHE PHE A . n 
A 1 80  GLY 80  80  80  GLY GLY A . n 
A 1 81  GLN 81  81  81  GLN GLN A . n 
A 1 82  ARG 82  82  82  ARG ARG A . n 
A 1 83  LEU 83  83  83  LEU LEU A . n 
A 1 84  ASP 84  84  84  ASP ASP A . n 
A 1 85  LEU 85  85  85  LEU LEU A . n 
A 1 86  PRO 86  86  86  PRO PRO A . n 
A 1 87  ALA 87  87  87  ALA ALA A . n 
A 1 88  ILE 88  88  88  ILE ILE A . n 
A 1 89  ILE 89  89  89  ILE ILE A . n 
A 1 90  GLY 90  90  90  GLY GLY A . n 
A 1 91  MET 91  91  91  MET MET A . n 
A 1 92  MET 92  92  92  MET MET A . n 
A 1 93  LEU 93  93  93  LEU LEU A . n 
A 1 94  ILE 94  94  94  ILE ILE A . n 
A 1 95  CYS 95  95  95  CYS CYS A . n 
A 1 96  ALA 96  96  96  ALA ALA A . n 
A 1 97  GLY 97  97  97  GLY GLY A . n 
A 1 98  VAL 98  98  98  VAL VAL A . n 
A 1 99  LEU 99  99  99  LEU LEU A . n 
A 1 100 ILE 100 100 100 ILE ILE A . n 
A 1 101 ILE 101 101 101 ILE ILE A . n 
A 1 102 ASN 102 102 102 ASN ASN A . n 
A 1 103 LEU 103 103 103 LEU LEU A . n 
A 1 104 LEU 104 104 104 LEU LEU A . n 
A 1 105 SER 105 105 105 SER SER A . n 
A 1 106 ARG 106 106 106 ARG ARG A . n 
A 1 107 SER 107 107 107 SER SER A . n 
A 1 108 THR 108 108 108 THR THR A . n 
A 1 109 PRO 109 109 109 PRO PRO A . n 
A 1 110 HIS 110 110 110 HIS HIS A . n 
B 1 1   MET 1   1   ?   ?   ?   B . n 
B 1 2   ASN 2   2   ?   ?   ?   B . n 
B 1 3   PRO 3   3   ?   ?   ?   B . n 
B 1 4   TYR 4   4   4   TYR TYR B . n 
B 1 5   ILE 5   5   5   ILE ILE B . n 
B 1 6   TYR 6   6   6   TYR TYR B . n 
B 1 7   LEU 7   7   7   LEU LEU B . n 
B 1 8   GLY 8   8   8   GLY GLY B . n 
B 1 9   GLY 9   9   9   GLY GLY B . n 
B 1 10  ALA 10  10  10  ALA ALA B . n 
B 1 11  ILE 11  11  11  ILE ILE B . n 
B 1 12  LEU 12  12  12  LEU LEU B . n 
B 1 13  ALA 13  13  13  ALA ALA B . n 
B 1 14  GLU 14  14  14  GLU GLU B . n 
B 1 15  VAL 15  15  15  VAL VAL B . n 
B 1 16  ILE 16  16  16  ILE ILE B . n 
B 1 17  GLY 17  17  17  GLY GLY B . n 
B 1 18  THR 18  18  18  THR THR B . n 
B 1 19  THR 19  19  19  THR THR B . n 
B 1 20  LEU 20  20  20  LEU LEU B . n 
B 1 21  MET 21  21  21  MET MET B . n 
B 1 22  LYS 22  22  22  LYS LYS B . n 
B 1 23  PHE 23  23  23  PHE PHE B . n 
B 1 24  SER 24  24  24  SER SER B . n 
B 1 25  GLU 25  25  25  GLU GLU B . n 
B 1 26  GLY 26  26  26  GLY GLY B . n 
B 1 27  PHE 27  27  27  PHE PHE B . n 
B 1 28  THR 28  28  28  THR THR B . n 
B 1 29  ARG 29  29  29  ARG ARG B . n 
B 1 30  LEU 30  30  30  LEU LEU B . n 
B 1 31  TRP 31  31  31  TRP TRP B . n 
B 1 32  PRO 32  32  32  PRO PRO B . n 
B 1 33  SER 33  33  33  SER SER B . n 
B 1 34  VAL 34  34  34  VAL VAL B . n 
B 1 35  GLY 35  35  35  GLY GLY B . n 
B 1 36  THR 36  36  36  THR THR B . n 
B 1 37  ILE 37  37  37  ILE ILE B . n 
B 1 38  ILE 38  38  38  ILE ILE B . n 
B 1 39  CYS 39  39  39  CYS CYS B . n 
B 1 40  TYR 40  40  40  TYR TYR B . n 
B 1 41  CYS 41  41  41  CYS CYS B . n 
B 1 42  ALA 42  42  42  ALA ALA B . n 
B 1 43  SER 43  43  43  SER SER B . n 
B 1 44  PHE 44  44  44  PHE PHE B . n 
B 1 45  TRP 45  45  45  TRP TRP B . n 
B 1 46  LEU 46  46  46  LEU LEU B . n 
B 1 47  LEU 47  47  47  LEU LEU B . n 
B 1 48  ALA 48  48  48  ALA ALA B . n 
B 1 49  GLN 49  49  49  GLN GLN B . n 
B 1 50  THR 50  50  50  THR THR B . n 
B 1 51  LEU 51  51  51  LEU LEU B . n 
B 1 52  ALA 52  52  52  ALA ALA B . n 
B 1 53  TYR 53  53  53  TYR TYR B . n 
B 1 54  ILE 54  54  54  ILE ILE B . n 
B 1 55  PRO 55  55  55  PRO PRO B . n 
B 1 56  THR 56  56  56  THR THR B . n 
B 1 57  GLY 57  57  57  GLY GLY B . n 
B 1 58  ILE 58  58  58  ILE ILE B . n 
B 1 59  ALA 59  59  59  ALA ALA B . n 
B 1 60  TYR 60  60  60  TYR TYR B . n 
B 1 61  ALA 61  61  61  ALA ALA B . n 
B 1 62  ILE 62  62  62  ILE ILE B . n 
B 1 63  TRP 63  63  63  TRP TRP B . n 
B 1 64  SER 64  64  64  SER SER B . n 
B 1 65  GLY 65  65  65  GLY GLY B . n 
B 1 66  VAL 66  66  66  VAL VAL B . n 
B 1 67  GLY 67  67  67  GLY GLY B . n 
B 1 68  ILE 68  68  68  ILE ILE B . n 
B 1 69  VAL 69  69  69  VAL VAL B . n 
B 1 70  LEU 70  70  70  LEU LEU B . n 
B 1 71  ILE 71  71  71  ILE ILE B . n 
B 1 72  SER 72  72  72  SER SER B . n 
B 1 73  LEU 73  73  73  LEU LEU B . n 
B 1 74  LEU 74  74  74  LEU LEU B . n 
B 1 75  SER 75  75  75  SER SER B . n 
B 1 76  TRP 76  76  76  TRP TRP B . n 
B 1 77  GLY 77  77  77  GLY GLY B . n 
B 1 78  PHE 78  78  78  PHE PHE B . n 
B 1 79  PHE 79  79  79  PHE PHE B . n 
B 1 80  GLY 80  80  80  GLY GLY B . n 
B 1 81  GLN 81  81  81  GLN GLN B . n 
B 1 82  ARG 82  82  82  ARG ARG B . n 
B 1 83  LEU 83  83  83  LEU LEU B . n 
B 1 84  ASP 84  84  84  ASP ASP B . n 
B 1 85  LEU 85  85  85  LEU LEU B . n 
B 1 86  PRO 86  86  86  PRO PRO B . n 
B 1 87  ALA 87  87  87  ALA ALA B . n 
B 1 88  ILE 88  88  88  ILE ILE B . n 
B 1 89  ILE 89  89  89  ILE ILE B . n 
B 1 90  GLY 90  90  90  GLY GLY B . n 
B 1 91  MET 91  91  91  MET MET B . n 
B 1 92  MET 92  92  92  MET MET B . n 
B 1 93  LEU 93  93  93  LEU LEU B . n 
B 1 94  ILE 94  94  94  ILE ILE B . n 
B 1 95  CYS 95  95  95  CYS CYS B . n 
B 1 96  ALA 96  96  96  ALA ALA B . n 
B 1 97  GLY 97  97  97  GLY GLY B . n 
B 1 98  VAL 98  98  98  VAL VAL B . n 
B 1 99  LEU 99  99  99  LEU LEU B . n 
B 1 100 ILE 100 100 100 ILE ILE B . n 
B 1 101 ILE 101 101 101 ILE ILE B . n 
B 1 102 ASN 102 102 102 ASN ASN B . n 
B 1 103 LEU 103 103 103 LEU LEU B . n 
B 1 104 LEU 104 104 104 LEU LEU B . n 
B 1 105 SER 105 105 105 SER SER B . n 
B 1 106 ARG 106 106 106 ARG ARG B . n 
B 1 107 SER 107 107 107 SER SER B . n 
B 1 108 THR 108 108 108 THR THR B . n 
B 1 109 PRO 109 109 109 PRO PRO B . n 
B 1 110 HIS 110 110 110 HIS HIS B . n 
C 1 1   MET 1   1   ?   ?   ?   C . n 
C 1 2   ASN 2   2   ?   ?   ?   C . n 
C 1 3   PRO 3   3   ?   ?   ?   C . n 
C 1 4   TYR 4   4   4   TYR TYR C . n 
C 1 5   ILE 5   5   5   ILE ILE C . n 
C 1 6   TYR 6   6   6   TYR TYR C . n 
C 1 7   LEU 7   7   7   LEU LEU C . n 
C 1 8   GLY 8   8   8   GLY GLY C . n 
C 1 9   GLY 9   9   9   GLY GLY C . n 
C 1 10  ALA 10  10  10  ALA ALA C . n 
C 1 11  ILE 11  11  11  ILE ILE C . n 
C 1 12  LEU 12  12  12  LEU LEU C . n 
C 1 13  ALA 13  13  13  ALA ALA C . n 
C 1 14  GLU 14  14  14  GLU GLU C . n 
C 1 15  VAL 15  15  15  VAL VAL C . n 
C 1 16  ILE 16  16  16  ILE ILE C . n 
C 1 17  GLY 17  17  17  GLY GLY C . n 
C 1 18  THR 18  18  18  THR THR C . n 
C 1 19  THR 19  19  19  THR THR C . n 
C 1 20  LEU 20  20  20  LEU LEU C . n 
C 1 21  MET 21  21  21  MET MET C . n 
C 1 22  LYS 22  22  22  LYS LYS C . n 
C 1 23  PHE 23  23  23  PHE PHE C . n 
C 1 24  SER 24  24  24  SER SER C . n 
C 1 25  GLU 25  25  25  GLU GLU C . n 
C 1 26  GLY 26  26  26  GLY GLY C . n 
C 1 27  PHE 27  27  27  PHE PHE C . n 
C 1 28  THR 28  28  28  THR THR C . n 
C 1 29  ARG 29  29  29  ARG ARG C . n 
C 1 30  LEU 30  30  30  LEU LEU C . n 
C 1 31  TRP 31  31  31  TRP TRP C . n 
C 1 32  PRO 32  32  32  PRO PRO C . n 
C 1 33  SER 33  33  33  SER SER C . n 
C 1 34  VAL 34  34  34  VAL VAL C . n 
C 1 35  GLY 35  35  35  GLY GLY C . n 
C 1 36  THR 36  36  36  THR THR C . n 
C 1 37  ILE 37  37  37  ILE ILE C . n 
C 1 38  ILE 38  38  38  ILE ILE C . n 
C 1 39  CYS 39  39  39  CYS CYS C . n 
C 1 40  TYR 40  40  40  TYR TYR C . n 
C 1 41  CYS 41  41  41  CYS CYS C . n 
C 1 42  ALA 42  42  42  ALA ALA C . n 
C 1 43  SER 43  43  43  SER SER C . n 
C 1 44  PHE 44  44  44  PHE PHE C . n 
C 1 45  TRP 45  45  45  TRP TRP C . n 
C 1 46  LEU 46  46  46  LEU LEU C . n 
C 1 47  LEU 47  47  47  LEU LEU C . n 
C 1 48  ALA 48  48  48  ALA ALA C . n 
C 1 49  GLN 49  49  49  GLN GLN C . n 
C 1 50  THR 50  50  50  THR THR C . n 
C 1 51  LEU 51  51  51  LEU LEU C . n 
C 1 52  ALA 52  52  52  ALA ALA C . n 
C 1 53  TYR 53  53  53  TYR TYR C . n 
C 1 54  ILE 54  54  54  ILE ILE C . n 
C 1 55  PRO 55  55  55  PRO PRO C . n 
C 1 56  THR 56  56  56  THR THR C . n 
C 1 57  GLY 57  57  57  GLY GLY C . n 
C 1 58  ILE 58  58  58  ILE ILE C . n 
C 1 59  ALA 59  59  59  ALA ALA C . n 
C 1 60  TYR 60  60  60  TYR TYR C . n 
C 1 61  ALA 61  61  61  ALA ALA C . n 
C 1 62  ILE 62  62  62  ILE ILE C . n 
C 1 63  TRP 63  63  63  TRP TRP C . n 
C 1 64  SER 64  64  64  SER SER C . n 
C 1 65  GLY 65  65  65  GLY GLY C . n 
C 1 66  VAL 66  66  66  VAL VAL C . n 
C 1 67  GLY 67  67  67  GLY GLY C . n 
C 1 68  ILE 68  68  68  ILE ILE C . n 
C 1 69  VAL 69  69  69  VAL VAL C . n 
C 1 70  LEU 70  70  70  LEU LEU C . n 
C 1 71  ILE 71  71  71  ILE ILE C . n 
C 1 72  SER 72  72  72  SER SER C . n 
C 1 73  LEU 73  73  73  LEU LEU C . n 
C 1 74  LEU 74  74  74  LEU LEU C . n 
C 1 75  SER 75  75  75  SER SER C . n 
C 1 76  TRP 76  76  76  TRP TRP C . n 
C 1 77  GLY 77  77  77  GLY GLY C . n 
C 1 78  PHE 78  78  78  PHE PHE C . n 
C 1 79  PHE 79  79  79  PHE PHE C . n 
C 1 80  GLY 80  80  80  GLY GLY C . n 
C 1 81  GLN 81  81  81  GLN GLN C . n 
C 1 82  ARG 82  82  82  ARG ARG C . n 
C 1 83  LEU 83  83  83  LEU LEU C . n 
C 1 84  ASP 84  84  84  ASP ASP C . n 
C 1 85  LEU 85  85  85  LEU LEU C . n 
C 1 86  PRO 86  86  86  PRO PRO C . n 
C 1 87  ALA 87  87  87  ALA ALA C . n 
C 1 88  ILE 88  88  88  ILE ILE C . n 
C 1 89  ILE 89  89  89  ILE ILE C . n 
C 1 90  GLY 90  90  90  GLY GLY C . n 
C 1 91  MET 91  91  91  MET MET C . n 
C 1 92  MET 92  92  92  MET MET C . n 
C 1 93  LEU 93  93  93  LEU LEU C . n 
C 1 94  ILE 94  94  94  ILE ILE C . n 
C 1 95  CYS 95  95  95  CYS CYS C . n 
C 1 96  ALA 96  96  96  ALA ALA C . n 
C 1 97  GLY 97  97  97  GLY GLY C . n 
C 1 98  VAL 98  98  98  VAL VAL C . n 
C 1 99  LEU 99  99  99  LEU LEU C . n 
C 1 100 ILE 100 100 100 ILE ILE C . n 
C 1 101 ILE 101 101 101 ILE ILE C . n 
C 1 102 ASN 102 102 102 ASN ASN C . n 
C 1 103 LEU 103 103 103 LEU LEU C . n 
C 1 104 LEU 104 104 104 LEU LEU C . n 
C 1 105 SER 105 105 105 SER SER C . n 
C 1 106 ARG 106 106 106 ARG ARG C . n 
C 1 107 SER 107 107 107 SER SER C . n 
C 1 108 THR 108 108 108 THR THR C . n 
C 1 109 PRO 109 109 109 PRO PRO C . n 
C 1 110 HIS 110 110 110 HIS HIS C . n 
D 1 1   MET 1   1   ?   ?   ?   D . n 
D 1 2   ASN 2   2   ?   ?   ?   D . n 
D 1 3   PRO 3   3   ?   ?   ?   D . n 
D 1 4   TYR 4   4   4   TYR TYR D . n 
D 1 5   ILE 5   5   5   ILE ILE D . n 
D 1 6   TYR 6   6   6   TYR TYR D . n 
D 1 7   LEU 7   7   7   LEU LEU D . n 
D 1 8   GLY 8   8   8   GLY GLY D . n 
D 1 9   GLY 9   9   9   GLY GLY D . n 
D 1 10  ALA 10  10  10  ALA ALA D . n 
D 1 11  ILE 11  11  11  ILE ILE D . n 
D 1 12  LEU 12  12  12  LEU LEU D . n 
D 1 13  ALA 13  13  13  ALA ALA D . n 
D 1 14  GLU 14  14  14  GLU GLU D . n 
D 1 15  VAL 15  15  15  VAL VAL D . n 
D 1 16  ILE 16  16  16  ILE ILE D . n 
D 1 17  GLY 17  17  17  GLY GLY D . n 
D 1 18  THR 18  18  18  THR THR D . n 
D 1 19  THR 19  19  19  THR THR D . n 
D 1 20  LEU 20  20  20  LEU LEU D . n 
D 1 21  MET 21  21  21  MET MET D . n 
D 1 22  LYS 22  22  22  LYS LYS D . n 
D 1 23  PHE 23  23  23  PHE PHE D . n 
D 1 24  SER 24  24  24  SER SER D . n 
D 1 25  GLU 25  25  25  GLU GLU D . n 
D 1 26  GLY 26  26  26  GLY GLY D . n 
D 1 27  PHE 27  27  27  PHE PHE D . n 
D 1 28  THR 28  28  28  THR THR D . n 
D 1 29  ARG 29  29  29  ARG ARG D . n 
D 1 30  LEU 30  30  30  LEU LEU D . n 
D 1 31  TRP 31  31  31  TRP TRP D . n 
D 1 32  PRO 32  32  32  PRO PRO D . n 
D 1 33  SER 33  33  33  SER SER D . n 
D 1 34  VAL 34  34  34  VAL VAL D . n 
D 1 35  GLY 35  35  35  GLY GLY D . n 
D 1 36  THR 36  36  36  THR THR D . n 
D 1 37  ILE 37  37  37  ILE ILE D . n 
D 1 38  ILE 38  38  38  ILE ILE D . n 
D 1 39  CYS 39  39  39  CYS CYS D . n 
D 1 40  TYR 40  40  40  TYR TYR D . n 
D 1 41  CYS 41  41  41  CYS CYS D . n 
D 1 42  ALA 42  42  42  ALA ALA D . n 
D 1 43  SER 43  43  43  SER SER D . n 
D 1 44  PHE 44  44  44  PHE PHE D . n 
D 1 45  TRP 45  45  45  TRP TRP D . n 
D 1 46  LEU 46  46  46  LEU LEU D . n 
D 1 47  LEU 47  47  47  LEU LEU D . n 
D 1 48  ALA 48  48  48  ALA ALA D . n 
D 1 49  GLN 49  49  49  GLN GLN D . n 
D 1 50  THR 50  50  50  THR THR D . n 
D 1 51  LEU 51  51  51  LEU LEU D . n 
D 1 52  ALA 52  52  52  ALA ALA D . n 
D 1 53  TYR 53  53  53  TYR TYR D . n 
D 1 54  ILE 54  54  54  ILE ILE D . n 
D 1 55  PRO 55  55  55  PRO PRO D . n 
D 1 56  THR 56  56  56  THR THR D . n 
D 1 57  GLY 57  57  57  GLY GLY D . n 
D 1 58  ILE 58  58  58  ILE ILE D . n 
D 1 59  ALA 59  59  59  ALA ALA D . n 
D 1 60  TYR 60  60  60  TYR TYR D . n 
D 1 61  ALA 61  61  61  ALA ALA D . n 
D 1 62  ILE 62  62  62  ILE ILE D . n 
D 1 63  TRP 63  63  63  TRP TRP D . n 
D 1 64  SER 64  64  64  SER SER D . n 
D 1 65  GLY 65  65  65  GLY GLY D . n 
D 1 66  VAL 66  66  66  VAL VAL D . n 
D 1 67  GLY 67  67  67  GLY GLY D . n 
D 1 68  ILE 68  68  68  ILE ILE D . n 
D 1 69  VAL 69  69  69  VAL VAL D . n 
D 1 70  LEU 70  70  70  LEU LEU D . n 
D 1 71  ILE 71  71  71  ILE ILE D . n 
D 1 72  SER 72  72  72  SER SER D . n 
D 1 73  LEU 73  73  73  LEU LEU D . n 
D 1 74  LEU 74  74  74  LEU LEU D . n 
D 1 75  SER 75  75  75  SER SER D . n 
D 1 76  TRP 76  76  76  TRP TRP D . n 
D 1 77  GLY 77  77  77  GLY GLY D . n 
D 1 78  PHE 78  78  78  PHE PHE D . n 
D 1 79  PHE 79  79  79  PHE PHE D . n 
D 1 80  GLY 80  80  80  GLY GLY D . n 
D 1 81  GLN 81  81  81  GLN GLN D . n 
D 1 82  ARG 82  82  82  ARG ARG D . n 
D 1 83  LEU 83  83  83  LEU LEU D . n 
D 1 84  ASP 84  84  84  ASP ASP D . n 
D 1 85  LEU 85  85  85  LEU LEU D . n 
D 1 86  PRO 86  86  86  PRO PRO D . n 
D 1 87  ALA 87  87  87  ALA ALA D . n 
D 1 88  ILE 88  88  88  ILE ILE D . n 
D 1 89  ILE 89  89  89  ILE ILE D . n 
D 1 90  GLY 90  90  90  GLY GLY D . n 
D 1 91  MET 91  91  91  MET MET D . n 
D 1 92  MET 92  92  92  MET MET D . n 
D 1 93  LEU 93  93  93  LEU LEU D . n 
D 1 94  ILE 94  94  94  ILE ILE D . n 
D 1 95  CYS 95  95  95  CYS CYS D . n 
D 1 96  ALA 96  96  96  ALA ALA D . n 
D 1 97  GLY 97  97  97  GLY GLY D . n 
D 1 98  VAL 98  98  98  VAL VAL D . n 
D 1 99  LEU 99  99  99  LEU LEU D . n 
D 1 100 ILE 100 100 100 ILE ILE D . n 
D 1 101 ILE 101 101 101 ILE ILE D . n 
D 1 102 ASN 102 102 102 ASN ASN D . n 
D 1 103 LEU 103 103 103 LEU LEU D . n 
D 1 104 LEU 104 104 104 LEU LEU D . n 
D 1 105 SER 105 105 105 SER SER D . n 
D 1 106 ARG 106 106 106 ARG ARG D . n 
D 1 107 SER 107 107 107 SER SER D . n 
D 1 108 THR 108 108 108 THR THR D . n 
D 1 109 PRO 109 109 109 PRO PRO D . n 
D 1 110 HIS 110 110 110 HIS HIS D . n 
E 1 1   MET 1   1   ?   ?   ?   E . n 
E 1 2   ASN 2   2   ?   ?   ?   E . n 
E 1 3   PRO 3   3   ?   ?   ?   E . n 
E 1 4   TYR 4   4   4   TYR TYR E . n 
E 1 5   ILE 5   5   5   ILE ILE E . n 
E 1 6   TYR 6   6   6   TYR TYR E . n 
E 1 7   LEU 7   7   7   LEU LEU E . n 
E 1 8   GLY 8   8   8   GLY GLY E . n 
E 1 9   GLY 9   9   9   GLY GLY E . n 
E 1 10  ALA 10  10  10  ALA ALA E . n 
E 1 11  ILE 11  11  11  ILE ILE E . n 
E 1 12  LEU 12  12  12  LEU LEU E . n 
E 1 13  ALA 13  13  13  ALA ALA E . n 
E 1 14  GLU 14  14  14  GLU GLU E . n 
E 1 15  VAL 15  15  15  VAL VAL E . n 
E 1 16  ILE 16  16  16  ILE ILE E . n 
E 1 17  GLY 17  17  17  GLY GLY E . n 
E 1 18  THR 18  18  18  THR THR E . n 
E 1 19  THR 19  19  19  THR THR E . n 
E 1 20  LEU 20  20  20  LEU LEU E . n 
E 1 21  MET 21  21  21  MET MET E . n 
E 1 22  LYS 22  22  22  LYS LYS E . n 
E 1 23  PHE 23  23  23  PHE PHE E . n 
E 1 24  SER 24  24  24  SER SER E . n 
E 1 25  GLU 25  25  25  GLU GLU E . n 
E 1 26  GLY 26  26  26  GLY GLY E . n 
E 1 27  PHE 27  27  27  PHE PHE E . n 
E 1 28  THR 28  28  28  THR THR E . n 
E 1 29  ARG 29  29  29  ARG ARG E . n 
E 1 30  LEU 30  30  30  LEU LEU E . n 
E 1 31  TRP 31  31  31  TRP TRP E . n 
E 1 32  PRO 32  32  32  PRO PRO E . n 
E 1 33  SER 33  33  33  SER SER E . n 
E 1 34  VAL 34  34  34  VAL VAL E . n 
E 1 35  GLY 35  35  35  GLY GLY E . n 
E 1 36  THR 36  36  36  THR THR E . n 
E 1 37  ILE 37  37  37  ILE ILE E . n 
E 1 38  ILE 38  38  38  ILE ILE E . n 
E 1 39  CYS 39  39  39  CYS CYS E . n 
E 1 40  TYR 40  40  40  TYR TYR E . n 
E 1 41  CYS 41  41  41  CYS CYS E . n 
E 1 42  ALA 42  42  42  ALA ALA E . n 
E 1 43  SER 43  43  43  SER SER E . n 
E 1 44  PHE 44  44  44  PHE PHE E . n 
E 1 45  TRP 45  45  45  TRP TRP E . n 
E 1 46  LEU 46  46  46  LEU LEU E . n 
E 1 47  LEU 47  47  47  LEU LEU E . n 
E 1 48  ALA 48  48  48  ALA ALA E . n 
E 1 49  GLN 49  49  49  GLN GLN E . n 
E 1 50  THR 50  50  50  THR THR E . n 
E 1 51  LEU 51  51  51  LEU LEU E . n 
E 1 52  ALA 52  52  52  ALA ALA E . n 
E 1 53  TYR 53  53  53  TYR TYR E . n 
E 1 54  ILE 54  54  54  ILE ILE E . n 
E 1 55  PRO 55  55  55  PRO PRO E . n 
E 1 56  THR 56  56  56  THR THR E . n 
E 1 57  GLY 57  57  57  GLY GLY E . n 
E 1 58  ILE 58  58  58  ILE ILE E . n 
E 1 59  ALA 59  59  59  ALA ALA E . n 
E 1 60  TYR 60  60  60  TYR TYR E . n 
E 1 61  ALA 61  61  61  ALA ALA E . n 
E 1 62  ILE 62  62  62  ILE ILE E . n 
E 1 63  TRP 63  63  63  TRP TRP E . n 
E 1 64  SER 64  64  64  SER SER E . n 
E 1 65  GLY 65  65  65  GLY GLY E . n 
E 1 66  VAL 66  66  66  VAL VAL E . n 
E 1 67  GLY 67  67  67  GLY GLY E . n 
E 1 68  ILE 68  68  68  ILE ILE E . n 
E 1 69  VAL 69  69  69  VAL VAL E . n 
E 1 70  LEU 70  70  70  LEU LEU E . n 
E 1 71  ILE 71  71  71  ILE ILE E . n 
E 1 72  SER 72  72  72  SER SER E . n 
E 1 73  LEU 73  73  73  LEU LEU E . n 
E 1 74  LEU 74  74  74  LEU LEU E . n 
E 1 75  SER 75  75  75  SER SER E . n 
E 1 76  TRP 76  76  76  TRP TRP E . n 
E 1 77  GLY 77  77  77  GLY GLY E . n 
E 1 78  PHE 78  78  78  PHE PHE E . n 
E 1 79  PHE 79  79  79  PHE PHE E . n 
E 1 80  GLY 80  80  80  GLY GLY E . n 
E 1 81  GLN 81  81  81  GLN GLN E . n 
E 1 82  ARG 82  82  82  ARG ARG E . n 
E 1 83  LEU 83  83  83  LEU LEU E . n 
E 1 84  ASP 84  84  84  ASP ASP E . n 
E 1 85  LEU 85  85  85  LEU LEU E . n 
E 1 86  PRO 86  86  86  PRO PRO E . n 
E 1 87  ALA 87  87  87  ALA ALA E . n 
E 1 88  ILE 88  88  88  ILE ILE E . n 
E 1 89  ILE 89  89  89  ILE ILE E . n 
E 1 90  GLY 90  90  90  GLY GLY E . n 
E 1 91  MET 91  91  91  MET MET E . n 
E 1 92  MET 92  92  92  MET MET E . n 
E 1 93  LEU 93  93  93  LEU LEU E . n 
E 1 94  ILE 94  94  94  ILE ILE E . n 
E 1 95  CYS 95  95  95  CYS CYS E . n 
E 1 96  ALA 96  96  96  ALA ALA E . n 
E 1 97  GLY 97  97  97  GLY GLY E . n 
E 1 98  VAL 98  98  98  VAL VAL E . n 
E 1 99  LEU 99  99  99  LEU LEU E . n 
E 1 100 ILE 100 100 100 ILE ILE E . n 
E 1 101 ILE 101 101 101 ILE ILE E . n 
E 1 102 ASN 102 102 102 ASN ASN E . n 
E 1 103 LEU 103 103 103 LEU LEU E . n 
E 1 104 LEU 104 104 104 LEU LEU E . n 
E 1 105 SER 105 105 105 SER SER E . n 
E 1 106 ARG 106 106 106 ARG ARG E . n 
E 1 107 SER 107 107 107 SER SER E . n 
E 1 108 THR 108 108 108 THR THR E . n 
E 1 109 PRO 109 109 109 PRO PRO E . n 
E 1 110 HIS 110 110 110 HIS HIS E . n 
F 1 1   MET 1   1   ?   ?   ?   F . n 
F 1 2   ASN 2   2   ?   ?   ?   F . n 
F 1 3   PRO 3   3   ?   ?   ?   F . n 
F 1 4   TYR 4   4   4   TYR TYR F . n 
F 1 5   ILE 5   5   5   ILE ILE F . n 
F 1 6   TYR 6   6   6   TYR TYR F . n 
F 1 7   LEU 7   7   7   LEU LEU F . n 
F 1 8   GLY 8   8   8   GLY GLY F . n 
F 1 9   GLY 9   9   9   GLY GLY F . n 
F 1 10  ALA 10  10  10  ALA ALA F . n 
F 1 11  ILE 11  11  11  ILE ILE F . n 
F 1 12  LEU 12  12  12  LEU LEU F . n 
F 1 13  ALA 13  13  13  ALA ALA F . n 
F 1 14  GLU 14  14  14  GLU GLU F . n 
F 1 15  VAL 15  15  15  VAL VAL F . n 
F 1 16  ILE 16  16  16  ILE ILE F . n 
F 1 17  GLY 17  17  17  GLY GLY F . n 
F 1 18  THR 18  18  18  THR THR F . n 
F 1 19  THR 19  19  19  THR THR F . n 
F 1 20  LEU 20  20  20  LEU LEU F . n 
F 1 21  MET 21  21  21  MET MET F . n 
F 1 22  LYS 22  22  22  LYS LYS F . n 
F 1 23  PHE 23  23  23  PHE PHE F . n 
F 1 24  SER 24  24  24  SER SER F . n 
F 1 25  GLU 25  25  25  GLU GLU F . n 
F 1 26  GLY 26  26  26  GLY GLY F . n 
F 1 27  PHE 27  27  27  PHE PHE F . n 
F 1 28  THR 28  28  28  THR THR F . n 
F 1 29  ARG 29  29  29  ARG ARG F . n 
F 1 30  LEU 30  30  30  LEU LEU F . n 
F 1 31  TRP 31  31  31  TRP TRP F . n 
F 1 32  PRO 32  32  32  PRO PRO F . n 
F 1 33  SER 33  33  33  SER SER F . n 
F 1 34  VAL 34  34  34  VAL VAL F . n 
F 1 35  GLY 35  35  35  GLY GLY F . n 
F 1 36  THR 36  36  36  THR THR F . n 
F 1 37  ILE 37  37  37  ILE ILE F . n 
F 1 38  ILE 38  38  38  ILE ILE F . n 
F 1 39  CYS 39  39  39  CYS CYS F . n 
F 1 40  TYR 40  40  40  TYR TYR F . n 
F 1 41  CYS 41  41  41  CYS CYS F . n 
F 1 42  ALA 42  42  42  ALA ALA F . n 
F 1 43  SER 43  43  43  SER SER F . n 
F 1 44  PHE 44  44  44  PHE PHE F . n 
F 1 45  TRP 45  45  45  TRP TRP F . n 
F 1 46  LEU 46  46  46  LEU LEU F . n 
F 1 47  LEU 47  47  47  LEU LEU F . n 
F 1 48  ALA 48  48  48  ALA ALA F . n 
F 1 49  GLN 49  49  49  GLN GLN F . n 
F 1 50  THR 50  50  50  THR THR F . n 
F 1 51  LEU 51  51  51  LEU LEU F . n 
F 1 52  ALA 52  52  52  ALA ALA F . n 
F 1 53  TYR 53  53  53  TYR TYR F . n 
F 1 54  ILE 54  54  54  ILE ILE F . n 
F 1 55  PRO 55  55  55  PRO PRO F . n 
F 1 56  THR 56  56  56  THR THR F . n 
F 1 57  GLY 57  57  57  GLY GLY F . n 
F 1 58  ILE 58  58  58  ILE ILE F . n 
F 1 59  ALA 59  59  59  ALA ALA F . n 
F 1 60  TYR 60  60  60  TYR TYR F . n 
F 1 61  ALA 61  61  61  ALA ALA F . n 
F 1 62  ILE 62  62  62  ILE ILE F . n 
F 1 63  TRP 63  63  63  TRP TRP F . n 
F 1 64  SER 64  64  64  SER SER F . n 
F 1 65  GLY 65  65  65  GLY GLY F . n 
F 1 66  VAL 66  66  66  VAL VAL F . n 
F 1 67  GLY 67  67  67  GLY GLY F . n 
F 1 68  ILE 68  68  68  ILE ILE F . n 
F 1 69  VAL 69  69  69  VAL VAL F . n 
F 1 70  LEU 70  70  70  LEU LEU F . n 
F 1 71  ILE 71  71  71  ILE ILE F . n 
F 1 72  SER 72  72  72  SER SER F . n 
F 1 73  LEU 73  73  73  LEU LEU F . n 
F 1 74  LEU 74  74  74  LEU LEU F . n 
F 1 75  SER 75  75  75  SER SER F . n 
F 1 76  TRP 76  76  76  TRP TRP F . n 
F 1 77  GLY 77  77  77  GLY GLY F . n 
F 1 78  PHE 78  78  78  PHE PHE F . n 
F 1 79  PHE 79  79  79  PHE PHE F . n 
F 1 80  GLY 80  80  80  GLY GLY F . n 
F 1 81  GLN 81  81  81  GLN GLN F . n 
F 1 82  ARG 82  82  82  ARG ARG F . n 
F 1 83  LEU 83  83  83  LEU LEU F . n 
F 1 84  ASP 84  84  84  ASP ASP F . n 
F 1 85  LEU 85  85  85  LEU LEU F . n 
F 1 86  PRO 86  86  86  PRO PRO F . n 
F 1 87  ALA 87  87  87  ALA ALA F . n 
F 1 88  ILE 88  88  88  ILE ILE F . n 
F 1 89  ILE 89  89  89  ILE ILE F . n 
F 1 90  GLY 90  90  90  GLY GLY F . n 
F 1 91  MET 91  91  91  MET MET F . n 
F 1 92  MET 92  92  92  MET MET F . n 
F 1 93  LEU 93  93  93  LEU LEU F . n 
F 1 94  ILE 94  94  94  ILE ILE F . n 
F 1 95  CYS 95  95  95  CYS CYS F . n 
F 1 96  ALA 96  96  96  ALA ALA F . n 
F 1 97  GLY 97  97  97  GLY GLY F . n 
F 1 98  VAL 98  98  98  VAL VAL F . n 
F 1 99  LEU 99  99  99  LEU LEU F . n 
F 1 100 ILE 100 100 100 ILE ILE F . n 
F 1 101 ILE 101 101 101 ILE ILE F . n 
F 1 102 ASN 102 102 102 ASN ASN F . n 
F 1 103 LEU 103 103 103 LEU LEU F . n 
F 1 104 LEU 104 104 104 LEU LEU F . n 
F 1 105 SER 105 105 105 SER SER F . n 
F 1 106 ARG 106 106 106 ARG ARG F . n 
F 1 107 SER 107 107 107 SER SER F . n 
F 1 108 THR 108 108 108 THR THR F . n 
F 1 109 PRO 109 109 109 PRO PRO F . n 
F 1 110 HIS 110 110 110 HIS HIS F . n 
G 1 1   MET 1   1   ?   ?   ?   G . n 
G 1 2   ASN 2   2   ?   ?   ?   G . n 
G 1 3   PRO 3   3   ?   ?   ?   G . n 
G 1 4   TYR 4   4   4   TYR TYR G . n 
G 1 5   ILE 5   5   5   ILE ILE G . n 
G 1 6   TYR 6   6   6   TYR TYR G . n 
G 1 7   LEU 7   7   7   LEU LEU G . n 
G 1 8   GLY 8   8   8   GLY GLY G . n 
G 1 9   GLY 9   9   9   GLY GLY G . n 
G 1 10  ALA 10  10  10  ALA ALA G . n 
G 1 11  ILE 11  11  11  ILE ILE G . n 
G 1 12  LEU 12  12  12  LEU LEU G . n 
G 1 13  ALA 13  13  13  ALA ALA G . n 
G 1 14  GLU 14  14  14  GLU GLU G . n 
G 1 15  VAL 15  15  15  VAL VAL G . n 
G 1 16  ILE 16  16  16  ILE ILE G . n 
G 1 17  GLY 17  17  17  GLY GLY G . n 
G 1 18  THR 18  18  18  THR THR G . n 
G 1 19  THR 19  19  19  THR THR G . n 
G 1 20  LEU 20  20  20  LEU LEU G . n 
G 1 21  MET 21  21  21  MET MET G . n 
G 1 22  LYS 22  22  22  LYS LYS G . n 
G 1 23  PHE 23  23  23  PHE PHE G . n 
G 1 24  SER 24  24  24  SER SER G . n 
G 1 25  GLU 25  25  25  GLU GLU G . n 
G 1 26  GLY 26  26  26  GLY GLY G . n 
G 1 27  PHE 27  27  27  PHE PHE G . n 
G 1 28  THR 28  28  28  THR THR G . n 
G 1 29  ARG 29  29  29  ARG ARG G . n 
G 1 30  LEU 30  30  30  LEU LEU G . n 
G 1 31  TRP 31  31  31  TRP TRP G . n 
G 1 32  PRO 32  32  32  PRO PRO G . n 
G 1 33  SER 33  33  33  SER SER G . n 
G 1 34  VAL 34  34  34  VAL VAL G . n 
G 1 35  GLY 35  35  35  GLY GLY G . n 
G 1 36  THR 36  36  36  THR THR G . n 
G 1 37  ILE 37  37  37  ILE ILE G . n 
G 1 38  ILE 38  38  38  ILE ILE G . n 
G 1 39  CYS 39  39  39  CYS CYS G . n 
G 1 40  TYR 40  40  40  TYR TYR G . n 
G 1 41  CYS 41  41  41  CYS CYS G . n 
G 1 42  ALA 42  42  42  ALA ALA G . n 
G 1 43  SER 43  43  43  SER SER G . n 
G 1 44  PHE 44  44  44  PHE PHE G . n 
G 1 45  TRP 45  45  45  TRP TRP G . n 
G 1 46  LEU 46  46  46  LEU LEU G . n 
G 1 47  LEU 47  47  47  LEU LEU G . n 
G 1 48  ALA 48  48  48  ALA ALA G . n 
G 1 49  GLN 49  49  49  GLN GLN G . n 
G 1 50  THR 50  50  50  THR THR G . n 
G 1 51  LEU 51  51  51  LEU LEU G . n 
G 1 52  ALA 52  52  52  ALA ALA G . n 
G 1 53  TYR 53  53  53  TYR TYR G . n 
G 1 54  ILE 54  54  54  ILE ILE G . n 
G 1 55  PRO 55  55  55  PRO PRO G . n 
G 1 56  THR 56  56  56  THR THR G . n 
G 1 57  GLY 57  57  57  GLY GLY G . n 
G 1 58  ILE 58  58  58  ILE ILE G . n 
G 1 59  ALA 59  59  59  ALA ALA G . n 
G 1 60  TYR 60  60  60  TYR TYR G . n 
G 1 61  ALA 61  61  61  ALA ALA G . n 
G 1 62  ILE 62  62  62  ILE ILE G . n 
G 1 63  TRP 63  63  63  TRP TRP G . n 
G 1 64  SER 64  64  64  SER SER G . n 
G 1 65  GLY 65  65  65  GLY GLY G . n 
G 1 66  VAL 66  66  66  VAL VAL G . n 
G 1 67  GLY 67  67  67  GLY GLY G . n 
G 1 68  ILE 68  68  68  ILE ILE G . n 
G 1 69  VAL 69  69  69  VAL VAL G . n 
G 1 70  LEU 70  70  70  LEU LEU G . n 
G 1 71  ILE 71  71  71  ILE ILE G . n 
G 1 72  SER 72  72  72  SER SER G . n 
G 1 73  LEU 73  73  73  LEU LEU G . n 
G 1 74  LEU 74  74  74  LEU LEU G . n 
G 1 75  SER 75  75  75  SER SER G . n 
G 1 76  TRP 76  76  76  TRP TRP G . n 
G 1 77  GLY 77  77  77  GLY GLY G . n 
G 1 78  PHE 78  78  78  PHE PHE G . n 
G 1 79  PHE 79  79  79  PHE PHE G . n 
G 1 80  GLY 80  80  80  GLY GLY G . n 
G 1 81  GLN 81  81  81  GLN GLN G . n 
G 1 82  ARG 82  82  82  ARG ARG G . n 
G 1 83  LEU 83  83  83  LEU LEU G . n 
G 1 84  ASP 84  84  84  ASP ASP G . n 
G 1 85  LEU 85  85  85  LEU LEU G . n 
G 1 86  PRO 86  86  86  PRO PRO G . n 
G 1 87  ALA 87  87  87  ALA ALA G . n 
G 1 88  ILE 88  88  88  ILE ILE G . n 
G 1 89  ILE 89  89  89  ILE ILE G . n 
G 1 90  GLY 90  90  90  GLY GLY G . n 
G 1 91  MET 91  91  91  MET MET G . n 
G 1 92  MET 92  92  92  MET MET G . n 
G 1 93  LEU 93  93  93  LEU LEU G . n 
G 1 94  ILE 94  94  94  ILE ILE G . n 
G 1 95  CYS 95  95  95  CYS CYS G . n 
G 1 96  ALA 96  96  96  ALA ALA G . n 
G 1 97  GLY 97  97  97  GLY GLY G . n 
G 1 98  VAL 98  98  98  VAL VAL G . n 
G 1 99  LEU 99  99  99  LEU LEU G . n 
G 1 100 ILE 100 100 100 ILE ILE G . n 
G 1 101 ILE 101 101 101 ILE ILE G . n 
G 1 102 ASN 102 102 102 ASN ASN G . n 
G 1 103 LEU 103 103 103 LEU LEU G . n 
G 1 104 LEU 104 104 104 LEU LEU G . n 
G 1 105 SER 105 105 105 SER SER G . n 
G 1 106 ARG 106 106 106 ARG ARG G . n 
G 1 107 SER 107 107 107 SER SER G . n 
G 1 108 THR 108 108 108 THR THR G . n 
G 1 109 PRO 109 109 109 PRO PRO G . n 
G 1 110 HIS 110 110 110 HIS HIS G . n 
H 1 1   MET 1   1   ?   ?   ?   H . n 
H 1 2   ASN 2   2   ?   ?   ?   H . n 
H 1 3   PRO 3   3   ?   ?   ?   H . n 
H 1 4   TYR 4   4   4   TYR TYR H . n 
H 1 5   ILE 5   5   5   ILE ILE H . n 
H 1 6   TYR 6   6   6   TYR TYR H . n 
H 1 7   LEU 7   7   7   LEU LEU H . n 
H 1 8   GLY 8   8   8   GLY GLY H . n 
H 1 9   GLY 9   9   9   GLY GLY H . n 
H 1 10  ALA 10  10  10  ALA ALA H . n 
H 1 11  ILE 11  11  11  ILE ILE H . n 
H 1 12  LEU 12  12  12  LEU LEU H . n 
H 1 13  ALA 13  13  13  ALA ALA H . n 
H 1 14  GLU 14  14  14  GLU GLU H . n 
H 1 15  VAL 15  15  15  VAL VAL H . n 
H 1 16  ILE 16  16  16  ILE ILE H . n 
H 1 17  GLY 17  17  17  GLY GLY H . n 
H 1 18  THR 18  18  18  THR THR H . n 
H 1 19  THR 19  19  19  THR THR H . n 
H 1 20  LEU 20  20  20  LEU LEU H . n 
H 1 21  MET 21  21  21  MET MET H . n 
H 1 22  LYS 22  22  22  LYS LYS H . n 
H 1 23  PHE 23  23  23  PHE PHE H . n 
H 1 24  SER 24  24  24  SER SER H . n 
H 1 25  GLU 25  25  25  GLU GLU H . n 
H 1 26  GLY 26  26  26  GLY GLY H . n 
H 1 27  PHE 27  27  27  PHE PHE H . n 
H 1 28  THR 28  28  28  THR THR H . n 
H 1 29  ARG 29  29  29  ARG ARG H . n 
H 1 30  LEU 30  30  30  LEU LEU H . n 
H 1 31  TRP 31  31  31  TRP TRP H . n 
H 1 32  PRO 32  32  32  PRO PRO H . n 
H 1 33  SER 33  33  33  SER SER H . n 
H 1 34  VAL 34  34  34  VAL VAL H . n 
H 1 35  GLY 35  35  35  GLY GLY H . n 
H 1 36  THR 36  36  36  THR THR H . n 
H 1 37  ILE 37  37  37  ILE ILE H . n 
H 1 38  ILE 38  38  38  ILE ILE H . n 
H 1 39  CYS 39  39  39  CYS CYS H . n 
H 1 40  TYR 40  40  40  TYR TYR H . n 
H 1 41  CYS 41  41  41  CYS CYS H . n 
H 1 42  ALA 42  42  42  ALA ALA H . n 
H 1 43  SER 43  43  43  SER SER H . n 
H 1 44  PHE 44  44  44  PHE PHE H . n 
H 1 45  TRP 45  45  45  TRP TRP H . n 
H 1 46  LEU 46  46  46  LEU LEU H . n 
H 1 47  LEU 47  47  47  LEU LEU H . n 
H 1 48  ALA 48  48  48  ALA ALA H . n 
H 1 49  GLN 49  49  49  GLN GLN H . n 
H 1 50  THR 50  50  50  THR THR H . n 
H 1 51  LEU 51  51  51  LEU LEU H . n 
H 1 52  ALA 52  52  52  ALA ALA H . n 
H 1 53  TYR 53  53  53  TYR TYR H . n 
H 1 54  ILE 54  54  54  ILE ILE H . n 
H 1 55  PRO 55  55  55  PRO PRO H . n 
H 1 56  THR 56  56  56  THR THR H . n 
H 1 57  GLY 57  57  57  GLY GLY H . n 
H 1 58  ILE 58  58  58  ILE ILE H . n 
H 1 59  ALA 59  59  59  ALA ALA H . n 
H 1 60  TYR 60  60  60  TYR TYR H . n 
H 1 61  ALA 61  61  61  ALA ALA H . n 
H 1 62  ILE 62  62  62  ILE ILE H . n 
H 1 63  TRP 63  63  63  TRP TRP H . n 
H 1 64  SER 64  64  64  SER SER H . n 
H 1 65  GLY 65  65  65  GLY GLY H . n 
H 1 66  VAL 66  66  66  VAL VAL H . n 
H 1 67  GLY 67  67  67  GLY GLY H . n 
H 1 68  ILE 68  68  68  ILE ILE H . n 
H 1 69  VAL 69  69  69  VAL VAL H . n 
H 1 70  LEU 70  70  70  LEU LEU H . n 
H 1 71  ILE 71  71  71  ILE ILE H . n 
H 1 72  SER 72  72  72  SER SER H . n 
H 1 73  LEU 73  73  73  LEU LEU H . n 
H 1 74  LEU 74  74  74  LEU LEU H . n 
H 1 75  SER 75  75  75  SER SER H . n 
H 1 76  TRP 76  76  76  TRP TRP H . n 
H 1 77  GLY 77  77  77  GLY GLY H . n 
H 1 78  PHE 78  78  78  PHE PHE H . n 
H 1 79  PHE 79  79  79  PHE PHE H . n 
H 1 80  GLY 80  80  80  GLY GLY H . n 
H 1 81  GLN 81  81  81  GLN GLN H . n 
H 1 82  ARG 82  82  82  ARG ARG H . n 
H 1 83  LEU 83  83  83  LEU LEU H . n 
H 1 84  ASP 84  84  84  ASP ASP H . n 
H 1 85  LEU 85  85  85  LEU LEU H . n 
H 1 86  PRO 86  86  86  PRO PRO H . n 
H 1 87  ALA 87  87  87  ALA ALA H . n 
H 1 88  ILE 88  88  88  ILE ILE H . n 
H 1 89  ILE 89  89  89  ILE ILE H . n 
H 1 90  GLY 90  90  90  GLY GLY H . n 
H 1 91  MET 91  91  91  MET MET H . n 
H 1 92  MET 92  92  92  MET MET H . n 
H 1 93  LEU 93  93  93  LEU LEU H . n 
H 1 94  ILE 94  94  94  ILE ILE H . n 
H 1 95  CYS 95  95  95  CYS CYS H . n 
H 1 96  ALA 96  96  96  ALA ALA H . n 
H 1 97  GLY 97  97  97  GLY GLY H . n 
H 1 98  VAL 98  98  98  VAL VAL H . n 
H 1 99  LEU 99  99  99  LEU LEU H . n 
H 1 100 ILE 100 100 100 ILE ILE H . n 
H 1 101 ILE 101 101 101 ILE ILE H . n 
H 1 102 ASN 102 102 102 ASN ASN H . n 
H 1 103 LEU 103 103 103 LEU LEU H . n 
H 1 104 LEU 104 104 104 LEU LEU H . n 
H 1 105 SER 105 105 105 SER SER H . n 
H 1 106 ARG 106 106 106 ARG ARG H . n 
H 1 107 SER 107 107 107 SER SER H . n 
H 1 108 THR 108 108 108 THR THR H . n 
H 1 109 PRO 109 109 109 PRO PRO H . n 
H 1 110 HIS 110 110 110 HIS HIS H . n 
# 
loop_
_software.name 
_software.classification 
_software.version 
_software.citation_id 
_software.pdbx_ordinal 
HKL-2000 'data collection' . ? 1 
CNS      refinement        . ? 2 
HKL-2000 'data reduction'  . ? 3 
HKL-2000 'data scaling'    . ? 4 
CNS      phasing           . ? 5 
# 
_cell.entry_id           3B61 
_cell.length_a           181.000 
_cell.length_b           239.200 
_cell.length_c           284.200 
_cell.angle_alpha        90.00 
_cell.angle_beta         90.00 
_cell.angle_gamma        90.00 
_cell.Z_PDB              128 
_cell.pdbx_unique_axis   ? 
_cell.length_a_esd       ? 
_cell.length_b_esd       ? 
_cell.length_c_esd       ? 
_cell.angle_alpha_esd    ? 
_cell.angle_beta_esd     ? 
_cell.angle_gamma_esd    ? 
# 
_symmetry.entry_id                         3B61 
_symmetry.space_group_name_H-M             'F 2 2 2' 
_symmetry.pdbx_full_space_group_name_H-M   ? 
_symmetry.cell_setting                     ? 
_symmetry.Int_Tables_number                22 
_symmetry.space_group_name_Hall            ? 
# 
_exptl.entry_id          3B61 
_exptl.method            'X-RAY DIFFRACTION' 
_exptl.crystals_number   1 
# 
_exptl_crystal.id                    1 
_exptl_crystal.density_meas          ? 
_exptl_crystal.density_Matthews      ? 
_exptl_crystal.density_percent_sol   ? 
_exptl_crystal.description           ? 
_exptl_crystal.F_000                 ? 
_exptl_crystal.preparation           ? 
# 
_exptl_crystal_grow.crystal_id      1 
_exptl_crystal_grow.method          'VAPOR DIFFUSION, SITTING DROP' 
_exptl_crystal_grow.temp            298 
_exptl_crystal_grow.temp_details    ? 
_exptl_crystal_grow.pH              4 
_exptl_crystal_grow.pdbx_details    
;20 mM NaCl, 20 mM sodium acetate, 200-600 mM ammonium sulfate, 15-30% (w/v) PEG-200, and 0.3-0.6% (w/v) NG, pH 4, VAPOR DIFFUSION, SITTING DROP, temperature 298K
;
_exptl_crystal_grow.pdbx_pH_range   . 
# 
_diffrn.id                     1 
_diffrn.ambient_temp           100 
_diffrn.ambient_temp_details   ? 
_diffrn.crystal_id             1 
# 
_diffrn_detector.diffrn_id              1 
_diffrn_detector.detector               CCD 
_diffrn_detector.type                   'ADSC QUANTUM 315' 
_diffrn_detector.pdbx_collection_date   2002-11-25 
_diffrn_detector.details                ? 
# 
_diffrn_radiation.diffrn_id                        1 
_diffrn_radiation.wavelength_id                    1 
_diffrn_radiation.pdbx_monochromatic_or_laue_m_l   M 
_diffrn_radiation.monochromator                    ? 
_diffrn_radiation.pdbx_diffrn_protocol             MAD 
_diffrn_radiation.pdbx_scattering_type             x-ray 
# 
loop_
_diffrn_radiation_wavelength.id 
_diffrn_radiation_wavelength.wavelength 
_diffrn_radiation_wavelength.wt 
1 1.0057 1.0 
2 1.0089 1.0 
3 1.0067 1.0 
# 
_diffrn_source.diffrn_id                   1 
_diffrn_source.source                      SYNCHROTRON 
_diffrn_source.type                        'SSRL BEAMLINE BL11-1' 
_diffrn_source.pdbx_synchrotron_site       SSRL 
_diffrn_source.pdbx_synchrotron_beamline   BL11-1 
_diffrn_source.pdbx_wavelength             ? 
_diffrn_source.pdbx_wavelength_list        '1.0057, 1.0089, 1.0067' 
# 
_reflns.entry_id                     3B61 
_reflns.observed_criterion_sigma_F   0 
_reflns.observed_criterion_sigma_I   0 
_reflns.d_resolution_high            3 
_reflns.d_resolution_low             50 
_reflns.number_all                   ? 
_reflns.number_obs                   13836 
_reflns.percent_possible_obs         75.8 
_reflns.pdbx_Rmerge_I_obs            ? 
_reflns.pdbx_Rsym_value              0.096 
_reflns.pdbx_netI_over_sigmaI        12.2 
_reflns.B_iso_Wilson_estimate        ? 
_reflns.pdbx_redundancy              ? 
_reflns.R_free_details               ? 
_reflns.limit_h_max                  ? 
_reflns.limit_h_min                  ? 
_reflns.limit_k_max                  ? 
_reflns.limit_k_min                  ? 
_reflns.limit_l_max                  ? 
_reflns.limit_l_min                  ? 
_reflns.observed_criterion_F_max     ? 
_reflns.observed_criterion_F_min     ? 
_reflns.pdbx_chi_squared             ? 
_reflns.pdbx_scaling_rejects         ? 
_reflns.pdbx_ordinal                 1 
_reflns.pdbx_diffrn_id               1 
# 
_reflns_shell.d_res_high             4.5 
_reflns_shell.d_res_low              4.66 
_reflns_shell.percent_possible_all   38.2 
_reflns_shell.Rmerge_I_obs           ? 
_reflns_shell.pdbx_Rsym_value        ? 
_reflns_shell.meanI_over_sigI_obs    ? 
_reflns_shell.pdbx_redundancy        ? 
_reflns_shell.percent_possible_obs   ? 
_reflns_shell.number_unique_all      1584 
_reflns_shell.number_measured_all    ? 
_reflns_shell.number_measured_obs    ? 
_reflns_shell.number_unique_obs      ? 
_reflns_shell.pdbx_chi_squared       ? 
_reflns_shell.pdbx_ordinal           1 
_reflns_shell.pdbx_diffrn_id         1 
# 
_refine.entry_id                                 3B61 
_refine.ls_d_res_high                            4.5 
_refine.ls_d_res_low                             19.99 
_refine.pdbx_ls_sigma_F                          0 
_refine.pdbx_ls_sigma_I                          0 
_refine.ls_number_reflns_all                     ? 
_refine.ls_number_reflns_obs                     13836 
_refine.ls_number_reflns_R_free                  1369 
_refine.ls_percent_reflns_obs                    75.8 
_refine.ls_R_factor_all                          ? 
_refine.ls_R_factor_obs                          ? 
_refine.ls_R_factor_R_work                       0.318 
_refine.ls_R_factor_R_free                       0.362 
_refine.ls_redundancy_reflns_obs                 ? 
_refine.pdbx_data_cutoff_high_absF               ? 
_refine.pdbx_data_cutoff_low_absF                ? 
_refine.ls_number_parameters                     ? 
_refine.ls_number_restraints                     ? 
_refine.ls_percent_reflns_R_free                 ? 
_refine.ls_R_factor_R_free_error                 ? 
_refine.ls_R_factor_R_free_error_details         ? 
_refine.pdbx_method_to_determine_struct          MAD 
_refine.pdbx_starting_model                      ? 
_refine.pdbx_ls_cross_valid_method               THROUGHOUT 
_refine.pdbx_R_Free_selection_details            RANDOM 
_refine.pdbx_stereochem_target_val_spec_case     ? 
_refine.pdbx_stereochemistry_target_values       ? 
_refine.solvent_model_details                    ? 
_refine.solvent_model_param_bsol                 ? 
_refine.solvent_model_param_ksol                 ? 
_refine.occupancy_max                            ? 
_refine.occupancy_min                            ? 
_refine.pdbx_isotropic_thermal_model             RESTRAINED 
_refine.B_iso_mean                               262.4 
_refine.aniso_B[1][1]                            6.06 
_refine.aniso_B[1][2]                            0 
_refine.aniso_B[1][3]                            0 
_refine.aniso_B[2][2]                            -16.89 
_refine.aniso_B[2][3]                            0 
_refine.aniso_B[3][3]                            10.83 
_refine.details                                  'The structure contains CA atoms only.' 
_refine.B_iso_min                                ? 
_refine.B_iso_max                                ? 
_refine.correlation_coeff_Fo_to_Fc               ? 
_refine.correlation_coeff_Fo_to_Fc_free          ? 
_refine.pdbx_solvent_vdw_probe_radii             ? 
_refine.pdbx_solvent_ion_probe_radii             ? 
_refine.pdbx_solvent_shrinkage_radii             ? 
_refine.overall_SU_R_Cruickshank_DPI             ? 
_refine.overall_SU_R_free                        ? 
_refine.overall_SU_ML                            ? 
_refine.overall_SU_B                             ? 
_refine.pdbx_overall_ESU_R_Free                  ? 
_refine.pdbx_data_cutoff_high_rms_absF           ? 
_refine.pdbx_overall_ESU_R                       ? 
_refine.ls_wR_factor_R_free                      ? 
_refine.ls_wR_factor_R_work                      ? 
_refine.overall_FOM_free_R_set                   ? 
_refine.overall_FOM_work_R_set                   ? 
_refine.pdbx_refine_id                           'X-RAY DIFFRACTION' 
_refine.pdbx_diffrn_id                           1 
_refine.pdbx_TLS_residual_ADP_flag               ? 
_refine.pdbx_overall_phase_error                 ? 
_refine.pdbx_overall_SU_R_free_Cruickshank_DPI   ? 
_refine.pdbx_overall_SU_R_Blow_DPI               ? 
_refine.pdbx_overall_SU_R_free_Blow_DPI          ? 
# 
_refine_hist.pdbx_refine_id                   'X-RAY DIFFRACTION' 
_refine_hist.cycle_id                         LAST 
_refine_hist.pdbx_number_atoms_protein        856 
_refine_hist.pdbx_number_atoms_nucleic_acid   0 
_refine_hist.pdbx_number_atoms_ligand         0 
_refine_hist.number_atoms_solvent             0 
_refine_hist.number_atoms_total               856 
_refine_hist.d_res_high                       4.5 
_refine_hist.d_res_low                        19.99 
# 
_refine_ls_shell.pdbx_total_number_of_bins_used   ? 
_refine_ls_shell.d_res_high                       4.5 
_refine_ls_shell.d_res_low                        4.78 
_refine_ls_shell.number_reflns_R_work             ? 
_refine_ls_shell.R_factor_R_work                  0.492 
_refine_ls_shell.percent_reflns_obs               38.2 
_refine_ls_shell.R_factor_R_free                  0.548 
_refine_ls_shell.R_factor_R_free_error            0.050 
_refine_ls_shell.percent_reflns_R_free            ? 
_refine_ls_shell.number_reflns_R_free             120 
_refine_ls_shell.number_reflns_all                ? 
_refine_ls_shell.R_factor_all                     ? 
_refine_ls_shell.number_reflns_obs                1032 
_refine_ls_shell.redundancy_reflns_obs            ? 
_refine_ls_shell.pdbx_refine_id                   'X-RAY DIFFRACTION' 
# 
_struct.entry_id                  3B61 
_struct.title                     'EmrE multidrug transporter, apo crystal form' 
_struct.pdbx_model_details        ? 
_struct.pdbx_CASP_flag            N 
_struct.pdbx_model_type_details   ? 
# 
_struct_keywords.entry_id        3B61 
_struct_keywords.pdbx_keywords   'MEMBRANE PROTEIN' 
_struct_keywords.text            
'HELICAL MEMBRANE PROTEIN, MULTIDRUG RESISTANCE TRANSPORTER, SMR, Antiport, Inner membrane, Transmembrane, MEMBRANE PROTEIN' 
# 
loop_
_struct_asym.id 
_struct_asym.pdbx_blank_PDB_chainid_flag 
_struct_asym.pdbx_modified 
_struct_asym.entity_id 
_struct_asym.details 
A N N 1 ? 
B N N 1 ? 
C N N 1 ? 
D N N 1 ? 
E N N 1 ? 
F N N 1 ? 
G N N 1 ? 
H N N 1 ? 
# 
_struct_ref.id                         1 
_struct_ref.db_name                    UNP 
_struct_ref.db_code                    EMRE_ECOLI 
_struct_ref.pdbx_db_accession          P23895 
_struct_ref.entity_id                  1 
_struct_ref.pdbx_seq_one_letter_code   
;MNPYIYLGGAILAEVIGTTLMKFSEGFTRLWPSVGTIICYCASFWLLAQTLAYIPTGIAYAIWSGVGIVLISLLSWGFFG
QRLDLPAIIGMMLICAGVLIINLLSRSTPH
;
_struct_ref.pdbx_align_begin           1 
_struct_ref.pdbx_db_isoform            ? 
# 
loop_
_struct_ref_seq.align_id 
_struct_ref_seq.ref_id 
_struct_ref_seq.pdbx_PDB_id_code 
_struct_ref_seq.pdbx_strand_id 
_struct_ref_seq.seq_align_beg 
_struct_ref_seq.pdbx_seq_align_beg_ins_code 
_struct_ref_seq.seq_align_end 
_struct_ref_seq.pdbx_seq_align_end_ins_code 
_struct_ref_seq.pdbx_db_accession 
_struct_ref_seq.db_align_beg 
_struct_ref_seq.pdbx_db_align_beg_ins_code 
_struct_ref_seq.db_align_end 
_struct_ref_seq.pdbx_db_align_end_ins_code 
_struct_ref_seq.pdbx_auth_seq_align_beg 
_struct_ref_seq.pdbx_auth_seq_align_end 
1 1 3B61 A 1 ? 110 ? P23895 1 ? 110 ? 1 110 
2 1 3B61 B 1 ? 110 ? P23895 1 ? 110 ? 1 110 
3 1 3B61 C 1 ? 110 ? P23895 1 ? 110 ? 1 110 
4 1 3B61 D 1 ? 110 ? P23895 1 ? 110 ? 1 110 
5 1 3B61 E 1 ? 110 ? P23895 1 ? 110 ? 1 110 
6 1 3B61 F 1 ? 110 ? P23895 1 ? 110 ? 1 110 
7 1 3B61 G 1 ? 110 ? P23895 1 ? 110 ? 1 110 
8 1 3B61 H 1 ? 110 ? P23895 1 ? 110 ? 1 110 
# 
loop_
_pdbx_struct_assembly.id 
_pdbx_struct_assembly.details 
_pdbx_struct_assembly.method_details 
_pdbx_struct_assembly.oligomeric_details 
_pdbx_struct_assembly.oligomeric_count 
1 author_defined_assembly ? dimeric 2 
2 author_defined_assembly ? dimeric 2 
3 author_defined_assembly ? dimeric 2 
4 author_defined_assembly ? dimeric 2 
# 
loop_
_pdbx_struct_assembly_gen.assembly_id 
_pdbx_struct_assembly_gen.oper_expression 
_pdbx_struct_assembly_gen.asym_id_list 
1 1 A,B 
2 1 C,D 
3 1 E,F 
4 1 G,H 
# 
_pdbx_struct_oper_list.id                   1 
_pdbx_struct_oper_list.type                 'identity operation' 
_pdbx_struct_oper_list.name                 1_555 
_pdbx_struct_oper_list.symmetry_operation   x,y,z 
_pdbx_struct_oper_list.matrix[1][1]         1.0000000000 
_pdbx_struct_oper_list.matrix[1][2]         0.0000000000 
_pdbx_struct_oper_list.matrix[1][3]         0.0000000000 
_pdbx_struct_oper_list.vector[1]            0.0000000000 
_pdbx_struct_oper_list.matrix[2][1]         0.0000000000 
_pdbx_struct_oper_list.matrix[2][2]         1.0000000000 
_pdbx_struct_oper_list.matrix[2][3]         0.0000000000 
_pdbx_struct_oper_list.vector[2]            0.0000000000 
_pdbx_struct_oper_list.matrix[3][1]         0.0000000000 
_pdbx_struct_oper_list.matrix[3][2]         0.0000000000 
_pdbx_struct_oper_list.matrix[3][3]         1.0000000000 
_pdbx_struct_oper_list.vector[3]            0.0000000000 
# 
_struct_biol.id        1 
_struct_biol.details   ? 
# 
loop_
_pdbx_unobs_or_zero_occ_residues.id 
_pdbx_unobs_or_zero_occ_residues.PDB_model_num 
_pdbx_unobs_or_zero_occ_residues.polymer_flag 
_pdbx_unobs_or_zero_occ_residues.occupancy_flag 
_pdbx_unobs_or_zero_occ_residues.auth_asym_id 
_pdbx_unobs_or_zero_occ_residues.auth_comp_id 
_pdbx_unobs_or_zero_occ_residues.auth_seq_id 
_pdbx_unobs_or_zero_occ_residues.PDB_ins_code 
_pdbx_unobs_or_zero_occ_residues.label_asym_id 
_pdbx_unobs_or_zero_occ_residues.label_comp_id 
_pdbx_unobs_or_zero_occ_residues.label_seq_id 
1  1 Y 1 A MET 1 ? A MET 1 
2  1 Y 1 A ASN 2 ? A ASN 2 
3  1 Y 1 A PRO 3 ? A PRO 3 
4  1 Y 1 B MET 1 ? B MET 1 
5  1 Y 1 B ASN 2 ? B ASN 2 
6  1 Y 1 B PRO 3 ? B PRO 3 
7  1 Y 1 C MET 1 ? C MET 1 
8  1 Y 1 C ASN 2 ? C ASN 2 
9  1 Y 1 C PRO 3 ? C PRO 3 
10 1 Y 1 D MET 1 ? D MET 1 
11 1 Y 1 D ASN 2 ? D ASN 2 
12 1 Y 1 D PRO 3 ? D PRO 3 
13 1 Y 1 E MET 1 ? E MET 1 
14 1 Y 1 E ASN 2 ? E ASN 2 
15 1 Y 1 E PRO 3 ? E PRO 3 
16 1 Y 1 F MET 1 ? F MET 1 
17 1 Y 1 F ASN 2 ? F ASN 2 
18 1 Y 1 F PRO 3 ? F PRO 3 
19 1 Y 1 G MET 1 ? G MET 1 
20 1 Y 1 G ASN 2 ? G ASN 2 
21 1 Y 1 G PRO 3 ? G PRO 3 
22 1 Y 1 H MET 1 ? H MET 1 
23 1 Y 1 H ASN 2 ? H ASN 2 
24 1 Y 1 H PRO 3 ? H PRO 3 
# 
loop_
_chem_comp_atom.comp_id 
_chem_comp_atom.atom_id 
_chem_comp_atom.type_symbol 
_chem_comp_atom.pdbx_aromatic_flag 
_chem_comp_atom.pdbx_stereo_config 
_chem_comp_atom.pdbx_ordinal 
ALA N    N N N 1   
ALA CA   C N S 2   
ALA C    C N N 3   
ALA O    O N N 4   
ALA CB   C N N 5   
ALA OXT  O N N 6   
ALA H    H N N 7   
ALA H2   H N N 8   
ALA HA   H N N 9   
ALA HB1  H N N 10  
ALA HB2  H N N 11  
ALA HB3  H N N 12  
ALA HXT  H N N 13  
ARG N    N N N 14  
ARG CA   C N S 15  
ARG C    C N N 16  
ARG O    O N N 17  
ARG CB   C N N 18  
ARG CG   C N N 19  
ARG CD   C N N 20  
ARG NE   N N N 21  
ARG CZ   C N N 22  
ARG NH1  N N N 23  
ARG NH2  N N N 24  
ARG OXT  O N N 25  
ARG H    H N N 26  
ARG H2   H N N 27  
ARG HA   H N N 28  
ARG HB2  H N N 29  
ARG HB3  H N N 30  
ARG HG2  H N N 31  
ARG HG3  H N N 32  
ARG HD2  H N N 33  
ARG HD3  H N N 34  
ARG HE   H N N 35  
ARG HH11 H N N 36  
ARG HH12 H N N 37  
ARG HH21 H N N 38  
ARG HH22 H N N 39  
ARG HXT  H N N 40  
ASN N    N N N 41  
ASN CA   C N S 42  
ASN C    C N N 43  
ASN O    O N N 44  
ASN CB   C N N 45  
ASN CG   C N N 46  
ASN OD1  O N N 47  
ASN ND2  N N N 48  
ASN OXT  O N N 49  
ASN H    H N N 50  
ASN H2   H N N 51  
ASN HA   H N N 52  
ASN HB2  H N N 53  
ASN HB3  H N N 54  
ASN HD21 H N N 55  
ASN HD22 H N N 56  
ASN HXT  H N N 57  
ASP N    N N N 58  
ASP CA   C N S 59  
ASP C    C N N 60  
ASP O    O N N 61  
ASP CB   C N N 62  
ASP CG   C N N 63  
ASP OD1  O N N 64  
ASP OD2  O N N 65  
ASP OXT  O N N 66  
ASP H    H N N 67  
ASP H2   H N N 68  
ASP HA   H N N 69  
ASP HB2  H N N 70  
ASP HB3  H N N 71  
ASP HD2  H N N 72  
ASP HXT  H N N 73  
CYS N    N N N 74  
CYS CA   C N R 75  
CYS C    C N N 76  
CYS O    O N N 77  
CYS CB   C N N 78  
CYS SG   S N N 79  
CYS OXT  O N N 80  
CYS H    H N N 81  
CYS H2   H N N 82  
CYS HA   H N N 83  
CYS HB2  H N N 84  
CYS HB3  H N N 85  
CYS HG   H N N 86  
CYS HXT  H N N 87  
GLN N    N N N 88  
GLN CA   C N S 89  
GLN C    C N N 90  
GLN O    O N N 91  
GLN CB   C N N 92  
GLN CG   C N N 93  
GLN CD   C N N 94  
GLN OE1  O N N 95  
GLN NE2  N N N 96  
GLN OXT  O N N 97  
GLN H    H N N 98  
GLN H2   H N N 99  
GLN HA   H N N 100 
GLN HB2  H N N 101 
GLN HB3  H N N 102 
GLN HG2  H N N 103 
GLN HG3  H N N 104 
GLN HE21 H N N 105 
GLN HE22 H N N 106 
GLN HXT  H N N 107 
GLU N    N N N 108 
GLU CA   C N S 109 
GLU C    C N N 110 
GLU O    O N N 111 
GLU CB   C N N 112 
GLU CG   C N N 113 
GLU CD   C N N 114 
GLU OE1  O N N 115 
GLU OE2  O N N 116 
GLU OXT  O N N 117 
GLU H    H N N 118 
GLU H2   H N N 119 
GLU HA   H N N 120 
GLU HB2  H N N 121 
GLU HB3  H N N 122 
GLU HG2  H N N 123 
GLU HG3  H N N 124 
GLU HE2  H N N 125 
GLU HXT  H N N 126 
GLY N    N N N 127 
GLY CA   C N N 128 
GLY C    C N N 129 
GLY O    O N N 130 
GLY OXT  O N N 131 
GLY H    H N N 132 
GLY H2   H N N 133 
GLY HA2  H N N 134 
GLY HA3  H N N 135 
GLY HXT  H N N 136 
HIS N    N N N 137 
HIS CA   C N S 138 
HIS C    C N N 139 
HIS O    O N N 140 
HIS CB   C N N 141 
HIS CG   C Y N 142 
HIS ND1  N Y N 143 
HIS CD2  C Y N 144 
HIS CE1  C Y N 145 
HIS NE2  N Y N 146 
HIS OXT  O N N 147 
HIS H    H N N 148 
HIS H2   H N N 149 
HIS HA   H N N 150 
HIS HB2  H N N 151 
HIS HB3  H N N 152 
HIS HD1  H N N 153 
HIS HD2  H N N 154 
HIS HE1  H N N 155 
HIS HE2  H N N 156 
HIS HXT  H N N 157 
ILE N    N N N 158 
ILE CA   C N S 159 
ILE C    C N N 160 
ILE O    O N N 161 
ILE CB   C N S 162 
ILE CG1  C N N 163 
ILE CG2  C N N 164 
ILE CD1  C N N 165 
ILE OXT  O N N 166 
ILE H    H N N 167 
ILE H2   H N N 168 
ILE HA   H N N 169 
ILE HB   H N N 170 
ILE HG12 H N N 171 
ILE HG13 H N N 172 
ILE HG21 H N N 173 
ILE HG22 H N N 174 
ILE HG23 H N N 175 
ILE HD11 H N N 176 
ILE HD12 H N N 177 
ILE HD13 H N N 178 
ILE HXT  H N N 179 
LEU N    N N N 180 
LEU CA   C N S 181 
LEU C    C N N 182 
LEU O    O N N 183 
LEU CB   C N N 184 
LEU CG   C N N 185 
LEU CD1  C N N 186 
LEU CD2  C N N 187 
LEU OXT  O N N 188 
LEU H    H N N 189 
LEU H2   H N N 190 
LEU HA   H N N 191 
LEU HB2  H N N 192 
LEU HB3  H N N 193 
LEU HG   H N N 194 
LEU HD11 H N N 195 
LEU HD12 H N N 196 
LEU HD13 H N N 197 
LEU HD21 H N N 198 
LEU HD22 H N N 199 
LEU HD23 H N N 200 
LEU HXT  H N N 201 
LYS N    N N N 202 
LYS CA   C N S 203 
LYS C    C N N 204 
LYS O    O N N 205 
LYS CB   C N N 206 
LYS CG   C N N 207 
LYS CD   C N N 208 
LYS CE   C N N 209 
LYS NZ   N N N 210 
LYS OXT  O N N 211 
LYS H    H N N 212 
LYS H2   H N N 213 
LYS HA   H N N 214 
LYS HB2  H N N 215 
LYS HB3  H N N 216 
LYS HG2  H N N 217 
LYS HG3  H N N 218 
LYS HD2  H N N 219 
LYS HD3  H N N 220 
LYS HE2  H N N 221 
LYS HE3  H N N 222 
LYS HZ1  H N N 223 
LYS HZ2  H N N 224 
LYS HZ3  H N N 225 
LYS HXT  H N N 226 
MET N    N N N 227 
MET CA   C N S 228 
MET C    C N N 229 
MET O    O N N 230 
MET CB   C N N 231 
MET CG   C N N 232 
MET SD   S N N 233 
MET CE   C N N 234 
MET OXT  O N N 235 
MET H    H N N 236 
MET H2   H N N 237 
MET HA   H N N 238 
MET HB2  H N N 239 
MET HB3  H N N 240 
MET HG2  H N N 241 
MET HG3  H N N 242 
MET HE1  H N N 243 
MET HE2  H N N 244 
MET HE3  H N N 245 
MET HXT  H N N 246 
PHE N    N N N 247 
PHE CA   C N S 248 
PHE C    C N N 249 
PHE O    O N N 250 
PHE CB   C N N 251 
PHE CG   C Y N 252 
PHE CD1  C Y N 253 
PHE CD2  C Y N 254 
PHE CE1  C Y N 255 
PHE CE2  C Y N 256 
PHE CZ   C Y N 257 
PHE OXT  O N N 258 
PHE H    H N N 259 
PHE H2   H N N 260 
PHE HA   H N N 261 
PHE HB2  H N N 262 
PHE HB3  H N N 263 
PHE HD1  H N N 264 
PHE HD2  H N N 265 
PHE HE1  H N N 266 
PHE HE2  H N N 267 
PHE HZ   H N N 268 
PHE HXT  H N N 269 
PRO N    N N N 270 
PRO CA   C N S 271 
PRO C    C N N 272 
PRO O    O N N 273 
PRO CB   C N N 274 
PRO CG   C N N 275 
PRO CD   C N N 276 
PRO OXT  O N N 277 
PRO H    H N N 278 
PRO HA   H N N 279 
PRO HB2  H N N 280 
PRO HB3  H N N 281 
PRO HG2  H N N 282 
PRO HG3  H N N 283 
PRO HD2  H N N 284 
PRO HD3  H N N 285 
PRO HXT  H N N 286 
SER N    N N N 287 
SER CA   C N S 288 
SER C    C N N 289 
SER O    O N N 290 
SER CB   C N N 291 
SER OG   O N N 292 
SER OXT  O N N 293 
SER H    H N N 294 
SER H2   H N N 295 
SER HA   H N N 296 
SER HB2  H N N 297 
SER HB3  H N N 298 
SER HG   H N N 299 
SER HXT  H N N 300 
THR N    N N N 301 
THR CA   C N S 302 
THR C    C N N 303 
THR O    O N N 304 
THR CB   C N R 305 
THR OG1  O N N 306 
THR CG2  C N N 307 
THR OXT  O N N 308 
THR H    H N N 309 
THR H2   H N N 310 
THR HA   H N N 311 
THR HB   H N N 312 
THR HG1  H N N 313 
THR HG21 H N N 314 
THR HG22 H N N 315 
THR HG23 H N N 316 
THR HXT  H N N 317 
TRP N    N N N 318 
TRP CA   C N S 319 
TRP C    C N N 320 
TRP O    O N N 321 
TRP CB   C N N 322 
TRP CG   C Y N 323 
TRP CD1  C Y N 324 
TRP CD2  C Y N 325 
TRP NE1  N Y N 326 
TRP CE2  C Y N 327 
TRP CE3  C Y N 328 
TRP CZ2  C Y N 329 
TRP CZ3  C Y N 330 
TRP CH2  C Y N 331 
TRP OXT  O N N 332 
TRP H    H N N 333 
TRP H2   H N N 334 
TRP HA   H N N 335 
TRP HB2  H N N 336 
TRP HB3  H N N 337 
TRP HD1  H N N 338 
TRP HE1  H N N 339 
TRP HE3  H N N 340 
TRP HZ2  H N N 341 
TRP HZ3  H N N 342 
TRP HH2  H N N 343 
TRP HXT  H N N 344 
TYR N    N N N 345 
TYR CA   C N S 346 
TYR C    C N N 347 
TYR O    O N N 348 
TYR CB   C N N 349 
TYR CG   C Y N 350 
TYR CD1  C Y N 351 
TYR CD2  C Y N 352 
TYR CE1  C Y N 353 
TYR CE2  C Y N 354 
TYR CZ   C Y N 355 
TYR OH   O N N 356 
TYR OXT  O N N 357 
TYR H    H N N 358 
TYR H2   H N N 359 
TYR HA   H N N 360 
TYR HB2  H N N 361 
TYR HB3  H N N 362 
TYR HD1  H N N 363 
TYR HD2  H N N 364 
TYR HE1  H N N 365 
TYR HE2  H N N 366 
TYR HH   H N N 367 
TYR HXT  H N N 368 
VAL N    N N N 369 
VAL CA   C N S 370 
VAL C    C N N 371 
VAL O    O N N 372 
VAL CB   C N N 373 
VAL CG1  C N N 374 
VAL CG2  C N N 375 
VAL OXT  O N N 376 
VAL H    H N N 377 
VAL H2   H N N 378 
VAL HA   H N N 379 
VAL HB   H N N 380 
VAL HG11 H N N 381 
VAL HG12 H N N 382 
VAL HG13 H N N 383 
VAL HG21 H N N 384 
VAL HG22 H N N 385 
VAL HG23 H N N 386 
VAL HXT  H N N 387 
# 
loop_
_chem_comp_bond.comp_id 
_chem_comp_bond.atom_id_1 
_chem_comp_bond.atom_id_2 
_chem_comp_bond.value_order 
_chem_comp_bond.pdbx_aromatic_flag 
_chem_comp_bond.pdbx_stereo_config 
_chem_comp_bond.pdbx_ordinal 
ALA N   CA   sing N N 1   
ALA N   H    sing N N 2   
ALA N   H2   sing N N 3   
ALA CA  C    sing N N 4   
ALA CA  CB   sing N N 5   
ALA CA  HA   sing N N 6   
ALA C   O    doub N N 7   
ALA C   OXT  sing N N 8   
ALA CB  HB1  sing N N 9   
ALA CB  HB2  sing N N 10  
ALA CB  HB3  sing N N 11  
ALA OXT HXT  sing N N 12  
ARG N   CA   sing N N 13  
ARG N   H    sing N N 14  
ARG N   H2   sing N N 15  
ARG CA  C    sing N N 16  
ARG CA  CB   sing N N 17  
ARG CA  HA   sing N N 18  
ARG C   O    doub N N 19  
ARG C   OXT  sing N N 20  
ARG CB  CG   sing N N 21  
ARG CB  HB2  sing N N 22  
ARG CB  HB3  sing N N 23  
ARG CG  CD   sing N N 24  
ARG CG  HG2  sing N N 25  
ARG CG  HG3  sing N N 26  
ARG CD  NE   sing N N 27  
ARG CD  HD2  sing N N 28  
ARG CD  HD3  sing N N 29  
ARG NE  CZ   sing N N 30  
ARG NE  HE   sing N N 31  
ARG CZ  NH1  sing N N 32  
ARG CZ  NH2  doub N N 33  
ARG NH1 HH11 sing N N 34  
ARG NH1 HH12 sing N N 35  
ARG NH2 HH21 sing N N 36  
ARG NH2 HH22 sing N N 37  
ARG OXT HXT  sing N N 38  
ASN N   CA   sing N N 39  
ASN N   H    sing N N 40  
ASN N   H2   sing N N 41  
ASN CA  C    sing N N 42  
ASN CA  CB   sing N N 43  
ASN CA  HA   sing N N 44  
ASN C   O    doub N N 45  
ASN C   OXT  sing N N 46  
ASN CB  CG   sing N N 47  
ASN CB  HB2  sing N N 48  
ASN CB  HB3  sing N N 49  
ASN CG  OD1  doub N N 50  
ASN CG  ND2  sing N N 51  
ASN ND2 HD21 sing N N 52  
ASN ND2 HD22 sing N N 53  
ASN OXT HXT  sing N N 54  
ASP N   CA   sing N N 55  
ASP N   H    sing N N 56  
ASP N   H2   sing N N 57  
ASP CA  C    sing N N 58  
ASP CA  CB   sing N N 59  
ASP CA  HA   sing N N 60  
ASP C   O    doub N N 61  
ASP C   OXT  sing N N 62  
ASP CB  CG   sing N N 63  
ASP CB  HB2  sing N N 64  
ASP CB  HB3  sing N N 65  
ASP CG  OD1  doub N N 66  
ASP CG  OD2  sing N N 67  
ASP OD2 HD2  sing N N 68  
ASP OXT HXT  sing N N 69  
CYS N   CA   sing N N 70  
CYS N   H    sing N N 71  
CYS N   H2   sing N N 72  
CYS CA  C    sing N N 73  
CYS CA  CB   sing N N 74  
CYS CA  HA   sing N N 75  
CYS C   O    doub N N 76  
CYS C   OXT  sing N N 77  
CYS CB  SG   sing N N 78  
CYS CB  HB2  sing N N 79  
CYS CB  HB3  sing N N 80  
CYS SG  HG   sing N N 81  
CYS OXT HXT  sing N N 82  
GLN N   CA   sing N N 83  
GLN N   H    sing N N 84  
GLN N   H2   sing N N 85  
GLN CA  C    sing N N 86  
GLN CA  CB   sing N N 87  
GLN CA  HA   sing N N 88  
GLN C   O    doub N N 89  
GLN C   OXT  sing N N 90  
GLN CB  CG   sing N N 91  
GLN CB  HB2  sing N N 92  
GLN CB  HB3  sing N N 93  
GLN CG  CD   sing N N 94  
GLN CG  HG2  sing N N 95  
GLN CG  HG3  sing N N 96  
GLN CD  OE1  doub N N 97  
GLN CD  NE2  sing N N 98  
GLN NE2 HE21 sing N N 99  
GLN NE2 HE22 sing N N 100 
GLN OXT HXT  sing N N 101 
GLU N   CA   sing N N 102 
GLU N   H    sing N N 103 
GLU N   H2   sing N N 104 
GLU CA  C    sing N N 105 
GLU CA  CB   sing N N 106 
GLU CA  HA   sing N N 107 
GLU C   O    doub N N 108 
GLU C   OXT  sing N N 109 
GLU CB  CG   sing N N 110 
GLU CB  HB2  sing N N 111 
GLU CB  HB3  sing N N 112 
GLU CG  CD   sing N N 113 
GLU CG  HG2  sing N N 114 
GLU CG  HG3  sing N N 115 
GLU CD  OE1  doub N N 116 
GLU CD  OE2  sing N N 117 
GLU OE2 HE2  sing N N 118 
GLU OXT HXT  sing N N 119 
GLY N   CA   sing N N 120 
GLY N   H    sing N N 121 
GLY N   H2   sing N N 122 
GLY CA  C    sing N N 123 
GLY CA  HA2  sing N N 124 
GLY CA  HA3  sing N N 125 
GLY C   O    doub N N 126 
GLY C   OXT  sing N N 127 
GLY OXT HXT  sing N N 128 
HIS N   CA   sing N N 129 
HIS N   H    sing N N 130 
HIS N   H2   sing N N 131 
HIS CA  C    sing N N 132 
HIS CA  CB   sing N N 133 
HIS CA  HA   sing N N 134 
HIS C   O    doub N N 135 
HIS C   OXT  sing N N 136 
HIS CB  CG   sing N N 137 
HIS CB  HB2  sing N N 138 
HIS CB  HB3  sing N N 139 
HIS CG  ND1  sing Y N 140 
HIS CG  CD2  doub Y N 141 
HIS ND1 CE1  doub Y N 142 
HIS ND1 HD1  sing N N 143 
HIS CD2 NE2  sing Y N 144 
HIS CD2 HD2  sing N N 145 
HIS CE1 NE2  sing Y N 146 
HIS CE1 HE1  sing N N 147 
HIS NE2 HE2  sing N N 148 
HIS OXT HXT  sing N N 149 
ILE N   CA   sing N N 150 
ILE N   H    sing N N 151 
ILE N   H2   sing N N 152 
ILE CA  C    sing N N 153 
ILE CA  CB   sing N N 154 
ILE CA  HA   sing N N 155 
ILE C   O    doub N N 156 
ILE C   OXT  sing N N 157 
ILE CB  CG1  sing N N 158 
ILE CB  CG2  sing N N 159 
ILE CB  HB   sing N N 160 
ILE CG1 CD1  sing N N 161 
ILE CG1 HG12 sing N N 162 
ILE CG1 HG13 sing N N 163 
ILE CG2 HG21 sing N N 164 
ILE CG2 HG22 sing N N 165 
ILE CG2 HG23 sing N N 166 
ILE CD1 HD11 sing N N 167 
ILE CD1 HD12 sing N N 168 
ILE CD1 HD13 sing N N 169 
ILE OXT HXT  sing N N 170 
LEU N   CA   sing N N 171 
LEU N   H    sing N N 172 
LEU N   H2   sing N N 173 
LEU CA  C    sing N N 174 
LEU CA  CB   sing N N 175 
LEU CA  HA   sing N N 176 
LEU C   O    doub N N 177 
LEU C   OXT  sing N N 178 
LEU CB  CG   sing N N 179 
LEU CB  HB2  sing N N 180 
LEU CB  HB3  sing N N 181 
LEU CG  CD1  sing N N 182 
LEU CG  CD2  sing N N 183 
LEU CG  HG   sing N N 184 
LEU CD1 HD11 sing N N 185 
LEU CD1 HD12 sing N N 186 
LEU CD1 HD13 sing N N 187 
LEU CD2 HD21 sing N N 188 
LEU CD2 HD22 sing N N 189 
LEU CD2 HD23 sing N N 190 
LEU OXT HXT  sing N N 191 
LYS N   CA   sing N N 192 
LYS N   H    sing N N 193 
LYS N   H2   sing N N 194 
LYS CA  C    sing N N 195 
LYS CA  CB   sing N N 196 
LYS CA  HA   sing N N 197 
LYS C   O    doub N N 198 
LYS C   OXT  sing N N 199 
LYS CB  CG   sing N N 200 
LYS CB  HB2  sing N N 201 
LYS CB  HB3  sing N N 202 
LYS CG  CD   sing N N 203 
LYS CG  HG2  sing N N 204 
LYS CG  HG3  sing N N 205 
LYS CD  CE   sing N N 206 
LYS CD  HD2  sing N N 207 
LYS CD  HD3  sing N N 208 
LYS CE  NZ   sing N N 209 
LYS CE  HE2  sing N N 210 
LYS CE  HE3  sing N N 211 
LYS NZ  HZ1  sing N N 212 
LYS NZ  HZ2  sing N N 213 
LYS NZ  HZ3  sing N N 214 
LYS OXT HXT  sing N N 215 
MET N   CA   sing N N 216 
MET N   H    sing N N 217 
MET N   H2   sing N N 218 
MET CA  C    sing N N 219 
MET CA  CB   sing N N 220 
MET CA  HA   sing N N 221 
MET C   O    doub N N 222 
MET C   OXT  sing N N 223 
MET CB  CG   sing N N 224 
MET CB  HB2  sing N N 225 
MET CB  HB3  sing N N 226 
MET CG  SD   sing N N 227 
MET CG  HG2  sing N N 228 
MET CG  HG3  sing N N 229 
MET SD  CE   sing N N 230 
MET CE  HE1  sing N N 231 
MET CE  HE2  sing N N 232 
MET CE  HE3  sing N N 233 
MET OXT HXT  sing N N 234 
PHE N   CA   sing N N 235 
PHE N   H    sing N N 236 
PHE N   H2   sing N N 237 
PHE CA  C    sing N N 238 
PHE CA  CB   sing N N 239 
PHE CA  HA   sing N N 240 
PHE C   O    doub N N 241 
PHE C   OXT  sing N N 242 
PHE CB  CG   sing N N 243 
PHE CB  HB2  sing N N 244 
PHE CB  HB3  sing N N 245 
PHE CG  CD1  doub Y N 246 
PHE CG  CD2  sing Y N 247 
PHE CD1 CE1  sing Y N 248 
PHE CD1 HD1  sing N N 249 
PHE CD2 CE2  doub Y N 250 
PHE CD2 HD2  sing N N 251 
PHE CE1 CZ   doub Y N 252 
PHE CE1 HE1  sing N N 253 
PHE CE2 CZ   sing Y N 254 
PHE CE2 HE2  sing N N 255 
PHE CZ  HZ   sing N N 256 
PHE OXT HXT  sing N N 257 
PRO N   CA   sing N N 258 
PRO N   CD   sing N N 259 
PRO N   H    sing N N 260 
PRO CA  C    sing N N 261 
PRO CA  CB   sing N N 262 
PRO CA  HA   sing N N 263 
PRO C   O    doub N N 264 
PRO C   OXT  sing N N 265 
PRO CB  CG   sing N N 266 
PRO CB  HB2  sing N N 267 
PRO CB  HB3  sing N N 268 
PRO CG  CD   sing N N 269 
PRO CG  HG2  sing N N 270 
PRO CG  HG3  sing N N 271 
PRO CD  HD2  sing N N 272 
PRO CD  HD3  sing N N 273 
PRO OXT HXT  sing N N 274 
SER N   CA   sing N N 275 
SER N   H    sing N N 276 
SER N   H2   sing N N 277 
SER CA  C    sing N N 278 
SER CA  CB   sing N N 279 
SER CA  HA   sing N N 280 
SER C   O    doub N N 281 
SER C   OXT  sing N N 282 
SER CB  OG   sing N N 283 
SER CB  HB2  sing N N 284 
SER CB  HB3  sing N N 285 
SER OG  HG   sing N N 286 
SER OXT HXT  sing N N 287 
THR N   CA   sing N N 288 
THR N   H    sing N N 289 
THR N   H2   sing N N 290 
THR CA  C    sing N N 291 
THR CA  CB   sing N N 292 
THR CA  HA   sing N N 293 
THR C   O    doub N N 294 
THR C   OXT  sing N N 295 
THR CB  OG1  sing N N 296 
THR CB  CG2  sing N N 297 
THR CB  HB   sing N N 298 
THR OG1 HG1  sing N N 299 
THR CG2 HG21 sing N N 300 
THR CG2 HG22 sing N N 301 
THR CG2 HG23 sing N N 302 
THR OXT HXT  sing N N 303 
TRP N   CA   sing N N 304 
TRP N   H    sing N N 305 
TRP N   H2   sing N N 306 
TRP CA  C    sing N N 307 
TRP CA  CB   sing N N 308 
TRP CA  HA   sing N N 309 
TRP C   O    doub N N 310 
TRP C   OXT  sing N N 311 
TRP CB  CG   sing N N 312 
TRP CB  HB2  sing N N 313 
TRP CB  HB3  sing N N 314 
TRP CG  CD1  doub Y N 315 
TRP CG  CD2  sing Y N 316 
TRP CD1 NE1  sing Y N 317 
TRP CD1 HD1  sing N N 318 
TRP CD2 CE2  doub Y N 319 
TRP CD2 CE3  sing Y N 320 
TRP NE1 CE2  sing Y N 321 
TRP NE1 HE1  sing N N 322 
TRP CE2 CZ2  sing Y N 323 
TRP CE3 CZ3  doub Y N 324 
TRP CE3 HE3  sing N N 325 
TRP CZ2 CH2  doub Y N 326 
TRP CZ2 HZ2  sing N N 327 
TRP CZ3 CH2  sing Y N 328 
TRP CZ3 HZ3  sing N N 329 
TRP CH2 HH2  sing N N 330 
TRP OXT HXT  sing N N 331 
TYR N   CA   sing N N 332 
TYR N   H    sing N N 333 
TYR N   H2   sing N N 334 
TYR CA  C    sing N N 335 
TYR CA  CB   sing N N 336 
TYR CA  HA   sing N N 337 
TYR C   O    doub N N 338 
TYR C   OXT  sing N N 339 
TYR CB  CG   sing N N 340 
TYR CB  HB2  sing N N 341 
TYR CB  HB3  sing N N 342 
TYR CG  CD1  doub Y N 343 
TYR CG  CD2  sing Y N 344 
TYR CD1 CE1  sing Y N 345 
TYR CD1 HD1  sing N N 346 
TYR CD2 CE2  doub Y N 347 
TYR CD2 HD2  sing N N 348 
TYR CE1 CZ   doub Y N 349 
TYR CE1 HE1  sing N N 350 
TYR CE2 CZ   sing Y N 351 
TYR CE2 HE2  sing N N 352 
TYR CZ  OH   sing N N 353 
TYR OH  HH   sing N N 354 
TYR OXT HXT  sing N N 355 
VAL N   CA   sing N N 356 
VAL N   H    sing N N 357 
VAL N   H2   sing N N 358 
VAL CA  C    sing N N 359 
VAL CA  CB   sing N N 360 
VAL CA  HA   sing N N 361 
VAL C   O    doub N N 362 
VAL C   OXT  sing N N 363 
VAL CB  CG1  sing N N 364 
VAL CB  CG2  sing N N 365 
VAL CB  HB   sing N N 366 
VAL CG1 HG11 sing N N 367 
VAL CG1 HG12 sing N N 368 
VAL CG1 HG13 sing N N 369 
VAL CG2 HG21 sing N N 370 
VAL CG2 HG22 sing N N 371 
VAL CG2 HG23 sing N N 372 
VAL OXT HXT  sing N N 373 
# 
loop_
_pdbx_coordinate_model.asym_id 
_pdbx_coordinate_model.type 
A 'CA ATOMS ONLY' 
B 'CA ATOMS ONLY' 
C 'CA ATOMS ONLY' 
D 'CA ATOMS ONLY' 
E 'CA ATOMS ONLY' 
F 'CA ATOMS ONLY' 
G 'CA ATOMS ONLY' 
H 'CA ATOMS ONLY' 
# 
_atom_sites.entry_id                    3B61 
_atom_sites.fract_transf_matrix[1][1]   0.00317165 
_atom_sites.fract_transf_matrix[1][2]   -0.00198565 
_atom_sites.fract_transf_matrix[1][3]   -0.00406490 
_atom_sites.fract_transf_matrix[2][1]   -0.00045854 
_atom_sites.fract_transf_matrix[2][2]   0.00358179 
_atom_sites.fract_transf_matrix[2][3]   -0.00210744 
_atom_sites.fract_transf_matrix[3][1]   0.00285545 
_atom_sites.fract_transf_matrix[3][2]   0.00130218 
_atom_sites.fract_transf_matrix[3][3]   0.00159188 
_atom_sites.fract_transf_vector[1]      -0.332842 
_atom_sites.fract_transf_vector[2]      -0.598446 
_atom_sites.fract_transf_vector[3]      -0.120567 
# 
_atom_type.symbol   C 
# 
loop_
_atom_site.group_PDB 
_atom_site.id 
_atom_site.type_symbol 
_atom_site.label_atom_id 
_atom_site.label_alt_id 
_atom_site.label_comp_id 
_atom_site.label_asym_id 
_atom_site.label_entity_id 
_atom_site.label_seq_id 
_atom_site.pdbx_PDB_ins_code 
_atom_site.Cartn_x 
_atom_site.Cartn_y 
_atom_site.Cartn_z 
_atom_site.occupancy 
_atom_site.B_iso_or_equiv 
_atom_site.pdbx_formal_charge 
_atom_site.auth_seq_id 
_atom_site.auth_comp_id 
_atom_site.auth_asym_id 
_atom_site.auth_atom_id 
_atom_site.pdbx_PDB_model_num 
ATOM 1   C CA . TYR A 1 4   ? -21.910 29.075  -8.015  1.00 214.18 ? 4   TYR A CA 1 
ATOM 2   C CA . ILE A 1 5   ? -20.508 32.596  -7.523  1.00 335.88 ? 5   ILE A CA 1 
ATOM 3   C CA . TYR A 1 6   ? -17.502 32.025  -5.272  1.00 247.25 ? 6   TYR A CA 1 
ATOM 4   C CA . LEU A 1 7   ? -16.212 29.134  -7.317  1.00 180.29 ? 7   LEU A CA 1 
ATOM 5   C CA . GLY A 1 8   ? -17.233 30.879  -10.526 1.00 160.18 ? 8   GLY A CA 1 
ATOM 6   C CA . GLY A 1 9   ? -14.750 33.674  -10.054 1.00 162.88 ? 9   GLY A CA 1 
ATOM 7   C CA . ALA A 1 10  ? -12.341 31.645  -7.964  1.00 177.78 ? 10  ALA A CA 1 
ATOM 8   C CA . ILE A 1 11  ? -11.260 29.204  -10.664 1.00 166.66 ? 11  ILE A CA 1 
ATOM 9   C CA . LEU A 1 12  ? -11.540 32.149  -13.031 1.00 170.42 ? 12  LEU A CA 1 
ATOM 10  C CA . ALA A 1 13  ? -8.509  33.411  -11.125 1.00 110.39 ? 13  ALA A CA 1 
ATOM 11  C CA . GLU A 1 14  ? -6.912  30.044  -11.891 1.00 123.52 ? 14  GLU A CA 1 
ATOM 12  C CA . VAL A 1 15  ? -7.845  30.628  -15.496 1.00 123.57 ? 15  VAL A CA 1 
ATOM 13  C CA . ILE A 1 16  ? -5.465  33.554  -14.957 1.00 180.78 ? 16  ILE A CA 1 
ATOM 14  C CA . GLY A 1 17  ? -2.957  30.872  -14.224 1.00 119.60 ? 17  GLY A CA 1 
ATOM 15  C CA . THR A 1 18  ? -3.388  29.348  -17.740 1.00 246.85 ? 18  THR A CA 1 
ATOM 16  C CA . THR A 1 19  ? -2.092  32.720  -18.780 1.00 173.87 ? 19  THR A CA 1 
ATOM 17  C CA . LEU A 1 20  ? 0.865   32.481  -16.400 1.00 243.70 ? 20  LEU A CA 1 
ATOM 18  C CA . MET A 1 21  ? 1.682   29.334  -18.399 1.00 106.22 ? 21  MET A CA 1 
ATOM 19  C CA . LYS A 1 22  ? 1.624   30.698  -21.969 1.00 228.00 ? 22  LYS A CA 1 
ATOM 20  C CA . PHE A 1 23  ? 4.418   32.680  -20.306 1.00 221.47 ? 23  PHE A CA 1 
ATOM 21  C CA . SER A 1 24  ? 6.556   29.755  -19.160 1.00 227.50 ? 24  SER A CA 1 
ATOM 22  C CA . GLU A 1 25  ? 6.605   28.620  -22.836 1.00 285.92 ? 25  GLU A CA 1 
ATOM 23  C CA . GLY A 1 26  ? 7.053   32.032  -24.415 1.00 319.12 ? 26  GLY A CA 1 
ATOM 24  C CA . PHE A 1 27  ? 9.254   34.315  -22.241 1.00 335.88 ? 27  PHE A CA 1 
ATOM 25  C CA . THR A 1 28  ? 11.892  32.580  -20.017 1.00 335.88 ? 28  THR A CA 1 
ATOM 26  C CA . ARG A 1 29  ? 11.852  29.655  -17.493 1.00 335.88 ? 29  ARG A CA 1 
ATOM 27  C CA . LEU A 1 30  ? 12.388  25.879  -16.890 1.00 335.88 ? 30  LEU A CA 1 
ATOM 28  C CA . TRP A 1 31  ? 10.560  22.598  -15.884 1.00 335.88 ? 31  TRP A CA 1 
ATOM 29  C CA . PRO A 1 32  ? 7.557   20.790  -17.595 1.00 296.00 ? 32  PRO A CA 1 
ATOM 30  C CA . SER A 1 33  ? 6.163   23.437  -19.967 1.00 243.18 ? 33  SER A CA 1 
ATOM 31  C CA . VAL A 1 34  ? 3.292   21.254  -21.248 1.00 335.88 ? 34  VAL A CA 1 
ATOM 32  C CA . GLY A 1 35  ? 2.127   19.838  -17.928 1.00 245.47 ? 35  GLY A CA 1 
ATOM 33  C CA . THR A 1 36  ? 2.073   23.355  -16.514 1.00 154.21 ? 36  THR A CA 1 
ATOM 34  C CA . ILE A 1 37  ? 0.016   24.797  -19.399 1.00 125.88 ? 37  ILE A CA 1 
ATOM 35  C CA . ILE A 1 38  ? -2.711  22.235  -18.981 1.00 151.70 ? 38  ILE A CA 1 
ATOM 36  C CA . CYS A 1 39  ? -2.573  21.430  -15.276 1.00 123.68 ? 39  CYS A CA 1 
ATOM 37  C CA . TYR A 1 40  ? -3.593  25.009  -14.774 1.00 107.21 ? 40  TYR A CA 1 
ATOM 38  C CA . CYS A 1 41  ? -6.196  25.048  -17.537 1.00 128.82 ? 41  CYS A CA 1 
ATOM 39  C CA . ALA A 1 42  ? -7.216  21.815  -15.740 1.00 187.69 ? 42  ALA A CA 1 
ATOM 40  C CA . SER A 1 43  ? -8.447  23.993  -12.893 1.00 141.25 ? 43  SER A CA 1 
ATOM 41  C CA . PHE A 1 44  ? -10.553 25.455  -15.705 1.00 152.32 ? 44  PHE A CA 1 
ATOM 42  C CA . TRP A 1 45  ? -11.990 21.949  -16.244 1.00 187.89 ? 45  TRP A CA 1 
ATOM 43  C CA . LEU A 1 46  ? -13.544 22.452  -12.786 1.00 282.38 ? 46  LEU A CA 1 
ATOM 44  C CA . LEU A 1 47  ? -14.665 26.025  -13.348 1.00 117.80 ? 47  LEU A CA 1 
ATOM 45  C CA . ALA A 1 48  ? -16.630 24.544  -16.185 1.00 327.48 ? 48  ALA A CA 1 
ATOM 46  C CA . GLN A 1 49  ? -17.289 21.835  -13.582 1.00 234.14 ? 49  GLN A CA 1 
ATOM 47  C CA . THR A 1 50  ? -19.355 24.277  -11.595 1.00 249.69 ? 50  THR A CA 1 
ATOM 48  C CA . LEU A 1 51  ? -20.873 27.059  -13.713 1.00 93.06  ? 51  LEU A CA 1 
ATOM 49  C CA . ALA A 1 52  ? -24.588 27.804  -13.096 1.00 199.40 ? 52  ALA A CA 1 
ATOM 50  C CA . TYR A 1 53  ? -26.749 28.246  -16.227 1.00 275.29 ? 53  TYR A CA 1 
ATOM 51  C CA . ILE A 1 54  ? -26.663 27.080  -19.887 1.00 192.19 ? 54  ILE A CA 1 
ATOM 52  C CA . PRO A 1 55  ? -25.968 30.101  -22.116 1.00 192.05 ? 55  PRO A CA 1 
ATOM 53  C CA . THR A 1 56  ? -22.427 30.962  -20.930 1.00 326.67 ? 56  THR A CA 1 
ATOM 54  C CA . GLY A 1 57  ? -21.109 27.433  -20.560 1.00 168.24 ? 57  GLY A CA 1 
ATOM 55  C CA . ILE A 1 58  ? -22.054 27.053  -24.200 1.00 230.99 ? 58  ILE A CA 1 
ATOM 56  C CA . ALA A 1 59  ? -20.553 30.216  -25.680 1.00 280.56 ? 59  ALA A CA 1 
ATOM 57  C CA . TYR A 1 60  ? -17.494 30.698  -23.458 1.00 335.88 ? 60  TYR A CA 1 
ATOM 58  C CA . ALA A 1 61  ? -16.609 27.001  -23.462 1.00 137.29 ? 61  ALA A CA 1 
ATOM 59  C CA . ILE A 1 62  ? -16.528 27.030  -27.261 1.00 81.87  ? 62  ILE A CA 1 
ATOM 60  C CA . TRP A 1 63  ? -14.322 30.048  -27.788 1.00 332.42 ? 63  TRP A CA 1 
ATOM 61  C CA . SER A 1 64  ? -12.105 28.092  -25.396 1.00 187.69 ? 64  SER A CA 1 
ATOM 62  C CA . GLY A 1 65  ? -11.621 24.904  -27.305 1.00 110.94 ? 65  GLY A CA 1 
ATOM 63  C CA . VAL A 1 66  ? -11.374 27.300  -30.175 1.00 256.26 ? 66  VAL A CA 1 
ATOM 64  C CA . GLY A 1 67  ? -8.184  28.562  -28.582 1.00 304.05 ? 67  GLY A CA 1 
ATOM 65  C CA . ILE A 1 68  ? -6.839  25.052  -28.348 1.00 95.42  ? 68  ILE A CA 1 
ATOM 66  C CA . VAL A 1 69  ? -7.737  25.037  -31.999 1.00 209.68 ? 69  VAL A CA 1 
ATOM 67  C CA . LEU A 1 70  ? -5.109  27.695  -32.650 1.00 156.21 ? 70  LEU A CA 1 
ATOM 68  C CA . ILE A 1 71  ? -2.234  26.435  -30.560 1.00 335.88 ? 71  ILE A CA 1 
ATOM 69  C CA . SER A 1 72  ? -2.685  23.244  -32.595 1.00 274.97 ? 72  SER A CA 1 
ATOM 70  C CA . LEU A 1 73  ? -3.377  24.584  -36.079 1.00 260.46 ? 73  LEU A CA 1 
ATOM 71  C CA . LEU A 1 74  ? 0.137   25.925  -35.875 1.00 335.88 ? 74  LEU A CA 1 
ATOM 72  C CA . SER A 1 75  ? 1.881   23.652  -33.340 1.00 335.88 ? 75  SER A CA 1 
ATOM 73  C CA . TRP A 1 76  ? 4.770   25.648  -31.838 1.00 280.16 ? 76  TRP A CA 1 
ATOM 74  C CA . GLY A 1 77  ? 3.951   27.466  -28.591 1.00 335.88 ? 77  GLY A CA 1 
ATOM 75  C CA . PHE A 1 78  ? 2.257   30.862  -28.949 1.00 290.12 ? 78  PHE A CA 1 
ATOM 76  C CA . PHE A 1 79  ? -1.178  31.595  -30.480 1.00 232.52 ? 79  PHE A CA 1 
ATOM 77  C CA . GLY A 1 80  ? -1.075  29.169  -33.402 1.00 299.16 ? 80  GLY A CA 1 
ATOM 78  C CA . GLN A 1 81  ? -3.804  31.408  -34.861 1.00 335.88 ? 81  GLN A CA 1 
ATOM 79  C CA . ARG A 1 82  ? -7.070  29.561  -35.669 1.00 333.79 ? 82  ARG A CA 1 
ATOM 80  C CA . LEU A 1 83  ? -10.577 30.094  -34.285 1.00 158.00 ? 83  LEU A CA 1 
ATOM 81  C CA . ASP A 1 84  ? -14.217 30.640  -35.294 1.00 282.56 ? 84  ASP A CA 1 
ATOM 82  C CA . LEU A 1 85  ? -17.259 28.642  -34.280 1.00 154.34 ? 85  LEU A CA 1 
ATOM 83  C CA . PRO A 1 86  ? -18.942 28.246  -37.676 1.00 194.58 ? 86  PRO A CA 1 
ATOM 84  C CA . ALA A 1 87  ? -15.455 27.396  -38.939 1.00 129.16 ? 87  ALA A CA 1 
ATOM 85  C CA . ILE A 1 88  ? -15.377 24.552  -36.472 1.00 168.27 ? 88  ILE A CA 1 
ATOM 86  C CA . ILE A 1 89  ? -18.978 23.541  -37.173 1.00 150.63 ? 89  ILE A CA 1 
ATOM 87  C CA . GLY A 1 90  ? -18.054 23.650  -40.831 1.00 142.55 ? 90  GLY A CA 1 
ATOM 88  C CA . MET A 1 91  ? -14.704 21.903  -40.649 1.00 182.01 ? 91  MET A CA 1 
ATOM 89  C CA . MET A 1 92  ? -16.916 19.578  -38.613 1.00 225.45 ? 92  MET A CA 1 
ATOM 90  C CA . LEU A 1 93  ? -19.305 18.464  -41.329 1.00 285.52 ? 93  LEU A CA 1 
ATOM 91  C CA . ILE A 1 94  ? -16.303 17.803  -43.563 1.00 242.59 ? 94  ILE A CA 1 
ATOM 92  C CA . CYS A 1 95  ? -13.840 16.120  -41.203 1.00 139.88 ? 95  CYS A CA 1 
ATOM 93  C CA . ALA A 1 96  ? -16.426 13.672  -39.877 1.00 305.92 ? 96  ALA A CA 1 
ATOM 94  C CA . GLY A 1 97  ? -17.863 13.231  -43.333 1.00 226.57 ? 97  GLY A CA 1 
ATOM 95  C CA . VAL A 1 98  ? -14.757 12.022  -45.151 1.00 186.67 ? 98  VAL A CA 1 
ATOM 96  C CA . LEU A 1 99  ? -13.610 10.132  -42.071 1.00 309.99 ? 99  LEU A CA 1 
ATOM 97  C CA . ILE A 1 100 ? -16.508 7.716   -42.411 1.00 335.88 ? 100 ILE A CA 1 
ATOM 98  C CA . ILE A 1 101 ? -17.352 8.607   -46.017 1.00 272.16 ? 101 ILE A CA 1 
ATOM 99  C CA . ASN A 1 102 ? -13.978 7.392   -47.155 1.00 96.45  ? 102 ASN A CA 1 
ATOM 100 C CA . LEU A 1 103 ? -13.934 4.697   -44.443 1.00 267.12 ? 103 LEU A CA 1 
ATOM 101 C CA . LEU A 1 104 ? -17.323 3.306   -45.553 1.00 247.21 ? 104 LEU A CA 1 
ATOM 102 C CA . SER A 1 105 ? -16.609 3.816   -49.259 1.00 335.88 ? 105 SER A CA 1 
ATOM 103 C CA . ARG A 1 106 ? -13.629 1.545   -48.580 1.00 335.88 ? 106 ARG A CA 1 
ATOM 104 C CA . SER A 1 107 ? -15.509 -0.879  -46.245 1.00 335.88 ? 107 SER A CA 1 
ATOM 105 C CA . THR A 1 108 ? -17.943 -2.015  -48.975 1.00 335.88 ? 108 THR A CA 1 
ATOM 106 C CA . PRO A 1 109 ? -16.740 -0.576  -52.324 1.00 335.88 ? 109 PRO A CA 1 
ATOM 107 C CA . HIS A 1 110 ? -13.460 -2.461  -51.610 1.00 335.88 ? 110 HIS A CA 1 
ATOM 108 C CA . TYR B 1 4   ? 15.682  5.646   -33.066 1.00 268.37 ? 4   TYR B CA 1 
ATOM 109 C CA . ILE B 1 5   ? 14.007  3.213   -30.640 1.00 335.88 ? 5   ILE B CA 1 
ATOM 110 C CA . TYR B 1 6   ? 15.853  5.225   -27.948 1.00 335.88 ? 6   TYR B CA 1 
ATOM 111 C CA . LEU B 1 7   ? 13.408  8.101   -27.871 1.00 335.88 ? 7   LEU B CA 1 
ATOM 112 C CA . GLY B 1 8   ? 11.228  5.096   -28.594 1.00 335.88 ? 8   GLY B CA 1 
ATOM 113 C CA . GLY B 1 9   ? 12.049  4.154   -25.043 1.00 335.88 ? 9   GLY B CA 1 
ATOM 114 C CA . ALA B 1 10  ? 10.390  7.470   -24.253 1.00 335.88 ? 10  ALA B CA 1 
ATOM 115 C CA . ILE B 1 11  ? 7.769   6.653   -26.888 1.00 248.42 ? 11  ILE B CA 1 
ATOM 116 C CA . LEU B 1 12  ? 5.785   3.800   -25.370 1.00 130.58 ? 12  LEU B CA 1 
ATOM 117 C CA . ALA B 1 13  ? 7.086   4.724   -21.876 1.00 229.04 ? 13  ALA B CA 1 
ATOM 118 C CA . GLU B 1 14  ? 4.606   7.536   -21.921 1.00 161.47 ? 14  GLU B CA 1 
ATOM 119 C CA . VAL B 1 15  ? 1.925   5.922   -24.073 1.00 193.87 ? 15  VAL B CA 1 
ATOM 120 C CA . ILE B 1 16  ? 1.918   3.269   -21.351 1.00 153.48 ? 16  ILE B CA 1 
ATOM 121 C CA . GLY B 1 17  ? 2.142   5.531   -18.401 1.00 169.49 ? 17  GLY B CA 1 
ATOM 122 C CA . THR B 1 18  ? -0.499  7.476   -20.331 1.00 335.88 ? 18  THR B CA 1 
ATOM 123 C CA . THR B 1 19  ? -3.107  4.746   -20.112 1.00 63.58  ? 19  THR B CA 1 
ATOM 124 C CA . LEU B 1 20  ? -1.463  3.773   -16.815 1.00 61.86  ? 20  LEU B CA 1 
ATOM 125 C CA . MET B 1 21  ? -2.901  7.048   -15.570 1.00 335.88 ? 21  MET B CA 1 
ATOM 126 C CA . LYS B 1 22  ? -6.244  6.874   -17.296 1.00 130.46 ? 22  LYS B CA 1 
ATOM 127 C CA . PHE B 1 23  ? -6.182  3.443   -15.710 1.00 187.22 ? 23  PHE B CA 1 
ATOM 128 C CA . SER B 1 24  ? -4.463  3.684   -12.271 1.00 298.87 ? 24  SER B CA 1 
ATOM 129 C CA . GLU B 1 25  ? -6.681  6.475   -11.065 1.00 335.88 ? 25  GLU B CA 1 
ATOM 130 C CA . GLY B 1 26  ? -9.257  3.920   -12.017 1.00 243.55 ? 26  GLY B CA 1 
ATOM 131 C CA . PHE B 1 27  ? -10.687 7.199   -13.169 1.00 335.88 ? 27  PHE B CA 1 
ATOM 132 C CA . THR B 1 28  ? -12.059 7.945   -9.655  1.00 335.88 ? 28  THR B CA 1 
ATOM 133 C CA . ARG B 1 29  ? -10.876 7.621   -5.973  1.00 335.88 ? 29  ARG B CA 1 
ATOM 134 C CA . LEU B 1 30  ? -11.097 10.851  -3.894  1.00 335.88 ? 30  LEU B CA 1 
ATOM 135 C CA . TRP B 1 31  ? -8.198  13.377  -3.971  1.00 335.88 ? 31  TRP B CA 1 
ATOM 136 C CA . PRO B 1 32  ? -6.742  14.929  -7.164  1.00 194.17 ? 32  PRO B CA 1 
ATOM 137 C CA . SER B 1 33  ? -6.565  11.373  -8.451  1.00 204.78 ? 33  SER B CA 1 
ATOM 138 C CA . VAL B 1 34  ? -8.914  12.385  -11.234 1.00 296.80 ? 34  VAL B CA 1 
ATOM 139 C CA . GLY B 1 35  ? -6.245  15.090  -11.563 1.00 142.88 ? 35  GLY B CA 1 
ATOM 140 C CA . THR B 1 36  ? -3.648  12.417  -11.842 1.00 185.16 ? 36  THR B CA 1 
ATOM 141 C CA . ILE B 1 37  ? -5.260  11.741  -15.213 1.00 240.13 ? 37  ILE B CA 1 
ATOM 142 C CA . ILE B 1 38  ? -4.348  15.331  -15.821 1.00 136.98 ? 38  ILE B CA 1 
ATOM 143 C CA . CYS B 1 39  ? -0.643  14.702  -15.345 1.00 123.68 ? 39  CYS B CA 1 
ATOM 144 C CA . TYR B 1 40  ? 0.053   11.528  -17.438 1.00 208.24 ? 40  TYR B CA 1 
ATOM 145 C CA . CYS B 1 41  ? -2.200  12.292  -20.360 1.00 148.39 ? 41  CYS B CA 1 
ATOM 146 C CA . ALA B 1 42  ? 0.225   15.284  -20.379 1.00 162.66 ? 42  ALA B CA 1 
ATOM 147 C CA . SER B 1 43  ? 2.914   12.600  -20.506 1.00 154.27 ? 43  SER B CA 1 
ATOM 148 C CA . PHE B 1 44  ? 1.298   11.526  -23.785 1.00 107.07 ? 44  PHE B CA 1 
ATOM 149 C CA . TRP B 1 45  ? 2.255   15.069  -24.815 1.00 196.86 ? 45  TRP B CA 1 
ATOM 150 C CA . LEU B 1 46  ? 5.928   14.450  -24.107 1.00 75.55  ? 46  LEU B CA 1 
ATOM 151 C CA . LEU B 1 47  ? 5.657   11.057  -25.771 1.00 181.97 ? 47  LEU B CA 1 
ATOM 152 C CA . ALA B 1 48  ? 4.780   12.813  -28.967 1.00 99.93  ? 48  ALA B CA 1 
ATOM 153 C CA . GLN B 1 49  ? 7.534   15.221  -27.829 1.00 156.22 ? 49  GLN B CA 1 
ATOM 154 C CA . THR B 1 50  ? 10.452  12.778  -28.032 1.00 233.31 ? 50  THR B CA 1 
ATOM 155 C CA . LEU B 1 51  ? 9.149   11.585  -31.428 1.00 131.48 ? 51  LEU B CA 1 
ATOM 156 C CA . ALA B 1 52  ? 11.172  13.478  -34.013 1.00 261.77 ? 52  ALA B CA 1 
ATOM 157 C CA . TYR B 1 53  ? 13.039  11.817  -36.867 1.00 141.24 ? 53  TYR B CA 1 
ATOM 158 C CA . ILE B 1 54  ? 12.507  12.459  -40.581 1.00 335.88 ? 54  ILE B CA 1 
ATOM 159 C CA . PRO B 1 55  ? 10.599  15.511  -41.913 1.00 276.82 ? 55  PRO B CA 1 
ATOM 160 C CA . THR B 1 56  ? 7.523   13.616  -43.147 1.00 296.68 ? 56  THR B CA 1 
ATOM 161 C CA . GLY B 1 57  ? 7.373   11.735  -39.861 1.00 304.99 ? 57  GLY B CA 1 
ATOM 162 C CA . ILE B 1 58  ? 6.949   14.980  -37.956 1.00 335.88 ? 58  ILE B CA 1 
ATOM 163 C CA . ALA B 1 59  ? 4.354   15.966  -40.544 1.00 286.08 ? 59  ALA B CA 1 
ATOM 164 C CA . TYR B 1 60  ? 2.463   12.820  -39.530 1.00 126.63 ? 60  TYR B CA 1 
ATOM 165 C CA . ALA B 1 61  ? 3.088   13.283  -35.821 1.00 262.11 ? 61  ALA B CA 1 
ATOM 166 C CA . ILE B 1 62  ? 1.497   16.697  -35.280 1.00 194.89 ? 62  ILE B CA 1 
ATOM 167 C CA . TRP B 1 63  ? -0.851  15.814  -38.181 1.00 77.17  ? 63  TRP B CA 1 
ATOM 168 C CA . SER B 1 64  ? -2.419  13.126  -36.032 1.00 157.80 ? 64  SER B CA 1 
ATOM 169 C CA . GLY B 1 65  ? -2.292  15.567  -33.168 1.00 110.39 ? 65  GLY B CA 1 
ATOM 170 C CA . VAL B 1 66  ? -4.668  17.316  -35.563 1.00 142.55 ? 66  VAL B CA 1 
ATOM 171 C CA . GLY B 1 67  ? -7.380  14.747  -35.766 1.00 183.70 ? 67  GLY B CA 1 
ATOM 172 C CA . ILE B 1 68  ? -6.863  14.940  -32.029 1.00 171.61 ? 68  ILE B CA 1 
ATOM 173 C CA . VAL B 1 69  ? -7.741  18.620  -31.547 1.00 180.10 ? 69  VAL B CA 1 
ATOM 174 C CA . LEU B 1 70  ? -10.685 17.588  -33.607 1.00 173.06 ? 70  LEU B CA 1 
ATOM 175 C CA . ILE B 1 71  ? -11.167 14.651  -31.239 1.00 116.71 ? 71  ILE B CA 1 
ATOM 176 C CA . SER B 1 72  ? -11.792 17.451  -28.721 1.00 189.87 ? 72  SER B CA 1 
ATOM 177 C CA . LEU B 1 73  ? -13.679 20.095  -30.638 1.00 181.65 ? 73  LEU B CA 1 
ATOM 178 C CA . LEU B 1 74  ? -15.877 17.126  -31.381 1.00 118.16 ? 74  LEU B CA 1 
ATOM 179 C CA . SER B 1 75  ? -15.120 15.596  -27.969 1.00 249.83 ? 75  SER B CA 1 
ATOM 180 C CA . TRP B 1 76  ? -18.316 17.021  -26.517 1.00 335.88 ? 76  TRP B CA 1 
ATOM 181 C CA . GLY B 1 77  ? -19.119 17.248  -30.204 1.00 225.95 ? 77  GLY B CA 1 
ATOM 182 C CA . PHE B 1 78  ? -21.022 20.357  -29.264 1.00 335.88 ? 78  PHE B CA 1 
ATOM 183 C CA . PHE B 1 79  ? -24.195 19.344  -31.158 1.00 335.88 ? 79  PHE B CA 1 
ATOM 184 C CA . GLY B 1 80  ? -24.169 15.615  -30.555 1.00 312.06 ? 80  GLY B CA 1 
ATOM 185 C CA . GLN B 1 81  ? -22.016 12.551  -31.274 1.00 335.88 ? 81  GLN B CA 1 
ATOM 186 C CA . ARG B 1 82  ? -24.423 9.805   -32.441 1.00 335.88 ? 82  ARG B CA 1 
ATOM 187 C CA . LEU B 1 83  ? -27.345 11.193  -34.505 1.00 335.88 ? 83  LEU B CA 1 
ATOM 188 C CA . ASP B 1 84  ? -28.120 12.039  -38.120 1.00 207.49 ? 84  ASP B CA 1 
ATOM 189 C CA . LEU B 1 85  ? -26.309 15.203  -37.087 1.00 228.12 ? 85  LEU B CA 1 
ATOM 190 C CA . PRO B 1 86  ? -27.438 17.562  -37.570 1.00 335.88 ? 86  PRO B CA 1 
ATOM 191 C CA . ALA B 1 87  ? -30.848 16.078  -38.423 1.00 335.88 ? 87  ALA B CA 1 
ATOM 192 C CA . ILE B 1 88  ? -29.451 17.911  -41.460 1.00 335.88 ? 88  ILE B CA 1 
ATOM 193 C CA . ILE B 1 89  ? -26.575 15.556  -42.384 1.00 272.63 ? 89  ILE B CA 1 
ATOM 194 C CA . GLY B 1 90  ? -29.755 13.751  -43.213 1.00 220.47 ? 90  GLY B CA 1 
ATOM 195 C CA . MET B 1 91  ? -31.783 16.792  -44.313 1.00 273.99 ? 91  MET B CA 1 
ATOM 196 C CA . MET B 1 92  ? -29.124 17.803  -46.854 1.00 304.85 ? 92  MET B CA 1 
ATOM 197 C CA . LEU B 1 93  ? -29.475 14.230  -48.073 1.00 223.79 ? 93  LEU B CA 1 
ATOM 198 C CA . ILE B 1 94  ? -33.297 14.002  -48.129 1.00 203.26 ? 94  ILE B CA 1 
ATOM 199 C CA . CYS B 1 95  ? -34.011 17.428  -49.423 1.00 295.29 ? 95  CYS B CA 1 
ATOM 200 C CA . ALA B 1 96  ? -31.131 17.108  -51.960 1.00 292.71 ? 96  ALA B CA 1 
ATOM 201 C CA . GLY B 1 97  ? -33.014 14.248  -53.540 1.00 202.71 ? 97  GLY B CA 1 
ATOM 202 C CA . VAL B 1 98  ? -36.147 16.400  -53.875 1.00 265.22 ? 98  VAL B CA 1 
ATOM 203 C CA . LEU B 1 99  ? -33.867 18.766  -55.799 1.00 147.41 ? 99  LEU B CA 1 
ATOM 204 C CA . ILE B 1 100 ? -32.987 16.039  -58.253 1.00 210.44 ? 100 ILE B CA 1 
ATOM 205 C CA . ILE B 1 101 ? -36.803 15.667  -58.548 1.00 296.83 ? 101 ILE B CA 1 
ATOM 206 C CA . ASN B 1 102 ? -37.449 19.376  -59.097 1.00 264.33 ? 102 ASN B CA 1 
ATOM 207 C CA . LEU B 1 103 ? -34.876 19.754  -61.901 1.00 312.32 ? 103 LEU B CA 1 
ATOM 208 C CA . LEU B 1 104 ? -34.435 16.310  -63.462 1.00 265.21 ? 104 LEU B CA 1 
ATOM 209 C CA . SER B 1 105 ? -37.966 15.045  -62.760 1.00 335.88 ? 105 SER B CA 1 
ATOM 210 C CA . ARG B 1 106 ? -39.704 18.302  -63.756 1.00 316.28 ? 106 ARG B CA 1 
ATOM 211 C CA . SER B 1 107 ? -38.277 18.063  -67.293 1.00 335.88 ? 107 SER B CA 1 
ATOM 212 C CA . THR B 1 108 ? -38.721 14.322  -67.963 1.00 335.88 ? 108 THR B CA 1 
ATOM 213 C CA . PRO B 1 109 ? -42.063 13.223  -66.517 1.00 335.88 ? 109 PRO B CA 1 
ATOM 214 C CA . HIS B 1 110 ? -44.099 16.241  -65.322 1.00 335.88 ? 110 HIS B CA 1 
ATOM 215 C CA . TYR C 1 4   ? 1.144   39.675  0.378   1.00 335.88 ? 4   TYR C CA 1 
ATOM 216 C CA . ILE C 1 5   ? 0.319   36.528  -1.646  1.00 163.39 ? 5   ILE C CA 1 
ATOM 217 C CA . TYR C 1 6   ? -3.412  36.055  -1.016  1.00 270.26 ? 6   TYR C CA 1 
ATOM 218 C CA . LEU C 1 7   ? -4.235  39.683  -1.662  1.00 255.91 ? 7   LEU C CA 1 
ATOM 219 C CA . GLY C 1 8   ? -1.682  39.823  -4.476  1.00 257.11 ? 8   GLY C CA 1 
ATOM 220 C CA . GLY C 1 9   ? -3.542  37.376  -6.664  1.00 159.76 ? 9   GLY C CA 1 
ATOM 221 C CA . ALA C 1 10  ? -6.950  38.163  -5.158  1.00 212.81 ? 10  ALA C CA 1 
ATOM 222 C CA . ILE C 1 11  ? -7.250  41.724  -6.399  1.00 288.75 ? 11  ILE C CA 1 
ATOM 223 C CA . LEU C 1 12  ? -5.504  40.454  -9.497  1.00 169.32 ? 12  LEU C CA 1 
ATOM 224 C CA . ALA C 1 13  ? -8.769  38.593  -10.067 1.00 326.80 ? 13  ALA C CA 1 
ATOM 225 C CA . GLU C 1 14  ? -10.484 41.947  -9.683  1.00 175.59 ? 14  GLU C CA 1 
ATOM 226 C CA . VAL C 1 15  ? -8.064  43.296  -12.228 1.00 114.40 ? 15  VAL C CA 1 
ATOM 227 C CA . ILE C 1 16  ? -9.855  40.723  -14.323 1.00 190.19 ? 16  ILE C CA 1 
ATOM 228 C CA . GLY C 1 17  ? -12.852 42.781  -13.572 1.00 83.71  ? 17  GLY C CA 1 
ATOM 229 C CA . THR C 1 18  ? -11.305 45.890  -15.251 1.00 287.04 ? 18  THR C CA 1 
ATOM 230 C CA . THR C 1 19  ? -11.422 43.704  -18.283 1.00 152.62 ? 19  THR C CA 1 
ATOM 231 C CA . LEU C 1 20  ? -15.091 42.832  -17.721 1.00 203.45 ? 20  LEU C CA 1 
ATOM 232 C CA . MET C 1 21  ? -15.540 46.604  -17.987 1.00 173.11 ? 21  MET C CA 1 
ATOM 233 C CA . LYS C 1 22  ? -13.792 47.322  -21.291 1.00 220.66 ? 22  LYS C CA 1 
ATOM 234 C CA . PHE C 1 23  ? -16.601 44.965  -22.295 1.00 212.93 ? 23  PHE C CA 1 
ATOM 235 C CA . SER C 1 24  ? -19.518 47.012  -20.941 1.00 170.00 ? 24  SER C CA 1 
ATOM 236 C CA . GLU C 1 25  ? -18.254 49.904  -23.142 1.00 245.73 ? 25  GLU C CA 1 
ATOM 237 C CA . GLY C 1 26  ? -17.368 47.882  -26.209 1.00 275.71 ? 26  GLY C CA 1 
ATOM 238 C CA . PHE C 1 27  ? -19.824 44.960  -26.706 1.00 335.88 ? 27  PHE C CA 1 
ATOM 239 C CA . THR C 1 28  ? -23.415 45.441  -25.367 1.00 335.88 ? 28  THR C CA 1 
ATOM 240 C CA . ARG C 1 29  ? -24.953 46.569  -22.010 1.00 335.88 ? 29  ARG C CA 1 
ATOM 241 C CA . LEU C 1 30  ? -26.368 49.488  -19.910 1.00 335.88 ? 30  LEU C CA 1 
ATOM 242 C CA . TRP C 1 31  ? -25.736 51.611  -16.716 1.00 335.88 ? 31  TRP C CA 1 
ATOM 243 C CA . PRO C 1 32  ? -22.697 53.857  -15.752 1.00 272.94 ? 32  PRO C CA 1 
ATOM 244 C CA . SER C 1 33  ? -19.993 52.775  -18.217 1.00 140.65 ? 33  SER C CA 1 
ATOM 245 C CA . VAL C 1 34  ? -17.285 55.078  -16.795 1.00 319.02 ? 34  VAL C CA 1 
ATOM 246 C CA . GLY C 1 35  ? -17.867 54.427  -13.094 1.00 212.53 ? 35  GLY C CA 1 
ATOM 247 C CA . THR C 1 36  ? -17.777 50.686  -13.775 1.00 197.07 ? 36  THR C CA 1 
ATOM 248 C CA . ILE C 1 37  ? -14.481 50.839  -15.724 1.00 136.78 ? 37  ILE C CA 1 
ATOM 249 C CA . ILE C 1 38  ? -12.687 52.587  -12.925 1.00 112.30 ? 38  ILE C CA 1 
ATOM 250 C CA . CYS C 1 39  ? -14.506 51.368  -9.835  1.00 124.02 ? 39  CYS C CA 1 
ATOM 251 C CA . TYR C 1 40  ? -13.142 47.994  -10.781 1.00 158.28 ? 40  TYR C CA 1 
ATOM 252 C CA . CYS C 1 41  ? -9.685  49.245  -11.697 1.00 133.23 ? 41  CYS C CA 1 
ATOM 253 C CA . ALA C 1 42  ? -10.086 50.941  -8.293  1.00 239.81 ? 42  ALA C CA 1 
ATOM 254 C CA . SER C 1 43  ? -9.781  47.507  -6.718  1.00 157.45 ? 43  SER C CA 1 
ATOM 255 C CA . PHE C 1 44  ? -6.474  47.614  -8.595  1.00 116.39 ? 44  PHE C CA 1 
ATOM 256 C CA . TRP C 1 45  ? -5.624  50.760  -6.577  1.00 206.38 ? 45  TRP C CA 1 
ATOM 257 C CA . LEU C 1 46  ? -5.548  48.404  -3.594  1.00 190.10 ? 46  LEU C CA 1 
ATOM 258 C CA . LEU C 1 47  ? -3.659  45.574  -5.305  1.00 125.71 ? 47  LEU C CA 1 
ATOM 259 C CA . ALA C 1 48  ? -1.001  48.179  -5.788  1.00 335.88 ? 48  ALA C CA 1 
ATOM 260 C CA . GLN C 1 49  ? -1.985  49.091  -2.205  1.00 335.88 ? 49  GLN C CA 1 
ATOM 261 C CA . THR C 1 50  ? -0.523  45.792  -1.021  1.00 335.88 ? 50  THR C CA 1 
ATOM 262 C CA . LEU C 1 51  ? 2.218   44.432  -3.320  1.00 119.26 ? 51  LEU C CA 1 
ATOM 263 C CA . ALA C 1 52  ? 5.401   43.204  -1.568  1.00 302.74 ? 52  ALA C CA 1 
ATOM 264 C CA . TYR C 1 53  ? 8.713   44.323  -3.146  1.00 335.88 ? 53  TYR C CA 1 
ATOM 265 C CA . ILE C 1 54  ? 9.942   47.266  -5.311  1.00 335.88 ? 54  ILE C CA 1 
ATOM 266 C CA . PRO C 1 55  ? 10.788  45.928  -8.802  1.00 282.25 ? 55  PRO C CA 1 
ATOM 267 C CA . THR C 1 56  ? 7.287   44.827  -9.933  1.00 335.88 ? 56  THR C CA 1 
ATOM 268 C CA . GLY C 1 57  ? 5.315   47.718  -8.492  1.00 221.72 ? 57  GLY C CA 1 
ATOM 269 C CA . ILE C 1 58  ? 7.610   49.898  -10.570 1.00 242.70 ? 58  ILE C CA 1 
ATOM 270 C CA . ALA C 1 59  ? 7.450   48.101  -13.900 1.00 149.08 ? 59  ALA C CA 1 
ATOM 271 C CA . TYR C 1 60  ? 3.883   46.731  -13.889 1.00 335.88 ? 60  TYR C CA 1 
ATOM 272 C CA . ALA C 1 61  ? 2.419   49.909  -12.416 1.00 140.11 ? 61  ALA C CA 1 
ATOM 273 C CA . ILE C 1 62  ? 3.936   51.946  -15.290 1.00 184.68 ? 62  ILE C CA 1 
ATOM 274 C CA . TRP C 1 63  ? 2.716   49.818  -18.195 1.00 136.18 ? 63  TRP C CA 1 
ATOM 275 C CA . SER C 1 64  ? -0.631  50.351  -16.428 1.00 151.64 ? 64  SER C CA 1 
ATOM 276 C CA . GLY C 1 65  ? -0.825  54.102  -16.458 1.00 208.07 ? 65  GLY C CA 1 
ATOM 277 C CA . VAL C 1 66  ? 0.587   53.596  -19.895 1.00 226.47 ? 66  VAL C CA 1 
ATOM 278 C CA . GLY C 1 67  ? -2.697  51.890  -20.758 1.00 132.07 ? 67  GLY C CA 1 
ATOM 279 C CA . ILE C 1 68  ? -4.653  54.836  -19.423 1.00 139.95 ? 68  ILE C CA 1 
ATOM 280 C CA . VAL C 1 69  ? -2.328  56.727  -21.738 1.00 212.40 ? 69  VAL C CA 1 
ATOM 281 C CA . LEU C 1 70  ? -3.893  55.018  -24.761 1.00 76.11  ? 70  LEU C CA 1 
ATOM 282 C CA . ILE C 1 71  ? -7.564  55.203  -23.822 1.00 252.71 ? 71  ILE C CA 1 
ATOM 283 C CA . SER C 1 72  ? -6.905  58.924  -23.544 1.00 247.77 ? 72  SER C CA 1 
ATOM 284 C CA . LEU C 1 73  ? -4.604  59.564  -26.493 1.00 224.35 ? 73  LEU C CA 1 
ATOM 285 C CA . LEU C 1 74  ? -7.567  58.577  -28.565 1.00 230.04 ? 74  LEU C CA 1 
ATOM 286 C CA . SER C 1 75  ? -10.581 59.321  -26.335 1.00 315.10 ? 75  SER C CA 1 
ATOM 287 C CA . TRP C 1 76  ? -13.418 57.025  -27.491 1.00 335.88 ? 76  TRP C CA 1 
ATOM 288 C CA . GLY C 1 77  ? -13.727 53.717  -25.639 1.00 335.88 ? 77  GLY C CA 1 
ATOM 289 C CA . PHE C 1 78  ? -11.444 50.915  -26.872 1.00 321.25 ? 78  PHE C CA 1 
ATOM 290 C CA . PHE C 1 79  ? -7.612  50.841  -26.843 1.00 323.83 ? 79  PHE C CA 1 
ATOM 291 C CA . GLY C 1 80  ? -6.924  54.464  -27.833 1.00 317.49 ? 80  GLY C CA 1 
ATOM 292 C CA . GLN C 1 81  ? -3.487  53.142  -28.813 1.00 334.44 ? 81  GLN C CA 1 
ATOM 293 C CA . ARG C 1 82  ? -0.577  54.874  -27.024 1.00 220.06 ? 82  ARG C CA 1 
ATOM 294 C CA . LEU C 1 83  ? 2.089   53.445  -24.716 1.00 329.16 ? 83  LEU C CA 1 
ATOM 295 C CA . ASP C 1 84  ? 5.849   53.257  -24.115 1.00 291.08 ? 84  ASP C CA 1 
ATOM 296 C CA . LEU C 1 85  ? 7.755   54.217  -20.983 1.00 276.14 ? 85  LEU C CA 1 
ATOM 297 C CA . PRO C 1 86  ? 10.617  56.233  -22.571 1.00 308.26 ? 86  PRO C CA 1 
ATOM 298 C CA . ALA C 1 87  ? 7.892   57.855  -24.619 1.00 312.91 ? 87  ALA C CA 1 
ATOM 299 C CA . ILE C 1 88  ? 6.252   58.959  -21.407 1.00 249.42 ? 88  ILE C CA 1 
ATOM 300 C CA . ILE C 1 89  ? 9.571   59.919  -19.867 1.00 204.03 ? 89  ILE C CA 1 
ATOM 301 C CA . GLY C 1 90  ? 10.294  61.802  -23.064 1.00 174.26 ? 90  GLY C CA 1 
ATOM 302 C CA . MET C 1 91  ? 6.917   63.424  -23.488 1.00 128.57 ? 91  MET C CA 1 
ATOM 303 C CA . MET C 1 92  ? 7.622   64.193  -19.835 1.00 241.91 ? 92  MET C CA 1 
ATOM 304 C CA . LEU C 1 93  ? 10.683  66.386  -20.203 1.00 135.84 ? 93  LEU C CA 1 
ATOM 305 C CA . ILE C 1 94  ? 8.807   68.337  -22.870 1.00 159.78 ? 94  ILE C CA 1 
ATOM 306 C CA . CYS C 1 95  ? 5.308   68.699  -21.377 1.00 221.93 ? 95  CYS C CA 1 
ATOM 307 C CA . ALA C 1 96  ? 6.629   69.879  -18.040 1.00 177.16 ? 96  ALA C CA 1 
ATOM 308 C CA . GLY C 1 97  ? 9.264   71.983  -19.732 1.00 188.86 ? 97  GLY C CA 1 
ATOM 309 C CA . VAL C 1 98  ? 7.014   74.187  -21.841 1.00 130.17 ? 98  VAL C CA 1 
ATOM 310 C CA . LEU C 1 99  ? 4.384   74.257  -19.151 1.00 184.18 ? 99  LEU C CA 1 
ATOM 311 C CA . ILE C 1 100 ? 6.647   76.270  -16.895 1.00 256.12 ? 100 ILE C CA 1 
ATOM 312 C CA . ILE C 1 101 ? 9.057   77.337  -19.626 1.00 215.51 ? 101 ILE C CA 1 
ATOM 313 C CA . ASN C 1 102 ? 6.284   79.213  -21.349 1.00 154.45 ? 102 ASN C CA 1 
ATOM 314 C CA . LEU C 1 103 ? 4.664   80.053  -18.028 1.00 264.93 ? 103 LEU C CA 1 
ATOM 315 C CA . LEU C 1 104 ? 7.871   81.581  -16.651 1.00 150.91 ? 104 LEU C CA 1 
ATOM 316 C CA . SER C 1 105 ? 8.875   83.166  -19.992 1.00 335.88 ? 105 SER C CA 1 
ATOM 317 C CA . ARG C 1 106 ? 5.536   84.952  -19.681 1.00 335.88 ? 106 ARG C CA 1 
ATOM 318 C CA . SER C 1 107 ? 5.804   85.640  -15.899 1.00 335.88 ? 107 SER C CA 1 
ATOM 319 C CA . THR C 1 108 ? 8.895   87.866  -16.260 1.00 335.88 ? 108 THR C CA 1 
ATOM 320 C CA . PRO C 1 109 ? 9.457   88.494  -20.005 1.00 335.88 ? 109 PRO C CA 1 
ATOM 321 C CA . HIS C 1 110 ? 5.904   89.954  -19.990 1.00 335.88 ? 110 HIS C CA 1 
ATOM 322 C CA . TYR D 1 4   ? -26.064 74.960  -25.174 1.00 335.88 ? 4   TYR D CA 1 
ATOM 323 C CA . ILE D 1 5   ? -26.218 75.740  -21.423 1.00 335.88 ? 5   ILE D CA 1 
ATOM 324 C CA . TYR D 1 6   ? -28.558 72.696  -21.284 1.00 281.78 ? 6   TYR D CA 1 
ATOM 325 C CA . LEU D 1 7   ? -25.856 70.095  -21.363 1.00 209.33 ? 7   LEU D CA 1 
ATOM 326 C CA . GLY D 1 8   ? -24.309 72.946  -19.440 1.00 308.68 ? 8   GLY D CA 1 
ATOM 327 C CA . GLY D 1 9   ? -26.818 71.968  -16.810 1.00 183.39 ? 9   GLY D CA 1 
ATOM 328 C CA . ALA D 1 10  ? -24.993 68.689  -16.932 1.00 149.88 ? 10  ALA D CA 1 
ATOM 329 C CA . ILE D 1 11  ? -21.722 70.623  -17.171 1.00 157.68 ? 11  ILE D CA 1 
ATOM 330 C CA . LEU D 1 12  ? -21.259 72.196  -13.755 1.00 96.51  ? 12  LEU D CA 1 
ATOM 331 C CA . ALA D 1 13  ? -23.754 69.682  -12.270 1.00 233.98 ? 13  ALA D CA 1 
ATOM 332 C CA . GLU D 1 14  ? -20.957 67.195  -12.390 1.00 78.91  ? 14  GLU D CA 1 
ATOM 333 C CA . VAL D 1 15  ? -18.015 69.580  -11.886 1.00 135.64 ? 15  VAL D CA 1 
ATOM 334 C CA . ILE D 1 16  ? -19.814 70.430  -8.651  1.00 335.88 ? 16  ILE D CA 1 
ATOM 335 C CA . GLY D 1 17  ? -20.818 67.000  -7.616  1.00 60.83  ? 17  GLY D CA 1 
ATOM 336 C CA . THR D 1 18  ? -17.242 66.204  -8.656  1.00 322.02 ? 18  THR D CA 1 
ATOM 337 C CA . THR D 1 19  ? -15.693 68.318  -5.950  1.00 92.55  ? 19  THR D CA 1 
ATOM 338 C CA . LEU D 1 20  ? -18.788 67.559  -3.918  1.00 168.02 ? 20  LEU D CA 1 
ATOM 339 C CA . MET D 1 21  ? -17.355 64.035  -3.788  1.00 296.27 ? 21  MET D CA 1 
ATOM 340 C CA . LYS D 1 22  ? -13.693 64.943  -3.309  1.00 155.68 ? 22  LYS D CA 1 
ATOM 341 C CA . PHE D 1 23  ? -15.236 67.075  -0.569  1.00 236.29 ? 23  PHE D CA 1 
ATOM 342 C CA . SER D 1 24  ? -18.226 65.172  0.977   1.00 335.88 ? 24  SER D CA 1 
ATOM 343 C CA . GLU D 1 25  ? -16.197 62.062  1.673   1.00 335.88 ? 25  GLU D CA 1 
ATOM 344 C CA . GLY D 1 26  ? -14.072 64.634  3.439   1.00 335.88 ? 26  GLY D CA 1 
ATOM 345 C CA . PHE D 1 27  ? -11.586 62.356  1.771   1.00 335.88 ? 27  PHE D CA 1 
ATOM 346 C CA . THR D 1 28  ? -11.798 59.861  4.686   1.00 335.88 ? 28  THR D CA 1 
ATOM 347 C CA . ARG D 1 29  ? -14.548 58.304  6.962   1.00 261.40 ? 29  ARG D CA 1 
ATOM 348 C CA . LEU D 1 30  ? -14.544 54.450  7.116   1.00 335.88 ? 30  LEU D CA 1 
ATOM 349 C CA . TRP D 1 31  ? -16.479 52.453  4.445   1.00 335.88 ? 31  TRP D CA 1 
ATOM 350 C CA . PRO D 1 32  ? -15.995 52.813  0.650   1.00 260.26 ? 32  PRO D CA 1 
ATOM 351 C CA . SER D 1 33  ? -16.360 56.519  1.269   1.00 218.01 ? 33  SER D CA 1 
ATOM 352 C CA . VAL D 1 34  ? -12.871 56.999  -0.093  1.00 169.65 ? 34  VAL D CA 1 
ATOM 353 C CA . GLY D 1 35  ? -14.399 54.931  -2.901  1.00 253.06 ? 35  GLY D CA 1 
ATOM 354 C CA . THR D 1 36  ? -17.142 57.490  -3.138  1.00 211.93 ? 36  THR D CA 1 
ATOM 355 C CA . ILE D 1 37  ? -14.398 59.709  -4.510  1.00 97.98  ? 37  ILE D CA 1 
ATOM 356 C CA . ILE D 1 38  ? -14.117 56.993  -7.080  1.00 167.56 ? 38  ILE D CA 1 
ATOM 357 C CA . CYS D 1 39  ? -17.707 57.461  -8.280  1.00 147.28 ? 39  CYS D CA 1 
ATOM 358 C CA . TYR D 1 40  ? -18.093 61.277  -8.668  1.00 111.05 ? 40  TYR D CA 1 
ATOM 359 C CA . CYS D 1 41  ? -14.663 62.015  -10.054 1.00 133.55 ? 41  CYS D CA 1 
ATOM 360 C CA . ALA D 1 42  ? -16.109 59.554  -12.658 1.00 149.10 ? 42  ALA D CA 1 
ATOM 361 C CA . SER D 1 43  ? -18.989 62.014  -12.877 1.00 164.38 ? 43  SER D CA 1 
ATOM 362 C CA . PHE D 1 44  ? -16.363 64.541  -13.983 1.00 78.13  ? 44  PHE D CA 1 
ATOM 363 C CA . TRP D 1 45  ? -15.960 62.087  -16.841 1.00 102.72 ? 45  TRP D CA 1 
ATOM 364 C CA . LEU D 1 46  ? -19.597 62.427  -17.829 1.00 174.78 ? 46  LEU D CA 1 
ATOM 365 C CA . LEU D 1 47  ? -19.400 66.167  -17.366 1.00 202.29 ? 47  LEU D CA 1 
ATOM 366 C CA . ALA D 1 48  ? -16.846 66.264  -20.117 1.00 186.44 ? 48  ALA D CA 1 
ATOM 367 C CA . GLN D 1 49  ? -19.169 63.727  -21.739 1.00 335.88 ? 49  GLN D CA 1 
ATOM 368 C CA . THR D 1 50  ? -22.141 66.016  -22.203 1.00 156.40 ? 50  THR D CA 1 
ATOM 369 C CA . LEU D 1 51  ? -19.781 68.693  -23.510 1.00 117.33 ? 51  LEU D CA 1 
ATOM 370 C CA . ALA D 1 52  ? -19.980 68.533  -27.274 1.00 156.64 ? 52  ALA D CA 1 
ATOM 371 C CA . TYR D 1 53  ? -20.728 71.488  -29.534 1.00 247.73 ? 53  TYR D CA 1 
ATOM 372 C CA . ILE D 1 54  ? -18.447 72.827  -32.274 1.00 150.27 ? 54  ILE D CA 1 
ATOM 373 C CA . PRO D 1 55  ? -15.527 70.810  -33.754 1.00 335.88 ? 55  PRO D CA 1 
ATOM 374 C CA . THR D 1 56  ? -12.742 72.946  -32.261 1.00 212.06 ? 56  THR D CA 1 
ATOM 375 C CA . GLY D 1 57  ? -14.483 72.870  -28.897 1.00 320.64 ? 57  GLY D CA 1 
ATOM 376 C CA . ILE D 1 58  ? -14.252 69.095  -28.775 1.00 335.88 ? 58  ILE D CA 1 
ATOM 377 C CA . ALA D 1 59  ? -10.626 69.461  -29.872 1.00 207.94 ? 59  ALA D CA 1 
ATOM 378 C CA . TYR D 1 60  ? -10.133 71.574  -26.731 1.00 67.69  ? 60  TYR D CA 1 
ATOM 379 C CA . ALA D 1 61  ? -12.205 69.300  -24.531 1.00 233.50 ? 61  ALA D CA 1 
ATOM 380 C CA . ILE D 1 62  ? -10.289 66.005  -24.939 1.00 294.51 ? 62  ILE D CA 1 
ATOM 381 C CA . TRP D 1 63  ? -7.154  68.119  -25.504 1.00 68.62  ? 63  TRP D CA 1 
ATOM 382 C CA . SER D 1 64  ? -7.381  69.303  -21.898 1.00 267.44 ? 64  SER D CA 1 
ATOM 383 C CA . GLY D 1 65  ? -8.197  65.752  -20.976 1.00 189.50 ? 65  GLY D CA 1 
ATOM 384 C CA . VAL D 1 66  ? -4.701  65.372  -22.391 1.00 125.97 ? 66  VAL D CA 1 
ATOM 385 C CA . GLY D 1 67  ? -2.826  67.549  -20.015 1.00 159.61 ? 67  GLY D CA 1 
ATOM 386 C CA . ILE D 1 68  ? -4.886  65.493  -17.601 1.00 119.08 ? 68  ILE D CA 1 
ATOM 387 C CA . VAL D 1 69  ? -3.492  62.058  -18.517 1.00 136.43 ? 69  VAL D CA 1 
ATOM 388 C CA . LEU D 1 70  ? -0.257  63.861  -18.122 1.00 81.17  ? 70  LEU D CA 1 
ATOM 389 C CA . ILE D 1 71  ? -1.560  65.151  -14.760 1.00 229.87 ? 71  ILE D CA 1 
ATOM 390 C CA . SER D 1 72  ? -1.527  61.437  -13.872 1.00 147.32 ? 72  SER D CA 1 
ATOM 391 C CA . LEU D 1 73  ? 1.572   60.077  -15.594 1.00 84.28  ? 73  LEU D CA 1 
ATOM 392 C CA . LEU D 1 74  ? 3.180   62.946  -13.678 1.00 188.58 ? 74  LEU D CA 1 
ATOM 393 C CA . SER D 1 75  ? 0.642   62.532  -10.845 1.00 335.88 ? 75  SER D CA 1 
ATOM 394 C CA . TRP D 1 76  ? 3.092   60.413  -8.858  1.00 335.88 ? 76  TRP D CA 1 
ATOM 395 C CA . GLY D 1 77  ? 5.477   62.075  -11.285 1.00 293.21 ? 77  GLY D CA 1 
ATOM 396 C CA . PHE D 1 78  ? 7.419   58.844  -11.097 1.00 335.88 ? 78  PHE D CA 1 
ATOM 397 C CA . PHE D 1 79  ? 10.791  60.540  -10.447 1.00 326.92 ? 79  PHE D CA 1 
ATOM 398 C CA . GLY D 1 80  ? 9.673   63.456  -8.292  1.00 335.88 ? 80  GLY D CA 1 
ATOM 399 C CA . GLN D 1 81  ? 7.440   66.562  -8.467  1.00 335.88 ? 81  GLN D CA 1 
ATOM 400 C CA . ARG D 1 82  ? 9.430   69.401  -6.861  1.00 332.08 ? 82  ARG D CA 1 
ATOM 401 C CA . LEU D 1 83  ? 13.185  69.129  -7.579  1.00 335.88 ? 83  LEU D CA 1 
ATOM 402 C CA . ASP D 1 84  ? 15.669  70.198  -10.250 1.00 308.17 ? 84  ASP D CA 1 
ATOM 403 C CA . LEU D 1 85  ? 14.342  67.026  -11.821 1.00 119.89 ? 85  LEU D CA 1 
ATOM 404 C CA . PRO D 1 86  ? 16.041  65.222  -12.729 1.00 285.56 ? 86  PRO D CA 1 
ATOM 405 C CA . ALA D 1 87  ? 19.035  66.825  -10.987 1.00 283.99 ? 87  ALA D CA 1 
ATOM 406 C CA . ILE D 1 88  ? 19.602  66.857  -14.776 1.00 198.73 ? 88  ILE D CA 1 
ATOM 407 C CA . ILE D 1 89  ? 17.005  69.450  -15.783 1.00 120.82 ? 89  ILE D CA 1 
ATOM 408 C CA . GLY D 1 90  ? 19.703  71.295  -14.017 1.00 209.19 ? 90  GLY D CA 1 
ATOM 409 C CA . MET D 1 91  ? 22.604  69.168  -15.220 1.00 278.54 ? 91  MET D CA 1 
ATOM 410 C CA . MET D 1 92  ? 21.653  69.693  -18.850 1.00 220.98 ? 92  MET D CA 1 
ATOM 411 C CA . LEU D 1 93  ? 21.725  73.369  -17.911 1.00 148.92 ? 93  LEU D CA 1 
ATOM 412 C CA . ILE D 1 94  ? 25.033  73.453  -15.976 1.00 158.90 ? 94  ILE D CA 1 
ATOM 413 C CA . CYS D 1 95  ? 26.969  71.132  -18.177 1.00 123.68 ? 95  CYS D CA 1 
ATOM 414 C CA . ALA D 1 96  ? 25.531  72.806  -21.317 1.00 158.79 ? 96  ALA D CA 1 
ATOM 415 C CA . GLY D 1 97  ? 27.219  76.022  -20.221 1.00 225.54 ? 97  GLY D CA 1 
ATOM 416 C CA . VAL D 1 98  ? 30.570  74.234  -19.923 1.00 138.10 ? 98  VAL D CA 1 
ATOM 417 C CA . LEU D 1 99  ? 29.969  73.265  -23.552 1.00 254.46 ? 99  LEU D CA 1 
ATOM 418 C CA . ILE D 1 100 ? 29.694  76.904  -24.500 1.00 123.35 ? 100 ILE D CA 1 
ATOM 419 C CA . ILE D 1 101 ? 33.032  77.198  -22.690 1.00 170.45 ? 101 ILE D CA 1 
ATOM 420 C CA . ASN D 1 102 ? 34.663  74.279  -24.481 1.00 207.29 ? 102 ASN D CA 1 
ATOM 421 C CA . LEU D 1 103 ? 33.752  75.505  -27.990 1.00 248.29 ? 103 LEU D CA 1 
ATOM 422 C CA . LEU D 1 104 ? 33.289  79.297  -27.780 1.00 174.08 ? 104 LEU D CA 1 
ATOM 423 C CA . SER D 1 105 ? 35.768  79.853  -24.934 1.00 335.88 ? 105 SER D CA 1 
ATOM 424 C CA . ARG D 1 106 ? 38.464  77.476  -26.312 1.00 335.88 ? 106 ARG D CA 1 
ATOM 425 C CA . SER D 1 107 ? 38.734  79.552  -29.520 1.00 335.88 ? 107 SER D CA 1 
ATOM 426 C CA . THR D 1 108 ? 38.562  83.103  -28.036 1.00 335.88 ? 108 THR D CA 1 
ATOM 427 C CA . PRO D 1 109 ? 40.592  83.178  -24.804 1.00 335.88 ? 109 PRO D CA 1 
ATOM 428 C CA . HIS D 1 110 ? 42.503  79.878  -24.350 1.00 335.88 ? 110 HIS D CA 1 
ATOM 429 C CA . TYR E 1 4   ? -8.211  -50.000 37.317  1.00 200.14 ? 4   TYR E CA 1 
ATOM 430 C CA . ILE E 1 5   ? -6.639  -46.541 37.709  1.00 310.33 ? 5   ILE E CA 1 
ATOM 431 C CA . TYR E 1 6   ? -3.528  -47.202 39.781  1.00 249.62 ? 6   TYR E CA 1 
ATOM 432 C CA . LEU E 1 7   ? -2.463  -50.157 37.668  1.00 333.00 ? 7   LEU E CA 1 
ATOM 433 C CA . GLY E 1 8   ? -3.600  -48.392 34.517  1.00 153.44 ? 8   GLY E CA 1 
ATOM 434 C CA . GLY E 1 9   ? -1.031  -45.659 34.821  1.00 290.44 ? 9   GLY E CA 1 
ATOM 435 C CA . ALA E 1 10  ? 1.420   -47.750 36.790  1.00 198.86 ? 10  ALA E CA 1 
ATOM 436 C CA . ILE E 1 11  ? 2.259   -50.247 34.041  1.00 139.48 ? 11  ILE E CA 1 
ATOM 437 C CA . LEU E 1 12  ? 1.991   -47.301 31.694  1.00 161.36 ? 12  LEU E CA 1 
ATOM 438 C CA . ALA E 1 13  ? 5.171   -46.153 33.418  1.00 247.70 ? 13  ALA E CA 1 
ATOM 439 C CA . GLU E 1 14  ? 6.602   -49.560 32.606  1.00 214.69 ? 14  GLU E CA 1 
ATOM 440 C CA . VAL E 1 15  ? 5.482   -48.962 29.062  1.00 257.08 ? 15  VAL E CA 1 
ATOM 441 C CA . ILE E 1 16  ? 7.936   -46.123 29.432  1.00 132.27 ? 16  ILE E CA 1 
ATOM 442 C CA . GLY E 1 17  ? 10.387  -48.884 30.029  1.00 78.26  ? 17  GLY E CA 1 
ATOM 443 C CA . THR E 1 18  ? 9.741   -50.400 26.543  1.00 297.45 ? 18  THR E CA 1 
ATOM 444 C CA . THR E 1 19  ? 11.098  -47.080 25.400  1.00 142.78 ? 19  THR E CA 1 
ATOM 445 C CA . LEU E 1 20  ? 14.185  -47.395 27.606  1.00 214.27 ? 20  LEU E CA 1 
ATOM 446 C CA . MET E 1 21  ? 14.754  -50.584 25.600  1.00 245.36 ? 21  MET E CA 1 
ATOM 447 C CA . LYS E 1 22  ? 14.542  -49.212 22.060  1.00 246.22 ? 22  LYS E CA 1 
ATOM 448 C CA . PHE E 1 23  ? 17.480  -47.330 23.548  1.00 220.82 ? 23  PHE E CA 1 
ATOM 449 C CA . SER E 1 24  ? 19.589  -50.348 24.565  1.00 200.72 ? 24  SER E CA 1 
ATOM 450 C CA . GLU E 1 25  ? 19.427  -51.497 20.902  1.00 267.60 ? 25  GLU E CA 1 
ATOM 451 C CA . GLY E 1 26  ? 19.904  -48.100 19.274  1.00 296.19 ? 26  GLY E CA 1 
ATOM 452 C CA . PHE E 1 27  ? 22.273  -45.879 21.307  1.00 335.88 ? 27  PHE E CA 1 
ATOM 453 C CA . THR E 1 28  ? 24.976  -47.701 23.402  1.00 335.88 ? 28  THR E CA 1 
ATOM 454 C CA . ARG E 1 29  ? 24.985  -50.609 25.956  1.00 335.88 ? 29  ARG E CA 1 
ATOM 455 C CA . LEU E 1 30  ? 25.419  -54.408 26.534  1.00 335.88 ? 30  LEU E CA 1 
ATOM 456 C CA . TRP E 1 31  ? 23.520  -57.619 27.648  1.00 335.88 ? 31  TRP E CA 1 
ATOM 457 C CA . PRO E 1 32  ? 20.381  -59.328 26.109  1.00 307.43 ? 32  PRO E CA 1 
ATOM 458 C CA . SER E 1 33  ? 18.976  -56.632 23.824  1.00 221.01 ? 33  SER E CA 1 
ATOM 459 C CA . VAL E 1 34  ? 15.935  -58.734 22.718  1.00 316.19 ? 34  VAL E CA 1 
ATOM 460 C CA . GLY E 1 35  ? 14.910  -60.099 26.112  1.00 335.88 ? 35  GLY E CA 1 
ATOM 461 C CA . THR E 1 36  ? 15.069  -56.572 27.504  1.00 287.21 ? 36  THR E CA 1 
ATOM 462 C CA . ILE E 1 37  ? 12.875  -55.051 24.743  1.00 105.52 ? 37  ILE E CA 1 
ATOM 463 C CA . ILE E 1 38  ? 10.082  -57.537 25.318  1.00 282.05 ? 38  ILE E CA 1 
ATOM 464 C CA . CYS E 1 39  ? 10.443  -58.348 29.010  1.00 157.02 ? 39  CYS E CA 1 
ATOM 465 C CA . TYR E 1 40  ? 9.562   -54.740 29.556  1.00 135.00 ? 40  TYR E CA 1 
ATOM 466 C CA . CYS E 1 41  ? 6.805   -54.599 26.919  1.00 158.43 ? 41  CYS E CA 1 
ATOM 467 C CA . ALA E 1 42  ? 5.766   -57.792 28.783  1.00 130.49 ? 42  ALA E CA 1 
ATOM 468 C CA . SER E 1 43  ? 4.766   -55.574 31.684  1.00 102.12 ? 43  SER E CA 1 
ATOM 469 C CA . PHE E 1 44  ? 2.561   -54.065 29.008  1.00 106.23 ? 44  PHE E CA 1 
ATOM 470 C CA . TRP E 1 45  ? 0.995   -57.500 28.582  1.00 185.77 ? 45  TRP E CA 1 
ATOM 471 C CA . LEU E 1 46  ? -0.327  -56.933 32.091  1.00 201.47 ? 46  LEU E CA 1 
ATOM 472 C CA . LEU E 1 47  ? -1.370  -53.320 31.572  1.00 147.90 ? 47  LEU E CA 1 
ATOM 473 C CA . ALA E 1 48  ? -3.547  -54.742 28.865  1.00 240.81 ? 48  ALA E CA 1 
ATOM 474 C CA . GLN E 1 49  ? -4.160  -57.432 31.496  1.00 335.88 ? 49  GLN E CA 1 
ATOM 475 C CA . THR E 1 50  ? -6.016  -54.896 33.594  1.00 148.06 ? 50  THR E CA 1 
ATOM 476 C CA . LEU E 1 51  ? -7.587  -52.089 31.545  1.00 215.52 ? 51  LEU E CA 1 
ATOM 477 C CA . ALA E 1 52  ? -11.217 -51.218 32.392  1.00 144.30 ? 52  ALA E CA 1 
ATOM 478 C CA . TYR E 1 53  ? -13.527 -50.696 29.392  1.00 285.73 ? 53  TYR E CA 1 
ATOM 479 C CA . ILE E 1 54  ? -13.705 -51.874 25.735  1.00 197.98 ? 54  ILE E CA 1 
ATOM 480 C CA . PRO E 1 55  ? -13.014 -48.884 23.457  1.00 217.38 ? 55  PRO E CA 1 
ATOM 481 C CA . THR E 1 56  ? -9.368  -48.139 24.432  1.00 335.88 ? 56  THR E CA 1 
ATOM 482 C CA . GLY E 1 57  ? -8.154  -51.704 24.753  1.00 302.50 ? 57  GLY E CA 1 
ATOM 483 C CA . ILE E 1 58  ? -9.333  -52.071 21.165  1.00 307.89 ? 58  ILE E CA 1 
ATOM 484 C CA . ALA E 1 59  ? -7.806  -48.967 19.599  1.00 301.67 ? 59  ALA E CA 1 
ATOM 485 C CA . TYR E 1 60  ? -4.593  -48.578 21.637  1.00 320.44 ? 60  TYR E CA 1 
ATOM 486 C CA . ALA E 1 61  ? -3.828  -52.299 21.596  1.00 144.37 ? 61  ALA E CA 1 
ATOM 487 C CA . ILE E 1 62  ? -3.986  -52.314 17.799  1.00 136.27 ? 62  ILE E CA 1 
ATOM 488 C CA . TRP E 1 63  ? -1.695  -49.356 17.140  1.00 176.12 ? 63  TRP E CA 1 
ATOM 489 C CA . SER E 1 64  ? 0.568   -51.362 19.429  1.00 167.69 ? 64  SER E CA 1 
ATOM 490 C CA . GLY E 1 65  ? 0.846   -54.565 17.498  1.00 83.87  ? 65  GLY E CA 1 
ATOM 491 C CA . VAL E 1 66  ? 1.007   -52.204 14.602  1.00 224.03 ? 66  VAL E CA 1 
ATOM 492 C CA . GLY E 1 67  ? 4.350   -51.088 15.987  1.00 60.09  ? 67  GLY E CA 1 
ATOM 493 C CA . ILE E 1 68  ? 5.586   -54.609 16.211  1.00 327.51 ? 68  ILE E CA 1 
ATOM 494 C CA . VAL E 1 69  ? 4.473   -54.557 12.621  1.00 55.61  ? 69  VAL E CA 1 
ATOM 495 C CA . LEU E 1 70  ? 7.122   -52.023 11.766  1.00 145.37 ? 70  LEU E CA 1 
ATOM 496 C CA . ILE E 1 71  ? 10.032  -53.386 13.706  1.00 184.69 ? 71  ILE E CA 1 
ATOM 497 C CA . SER E 1 72  ? 9.394   -56.552 11.705  1.00 248.07 ? 72  SER E CA 1 
ATOM 498 C CA . LEU E 1 73  ? 8.566   -55.185 8.270   1.00 172.19 ? 73  LEU E CA 1 
ATOM 499 C CA . LEU E 1 74  ? 12.103  -53.981 8.255   1.00 201.78 ? 74  LEU E CA 1 
ATOM 500 C CA . SER E 1 75  ? 13.911  -56.318 10.707  1.00 211.22 ? 75  SER E CA 1 
ATOM 501 C CA . TRP E 1 76  ? 16.972  -54.419 12.042  1.00 253.82 ? 76  TRP E CA 1 
ATOM 502 C CA . GLY E 1 77  ? 16.409  -52.559 15.306  1.00 324.01 ? 77  GLY E CA 1 
ATOM 503 C CA . PHE E 1 78  ? 14.809  -49.103 15.010  1.00 335.88 ? 78  PHE E CA 1 
ATOM 504 C CA . PHE E 1 79  ? 11.317  -48.236 13.677  1.00 333.03 ? 79  PHE E CA 1 
ATOM 505 C CA . GLY E 1 80  ? 11.168  -50.708 10.771  1.00 189.16 ? 80  GLY E CA 1 
ATOM 506 C CA . GLN E 1 81  ? 8.430   -48.393 9.465   1.00 335.88 ? 81  GLN E CA 1 
ATOM 507 C CA . ARG E 1 82  ? 5.066   -50.104 8.845   1.00 237.11 ? 82  ARG E CA 1 
ATOM 508 C CA . LEU E 1 83  ? 1.669   -49.433 10.417  1.00 275.13 ? 83  LEU E CA 1 
ATOM 509 C CA . ASP E 1 84  ? -2.009  -48.781 9.621   1.00 260.32 ? 84  ASP E CA 1 
ATOM 510 C CA . LEU E 1 85  ? -5.046  -50.681 10.834  1.00 203.47 ? 85  LEU E CA 1 
ATOM 511 C CA . PRO E 1 86  ? -6.920  -51.010 7.518   1.00 303.26 ? 86  PRO E CA 1 
ATOM 512 C CA . ALA E 1 87  ? -3.543  -52.002 6.064   1.00 111.45 ? 87  ALA E CA 1 
ATOM 513 C CA . ILE E 1 88  ? -3.400  -54.845 8.546   1.00 108.68 ? 88  ILE E CA 1 
ATOM 514 C CA . ILE E 1 89  ? -7.075  -55.705 8.035   1.00 143.02 ? 89  ILE E CA 1 
ATOM 515 C CA . GLY E 1 90  ? -6.383  -55.598 4.320   1.00 262.68 ? 90  GLY E CA 1 
ATOM 516 C CA . MET E 1 91  ? -3.097  -57.461 4.350   1.00 152.69 ? 91  MET E CA 1 
ATOM 517 C CA . MET E 1 92  ? -5.291  -59.733 6.507   1.00 100.47 ? 92  MET E CA 1 
ATOM 518 C CA . LEU E 1 93  ? -7.854  -60.800 3.921   1.00 215.85 ? 93  LEU E CA 1 
ATOM 519 C CA . ILE E 1 94  ? -5.011  -61.564 1.517   1.00 76.08  ? 94  ILE E CA 1 
ATOM 520 C CA . CYS E 1 95  ? -2.464  -63.329 3.781   1.00 234.90 ? 95  CYS E CA 1 
ATOM 521 C CA . ALA E 1 96  ? -5.058  -65.655 5.281   1.00 290.35 ? 96  ALA E CA 1 
ATOM 522 C CA . GLY E 1 97  ? -6.711  -66.051 1.890   1.00 104.72 ? 97  GLY E CA 1 
ATOM 523 C CA . VAL E 1 98  ? -3.756  -67.396 -0.105  1.00 232.90 ? 98  VAL E CA 1 
ATOM 524 C CA . LEU E 1 99  ? -2.490  -69.328 2.926   1.00 236.99 ? 99  LEU E CA 1 
ATOM 525 C CA . ILE E 1 100 ? -5.499  -71.635 2.748   1.00 315.08 ? 100 ILE E CA 1 
ATOM 526 C CA . ILE E 1 101 ? -6.537  -70.728 -0.798  1.00 148.35 ? 101 ILE E CA 1 
ATOM 527 C CA . ASN E 1 102 ? -3.262  -72.067 -2.121  1.00 147.49 ? 102 ASN E CA 1 
ATOM 528 C CA . LEU E 1 103 ? -3.144  -74.744 0.597   1.00 266.36 ? 103 LEU E CA 1 
ATOM 529 C CA . LEU E 1 104 ? -6.624  -76.007 -0.314  1.00 266.63 ? 104 LEU E CA 1 
ATOM 530 C CA . SER E 1 105 ? -6.116  -75.520 -4.041  1.00 215.13 ? 105 SER E CA 1 
ATOM 531 C CA . ARG E 1 106 ? -3.171  -77.898 -3.531  1.00 273.74 ? 106 ARG E CA 1 
ATOM 532 C CA . SER E 1 107 ? -5.006  -80.258 -1.093  1.00 335.88 ? 107 SER E CA 1 
ATOM 533 C CA . THR E 1 108 ? -7.643  -81.329 -3.670  1.00 335.88 ? 108 THR E CA 1 
ATOM 534 C CA . PRO E 1 109 ? -6.573  -79.940 -7.081  1.00 335.88 ? 109 PRO E CA 1 
ATOM 535 C CA . HIS E 1 110 ? -3.312  -81.926 -6.547  1.00 335.88 ? 110 HIS E CA 1 
ATOM 536 C CA . TYR F 1 4   ? 27.141  -74.590 9.339   1.00 267.97 ? 4   TYR F CA 1 
ATOM 537 C CA . ILE F 1 5   ? 25.591  -76.976 11.891  1.00 233.55 ? 5   ILE F CA 1 
ATOM 538 C CA . TYR F 1 6   ? 27.753  -75.051 14.437  1.00 189.53 ? 6   TYR F CA 1 
ATOM 539 C CA . LEU F 1 7   ? 25.434  -72.091 14.763  1.00 326.54 ? 7   LEU F CA 1 
ATOM 540 C CA . GLY F 1 8   ? 23.102  -75.014 14.212  1.00 331.24 ? 8   GLY F CA 1 
ATOM 541 C CA . GLY F 1 9   ? 24.228  -76.036 17.668  1.00 115.14 ? 9   GLY F CA 1 
ATOM 542 C CA . ALA F 1 10  ? 22.752  -72.673 18.615  1.00 209.43 ? 10  ALA F CA 1 
ATOM 543 C CA . ILE F 1 11  ? 19.865  -73.373 16.227  1.00 187.67 ? 11  ILE F CA 1 
ATOM 544 C CA . LEU F 1 12  ? 17.899  -76.182 17.894  1.00 94.02  ? 12  LEU F CA 1 
ATOM 545 C CA . ALA F 1 13  ? 19.548  -75.335 21.267  1.00 169.33 ? 13  ALA F CA 1 
ATOM 546 C CA . GLU F 1 14  ? 17.183  -72.412 21.479  1.00 149.80 ? 14  GLU F CA 1 
ATOM 547 C CA . VAL F 1 15  ? 14.266  -73.922 19.550  1.00 175.53 ? 15  VAL F CA 1 
ATOM 548 C CA . ILE F 1 16  ? 14.422  -76.599 22.249  1.00 318.83 ? 16  ILE F CA 1 
ATOM 549 C CA . GLY F 1 17  ? 14.975  -74.370 25.183  1.00 129.01 ? 17  GLY F CA 1 
ATOM 550 C CA . THR F 1 18  ? 12.257  -72.317 23.517  1.00 318.36 ? 18  THR F CA 1 
ATOM 551 C CA . THR F 1 19  ? 9.574   -74.944 23.954  1.00 73.65  ? 19  THR F CA 1 
ATOM 552 C CA . LEU F 1 20  ? 11.485  -76.012 27.038  1.00 150.69 ? 20  LEU F CA 1 
ATOM 553 C CA . MET F 1 21  ? 10.280  -72.729 28.450  1.00 262.11 ? 21  MET F CA 1 
ATOM 554 C CA . LYS F 1 22  ? 6.769   -72.787 27.030  1.00 155.26 ? 22  LYS F CA 1 
ATOM 555 C CA . PHE F 1 23  ? 6.859   -76.238 28.588  1.00 250.40 ? 23  PHE F CA 1 
ATOM 556 C CA . SER F 1 24  ? 8.909   -76.091 31.857  1.00 335.88 ? 24  SER F CA 1 
ATOM 557 C CA . GLU F 1 25  ? 6.884   -73.236 33.277  1.00 335.88 ? 25  GLU F CA 1 
ATOM 558 C CA . GLY F 1 26  ? 4.114   -75.677 32.547  1.00 254.71 ? 26  GLY F CA 1 
ATOM 559 C CA . PHE F 1 27  ? 2.734   -72.321 31.553  1.00 335.88 ? 27  PHE F CA 1 
ATOM 560 C CA . THR F 1 28  ? 1.717   -71.588 35.179  1.00 335.88 ? 28  THR F CA 1 
ATOM 561 C CA . ARG F 1 29  ? 3.221   -71.992 38.741  1.00 335.88 ? 29  ARG F CA 1 
ATOM 562 C CA . LEU F 1 30  ? 3.299   -68.781 40.866  1.00 335.88 ? 30  LEU F CA 1 
ATOM 563 C CA . TRP F 1 31  ? 6.269   -66.350 40.543  1.00 335.88 ? 31  TRP F CA 1 
ATOM 564 C CA . PRO F 1 32  ? 7.494   -64.808 37.241  1.00 264.93 ? 32  PRO F CA 1 
ATOM 565 C CA . SER F 1 33  ? 7.419   -68.346 35.924  1.00 206.03 ? 33  SER F CA 1 
ATOM 566 C CA . VAL F 1 34  ? 4.871   -67.246 33.365  1.00 227.24 ? 34  VAL F CA 1 
ATOM 567 C CA . GLY F 1 35  ? 7.596   -64.626 32.838  1.00 101.88 ? 35  GLY F CA 1 
ATOM 568 C CA . THR F 1 36  ? 10.056  -67.371 32.288  1.00 285.42 ? 36  THR F CA 1 
ATOM 569 C CA . ILE F 1 37  ? 8.123   -67.943 29.067  1.00 137.18 ? 37  ILE F CA 1 
ATOM 570 C CA . ILE F 1 38  ? 9.080   -64.397 28.397  1.00 80.78  ? 38  ILE F CA 1 
ATOM 571 C CA . CYS F 1 39  ? 12.792  -65.169 28.541  1.00 123.68 ? 39  CYS F CA 1 
ATOM 572 C CA . TYR F 1 40  ? 13.173  -68.338 26.361  1.00 161.51 ? 40  TYR F CA 1 
ATOM 573 C CA . CYS F 1 41  ? 10.704  -67.447 23.678  1.00 266.55 ? 41  CYS F CA 1 
ATOM 574 C CA . ALA F 1 42  ? 13.234  -64.556 23.429  1.00 214.25 ? 42  ALA F CA 1 
ATOM 575 C CA . SER F 1 43  ? 15.816  -67.322 23.040  1.00 114.25 ? 43  SER F CA 1 
ATOM 576 C CA . PHE F 1 44  ? 13.892  -68.297 19.936  1.00 155.50 ? 44  PHE F CA 1 
ATOM 577 C CA . TRP F 1 45  ? 14.867  -64.783 18.862  1.00 206.97 ? 45  TRP F CA 1 
ATOM 578 C CA . LEU F 1 46  ? 18.547  -65.542 19.217  1.00 80.85  ? 46  LEU F CA 1 
ATOM 579 C CA . LEU F 1 47  ? 18.005  -68.881 17.582  1.00 169.99 ? 47  LEU F CA 1 
ATOM 580 C CA . ALA F 1 48  ? 16.931  -67.041 14.491  1.00 166.33 ? 48  ALA F CA 1 
ATOM 581 C CA . GLN F 1 49  ? 19.853  -64.797 15.391  1.00 187.21 ? 49  GLN F CA 1 
ATOM 582 C CA . THR F 1 50  ? 22.665  -67.318 14.887  1.00 172.48 ? 50  THR F CA 1 
ATOM 583 C CA . LEU F 1 51  ? 21.036  -68.417 11.652  1.00 75.15  ? 51  LEU F CA 1 
ATOM 584 C CA . ALA F 1 52  ? 22.913  -66.583 8.927   1.00 218.44 ? 52  ALA F CA 1 
ATOM 585 C CA . TYR F 1 53  ? 24.422  -68.266 5.849   1.00 119.12 ? 53  TYR F CA 1 
ATOM 586 C CA . ILE F 1 54  ? 23.562  -67.566 2.202   1.00 153.84 ? 54  ILE F CA 1 
ATOM 587 C CA . PRO F 1 55  ? 21.666  -64.420 1.097   1.00 159.69 ? 55  PRO F CA 1 
ATOM 588 C CA . THR F 1 56  ? 18.400  -66.199 0.117   1.00 334.63 ? 56  THR F CA 1 
ATOM 589 C CA . GLY F 1 57  ? 18.459  -68.104 3.409   1.00 245.33 ? 57  GLY F CA 1 
ATOM 590 C CA . ILE F 1 58  ? 18.323  -64.893 5.363   1.00 134.62 ? 58  ILE F CA 1 
ATOM 591 C CA . ALA F 1 59  ? 15.574  -63.773 3.037   1.00 164.49 ? 59  ALA F CA 1 
ATOM 592 C CA . TYR F 1 60  ? 13.683  -66.860 4.177   1.00 271.49 ? 60  TYR F CA 1 
ATOM 593 C CA . ALA F 1 61  ? 14.667  -66.462 7.772   1.00 208.45 ? 61  ALA F CA 1 
ATOM 594 C CA . ILE F 1 62  ? 13.238  -63.002 8.480   1.00 98.08  ? 62  ILE F CA 1 
ATOM 595 C CA . TRP F 1 63  ? 10.580  -63.749 5.830   1.00 114.02 ? 63  TRP F CA 1 
ATOM 596 C CA . SER F 1 64  ? 9.119   -66.424 8.110   1.00 189.03 ? 64  SER F CA 1 
ATOM 597 C CA . GLY F 1 65  ? 9.560   -64.070 10.987  1.00 88.58  ? 65  GLY F CA 1 
ATOM 598 C CA . VAL F 1 66  ? 7.101   -62.152 8.817   1.00 121.87 ? 66  VAL F CA 1 
ATOM 599 C CA . GLY F 1 67  ? 4.276   -64.578 8.843   1.00 85.14  ? 67  GLY F CA 1 
ATOM 600 C CA . ILE F 1 68  ? 5.139   -64.496 12.512  1.00 176.80 ? 68  ILE F CA 1 
ATOM 601 C CA . VAL F 1 69  ? 4.441   -60.817 13.063  1.00 95.08  ? 69  VAL F CA 1 
ATOM 602 C CA . LEU F 1 70  ? 1.290   -61.691 11.295  1.00 149.58 ? 70  LEU F CA 1 
ATOM 603 C CA . ILE F 1 71  ? 0.933   -64.651 13.672  1.00 85.72  ? 71  ILE F CA 1 
ATOM 604 C CA . SER F 1 72  ? 0.622   -61.867 16.255  1.00 139.59 ? 72  SER F CA 1 
ATOM 605 C CA . LEU F 1 73  ? -1.349  -59.150 14.512  1.00 133.29 ? 73  LEU F CA 1 
ATOM 606 C CA . LEU F 1 74  ? -3.720  -62.029 13.953  1.00 159.03 ? 74  LEU F CA 1 
ATOM 607 C CA . SER F 1 75  ? -2.702  -63.613 17.282  1.00 335.88 ? 75  SER F CA 1 
ATOM 608 C CA . TRP F 1 76  ? -5.686  -62.073 19.045  1.00 335.88 ? 76  TRP F CA 1 
ATOM 609 C CA . GLY F 1 77  ? -6.808  -61.782 15.428  1.00 259.43 ? 77  GLY F CA 1 
ATOM 610 C CA . PHE F 1 78  ? -8.513  -58.630 16.553  1.00 335.88 ? 78  PHE F CA 1 
ATOM 611 C CA . PHE F 1 79  ? -11.876 -59.498 14.967  1.00 292.01 ? 79  PHE F CA 1 
ATOM 612 C CA . GLY F 1 80  ? -11.928 -63.236 15.530  1.00 298.85 ? 80  GLY F CA 1 
ATOM 613 C CA . GLN F 1 81  ? -9.971  -66.384 14.584  1.00 335.88 ? 81  GLN F CA 1 
ATOM 614 C CA . ARG F 1 82  ? -12.562 -69.026 13.609  1.00 317.12 ? 82  ARG F CA 1 
ATOM 615 C CA . LEU F 1 83  ? -15.609 -67.494 11.851  1.00 335.88 ? 83  LEU F CA 1 
ATOM 616 C CA . ASP F 1 84  ? -16.689 -66.558 8.339   1.00 335.88 ? 84  ASP F CA 1 
ATOM 617 C CA . LEU F 1 85  ? -14.680 -63.495 9.215   1.00 205.04 ? 85  LEU F CA 1 
ATOM 618 C CA . PRO F 1 86  ? -15.756 -61.104 8.846   1.00 335.88 ? 86  PRO F CA 1 
ATOM 619 C CA . ALA F 1 87  ? -19.265 -62.459 8.309   1.00 317.04 ? 87  ALA F CA 1 
ATOM 620 C CA . ILE F 1 88  ? -18.089 -60.630 5.183   1.00 335.88 ? 88  ILE F CA 1 
ATOM 621 C CA . ILE F 1 89  ? -15.402 -63.066 3.989   1.00 306.22 ? 89  ILE F CA 1 
ATOM 622 C CA . GLY F 1 90  ? -18.690 -64.759 3.436   1.00 138.48 ? 90  GLY F CA 1 
ATOM 623 C CA . MET F 1 91  ? -20.692 -61.639 2.531   1.00 258.75 ? 91  MET F CA 1 
ATOM 624 C CA . MET F 1 92  ? -18.242 -60.688 -0.249  1.00 179.18 ? 92  MET F CA 1 
ATOM 625 C CA . LEU F 1 93  ? -18.860 -64.230 -1.452  1.00 236.65 ? 93  LEU F CA 1 
ATOM 626 C CA . ILE F 1 94  ? -22.686 -64.334 -1.170  1.00 142.30 ? 94  ILE F CA 1 
ATOM 627 C CA . CYS F 1 95  ? -23.400 -60.875 -2.348  1.00 183.93 ? 95  CYS F CA 1 
ATOM 628 C CA . ALA F 1 96  ? -20.758 -61.258 -5.125  1.00 319.19 ? 96  ALA F CA 1 
ATOM 629 C CA . GLY F 1 97  ? -22.894 -64.029 -6.563  1.00 335.88 ? 97  GLY F CA 1 
ATOM 630 C CA . VAL F 1 98  ? -25.931 -61.772 -6.591  1.00 180.67 ? 98  VAL F CA 1 
ATOM 631 C CA . LEU F 1 99  ? -23.757 -59.457 -8.703  1.00 227.02 ? 99  LEU F CA 1 
ATOM 632 C CA . ILE F 1 100 ? -23.210 -62.200 -11.240 1.00 300.46 ? 100 ILE F CA 1 
ATOM 633 C CA . ILE F 1 101 ? -27.033 -62.410 -11.196 1.00 226.79 ? 101 ILE F CA 1 
ATOM 634 C CA . ASN F 1 102 ? -27.616 -58.679 -11.666 1.00 153.34 ? 102 ASN F CA 1 
ATOM 635 C CA . LEU F 1 103 ? -25.281 -58.356 -14.674 1.00 288.20 ? 103 LEU F CA 1 
ATOM 636 C CA . LEU F 1 104 ? -25.101 -61.796 -16.305 1.00 255.77 ? 104 LEU F CA 1 
ATOM 637 C CA . SER F 1 105 ? -28.593 -62.946 -15.293 1.00 237.90 ? 105 SER F CA 1 
ATOM 638 C CA . ARG F 1 106 ? -30.288 -59.621 -16.099 1.00 300.54 ? 106 ARG F CA 1 
ATOM 639 C CA . SER F 1 107 ? -29.199 -59.850 -19.750 1.00 335.88 ? 107 SER F CA 1 
ATOM 640 C CA . THR F 1 108 ? -29.830 -63.584 -20.399 1.00 335.88 ? 108 THR F CA 1 
ATOM 641 C CA . PRO F 1 109 ? -33.089 -64.588 -18.673 1.00 313.07 ? 109 PRO F CA 1 
ATOM 642 C CA . HIS F 1 110 ? -34.885 -61.501 -17.289 1.00 335.88 ? 110 HIS F CA 1 
ATOM 643 C CA . TYR G 1 4   ? 13.618  -39.750 45.081  1.00 297.08 ? 4   TYR G CA 1 
ATOM 644 C CA . ILE G 1 5   ? 13.156  -42.860 42.917  1.00 313.50 ? 5   ILE G CA 1 
ATOM 645 C CA . TYR G 1 6   ? 9.415   -43.512 43.153  1.00 228.93 ? 6   TYR G CA 1 
ATOM 646 C CA . LEU G 1 7   ? 8.477   -39.923 42.513  1.00 160.49 ? 7   LEU G CA 1 
ATOM 647 C CA . GLY G 1 8   ? 11.287  -39.586 39.987  1.00 225.94 ? 8   GLY G CA 1 
ATOM 648 C CA . GLY G 1 9   ? 9.757   -42.040 37.569  1.00 137.22 ? 9   GLY G CA 1 
ATOM 649 C CA . ALA G 1 10  ? 6.194   -41.456 38.746  1.00 269.70 ? 10  ALA G CA 1 
ATOM 650 C CA . ILE G 1 11  ? 5.845   -37.891 37.571  1.00 179.50 ? 11  ILE G CA 1 
ATOM 651 C CA . LEU G 1 12  ? 7.952   -39.012 34.614  1.00 109.39 ? 12  LEU G CA 1 
ATOM 652 C CA . ALA G 1 13  ? 4.843   -40.972 33.686  1.00 300.67 ? 13  ALA G CA 1 
ATOM 653 C CA . GLU G 1 14  ? 2.930   -37.704 33.977  1.00 54.63  ? 14  GLU G CA 1 
ATOM 654 C CA . VAL G 1 15  ? 5.542   -36.156 31.700  1.00 170.98 ? 15  VAL G CA 1 
ATOM 655 C CA . ILE G 1 16  ? 4.086   -38.763 29.391  1.00 167.25 ? 16  ILE G CA 1 
ATOM 656 C CA . GLY G 1 17  ? 0.917   -36.878 29.896  1.00 86.76  ? 17  GLY G CA 1 
ATOM 657 C CA . THR G 1 18  ? 2.489   -33.668 28.436  1.00 299.07 ? 18  THR G CA 1 
ATOM 658 C CA . THR G 1 19  ? 2.772   -35.769 25.352  1.00 172.65 ? 19  THR G CA 1 
ATOM 659 C CA . LEU G 1 20  ? -0.896  -36.821 25.533  1.00 225.00 ? 20  LEU G CA 1 
ATOM 660 C CA . MET G 1 21  ? -1.497  -33.061 25.309  1.00 197.72 ? 21  MET G CA 1 
ATOM 661 C CA . LYS G 1 22  ? 0.541   -32.174 22.212  1.00 202.49 ? 22  LYS G CA 1 
ATOM 662 C CA . PHE G 1 23  ? -2.039  -34.637 20.881  1.00 313.34 ? 23  PHE G CA 1 
ATOM 663 C CA . SER G 1 24  ? -5.178  -32.754 21.989  1.00 272.72 ? 24  SER G CA 1 
ATOM 664 C CA . GLU G 1 25  ? -3.842  -29.744 19.995  1.00 243.86 ? 25  GLU G CA 1 
ATOM 665 C CA . GLY G 1 26  ? -2.562  -31.649 16.985  1.00 335.88 ? 26  GLY G CA 1 
ATOM 666 C CA . PHE G 1 27  ? -4.808  -34.672 16.171  1.00 335.88 ? 27  PHE G CA 1 
ATOM 667 C CA . THR G 1 28  ? -8.539  -34.398 17.157  1.00 335.88 ? 28  THR G CA 1 
ATOM 668 C CA . ARG G 1 29  ? -10.450 -33.418 20.379  1.00 335.88 ? 29  ARG G CA 1 
ATOM 669 C CA . LEU G 1 30  ? -12.203 -30.612 22.377  1.00 335.88 ? 30  LEU G CA 1 
ATOM 670 C CA . TRP G 1 31  ? -12.003 -28.551 25.673  1.00 335.88 ? 31  TRP G CA 1 
ATOM 671 C CA . PRO G 1 32  ? -9.177  -26.218 27.001  1.00 335.88 ? 32  PRO G CA 1 
ATOM 672 C CA . SER G 1 33  ? -6.198  -27.116 24.795  1.00 263.49 ? 33  SER G CA 1 
ATOM 673 C CA . VAL G 1 34  ? -3.748  -24.718 26.525  1.00 335.88 ? 34  VAL G CA 1 
ATOM 674 C CA . GLY G 1 35  ? -4.663  -25.489 30.117  1.00 182.42 ? 35  GLY G CA 1 
ATOM 675 C CA . THR G 1 36  ? -4.320  -29.201 29.357  1.00 118.18 ? 36  THR G CA 1 
ATOM 676 C CA . ILE G 1 37  ? -0.868  -28.859 27.770  1.00 182.85 ? 37  ILE G CA 1 
ATOM 677 C CA . ILE G 1 38  ? 0.552   -27.106 30.774  1.00 110.32 ? 38  ILE G CA 1 
ATOM 678 C CA . CYS G 1 39  ? -1.469  -28.488 33.644  1.00 123.68 ? 39  CYS G CA 1 
ATOM 679 C CA . TYR G 1 40  ? 0.113   -31.760 32.758  1.00 104.69 ? 40  TYR G CA 1 
ATOM 680 C CA . CYS G 1 41  ? 3.566   -30.356 32.231  1.00 153.15 ? 41  CYS G CA 1 
ATOM 681 C CA . ALA G 1 42  ? 2.752   -28.764 35.599  1.00 273.97 ? 42  ALA G CA 1 
ATOM 682 C CA . SER G 1 43  ? 3.078   -32.219 37.092  1.00 174.00 ? 43  SER G CA 1 
ATOM 683 C CA . PHE G 1 44  ? 6.542   -31.904 35.581  1.00 95.69  ? 44  PHE G CA 1 
ATOM 684 C CA . TRP G 1 45  ? 7.063   -28.772 37.748  1.00 121.39 ? 45  TRP G CA 1 
ATOM 685 C CA . LEU G 1 46  ? 6.941   -31.210 40.669  1.00 330.43 ? 46  LEU G CA 1 
ATOM 686 C CA . LEU G 1 47  ? 9.112   -33.916 39.100  1.00 102.12 ? 47  LEU G CA 1 
ATOM 687 C CA . ALA G 1 48  ? 11.675  -31.167 38.942  1.00 335.88 ? 48  ALA G CA 1 
ATOM 688 C CA . GLN G 1 49  ? 10.306  -30.407 42.426  1.00 273.18 ? 49  GLN G CA 1 
ATOM 689 C CA . THR G 1 50  ? 11.814  -33.646 43.671  1.00 313.77 ? 50  THR G CA 1 
ATOM 690 C CA . LEU G 1 51  ? 14.826  -34.809 41.638  1.00 119.56 ? 51  LEU G CA 1 
ATOM 691 C CA . ALA G 1 52  ? 17.875  -35.959 43.657  1.00 285.92 ? 52  ALA G CA 1 
ATOM 692 C CA . TYR G 1 53  ? 21.262  -34.642 42.449  1.00 335.88 ? 53  TYR G CA 1 
ATOM 693 C CA . ILE G 1 54  ? 22.563  -31.592 40.477  1.00 335.88 ? 54  ILE G CA 1 
ATOM 694 C CA . PRO G 1 55  ? 23.807  -32.790 37.052  1.00 278.34 ? 55  PRO G CA 1 
ATOM 695 C CA . THR G 1 56  ? 20.492  -34.000 35.546  1.00 133.14 ? 56  THR G CA 1 
ATOM 696 C CA . GLY G 1 57  ? 18.231  -31.263 36.846  1.00 132.59 ? 57  GLY G CA 1 
ATOM 697 C CA . ILE G 1 58  ? 20.619  -28.920 35.074  1.00 269.51 ? 58  ILE G CA 1 
ATOM 698 C CA . ALA G 1 59  ? 20.877  -30.631 31.707  1.00 164.52 ? 59  ALA G CA 1 
ATOM 699 C CA . TYR G 1 60  ? 17.395  -32.162 31.333  1.00 198.65 ? 60  TYR G CA 1 
ATOM 700 C CA . ALA G 1 61  ? 15.681  -29.075 32.701  1.00 126.30 ? 61  ALA G CA 1 
ATOM 701 C CA . ILE G 1 62  ? 17.350  -26.920 30.061  1.00 185.56 ? 62  ILE G CA 1 
ATOM 702 C CA . TRP G 1 63  ? 16.518  -29.028 27.027  1.00 125.10 ? 63  TRP G CA 1 
ATOM 703 C CA . SER G 1 64  ? 13.005  -28.703 28.439  1.00 235.29 ? 64  SER G CA 1 
ATOM 704 C CA . GLY G 1 65  ? 12.643  -24.943 28.481  1.00 194.63 ? 65  GLY G CA 1 
ATOM 705 C CA . VAL G 1 66  ? 14.369  -25.292 25.175  1.00 146.84 ? 66  VAL G CA 1 
ATOM 706 C CA . GLY G 1 67  ? 11.282  -27.094 23.930  1.00 135.52 ? 67  GLY G CA 1 
ATOM 707 C CA . ILE G 1 68  ? 9.075   -24.309 25.142  1.00 213.49 ? 68  ILE G CA 1 
ATOM 708 C CA . VAL G 1 69  ? 11.540  -22.271 23.120  1.00 191.54 ? 69  VAL G CA 1 
ATOM 709 C CA . LEU G 1 70  ? 10.345  -23.958 19.964  1.00 47.66  ? 70  LEU G CA 1 
ATOM 710 C CA . ILE G 1 71  ? 6.604   -23.972 20.504  1.00 313.58 ? 71  ILE G CA 1 
ATOM 711 C CA . SER G 1 72  ? 7.041   -20.205 20.931  1.00 250.17 ? 72  SER G CA 1 
ATOM 712 C CA . LEU G 1 73  ? 9.583   -19.389 18.232  1.00 196.18 ? 73  LEU G CA 1 
ATOM 713 C CA . LEU G 1 74  ? 6.895   -20.442 15.843  1.00 335.88 ? 74  LEU G CA 1 
ATOM 714 C CA . SER G 1 75  ? 3.624   -19.902 17.786  1.00 221.80 ? 75  SER G CA 1 
ATOM 715 C CA . TRP G 1 76  ? 1.045   -22.300 16.299  1.00 335.88 ? 76  TRP G CA 1 
ATOM 716 C CA . GLY G 1 77  ? 0.726   -25.664 18.067  1.00 257.64 ? 77  GLY G CA 1 
ATOM 717 C CA . PHE G 1 78  ? 3.243   -28.320 16.983  1.00 232.40 ? 78  PHE G CA 1 
ATOM 718 C CA . PHE G 1 79  ? 7.049   -28.227 17.397  1.00 309.37 ? 79  PHE G CA 1 
ATOM 719 C CA . GLY G 1 80  ? 7.662   -24.549 16.568  1.00 275.16 ? 80  GLY G CA 1 
ATOM 720 C CA . GLN G 1 81  ? 11.243  -25.675 15.884  1.00 322.70 ? 81  GLN G CA 1 
ATOM 721 C CA . ARG G 1 82  ? 13.869  -23.849 18.001  1.00 191.85 ? 82  ARG G CA 1 
ATOM 722 C CA . LEU G 1 83  ? 16.364  -25.248 20.536  1.00 317.03 ? 83  LEU G CA 1 
ATOM 723 C CA . ASP G 1 84  ? 20.057  -25.289 21.500  1.00 334.16 ? 84  ASP G CA 1 
ATOM 724 C CA . LEU G 1 85  ? 21.602  -24.314 24.826  1.00 287.30 ? 85  LEU G CA 1 
ATOM 725 C CA . PRO G 1 86  ? 24.502  -22.120 23.584  1.00 143.95 ? 86  PRO G CA 1 
ATOM 726 C CA . ALA G 1 87  ? 21.930  -20.570 21.308  1.00 335.88 ? 87  ALA G CA 1 
ATOM 727 C CA . ILE G 1 88  ? 19.925  -19.634 24.371  1.00 269.30 ? 88  ILE G CA 1 
ATOM 728 C CA . ILE G 1 89  ? 23.019  -18.580 26.259  1.00 201.50 ? 89  ILE G CA 1 
ATOM 729 C CA . GLY G 1 90  ? 23.948  -16.613 23.200  1.00 99.74  ? 90  GLY G CA 1 
ATOM 730 C CA . MET G 1 91  ? 20.547  -15.103 22.477  1.00 206.84 ? 91  MET G CA 1 
ATOM 731 C CA . MET G 1 92  ? 20.853  -14.401 26.190  1.00 235.80 ? 92  MET G CA 1 
ATOM 732 C CA . LEU G 1 93  ? 23.835  -12.039 26.163  1.00 198.28 ? 93  LEU G CA 1 
ATOM 733 C CA . ILE G 1 94  ? 22.135  -10.089 23.375  1.00 119.47 ? 94  ILE G CA 1 
ATOM 734 C CA . CYS G 1 95  ? 18.505  -9.951  24.526  1.00 271.83 ? 95  CYS G CA 1 
ATOM 735 C CA . ALA G 1 96  ? 19.426  -8.817  28.010  1.00 241.21 ? 96  ALA G CA 1 
ATOM 736 C CA . GLY G 1 97  ? 22.114  -6.561  26.633  1.00 167.63 ? 97  GLY G CA 1 
ATOM 737 C CA . VAL G 1 98  ? 19.983  -4.393  24.354  1.00 160.45 ? 98  VAL G CA 1 
ATOM 738 C CA . LEU G 1 99  ? 17.076  -4.510  26.771  1.00 281.34 ? 99  LEU G CA 1 
ATOM 739 C CA . ILE G 1 100 ? 19.034  -2.453  29.284  1.00 191.16 ? 100 ILE G CA 1 
ATOM 740 C CA . ILE G 1 101 ? 21.654  -1.202  26.845  1.00 203.39 ? 101 ILE G CA 1 
ATOM 741 C CA . ASN G 1 102 ? 18.956  0.576   24.895  1.00 310.65 ? 102 ASN G CA 1 
ATOM 742 C CA . LEU G 1 103 ? 16.956  1.238   28.054  1.00 136.99 ? 103 LEU G CA 1 
ATOM 743 C CA . LEU G 1 104 ? 19.953  2.889   29.769  1.00 236.51 ? 104 LEU G CA 1 
ATOM 744 C CA . SER G 1 105 ? 21.214  4.620   26.586  1.00 283.69 ? 105 SER G CA 1 
ATOM 745 C CA . ARG G 1 106 ? 17.763  6.247   26.609  1.00 335.88 ? 106 ARG G CA 1 
ATOM 746 C CA . SER G 1 107 ? 17.622  6.829   30.415  1.00 335.88 ? 107 SER G CA 1 
ATOM 747 C CA . THR G 1 108 ? 20.633  9.203   30.406  1.00 335.88 ? 108 THR G CA 1 
ATOM 748 C CA . PRO G 1 109 ? 21.532  9.957   26.756  1.00 335.88 ? 109 PRO G CA 1 
ATOM 749 C CA . HIS G 1 110 ? 17.917  11.243  26.449  1.00 335.88 ? 110 HIS G CA 1 
ATOM 750 C CA . TYR H 1 4   ? -12.017 -5.368  17.025  1.00 335.88 ? 4   TYR H CA 1 
ATOM 751 C CA . ILE H 1 5   ? -12.725 -4.647  20.726  1.00 335.88 ? 5   ILE H CA 1 
ATOM 752 C CA . TYR H 1 6   ? -14.869 -7.836  20.558  1.00 207.30 ? 6   TYR H CA 1 
ATOM 753 C CA . LEU H 1 7   ? -12.033 -10.262 20.831  1.00 171.60 ? 7   LEU H CA 1 
ATOM 754 C CA . GLY H 1 8   ? -10.902 -7.333  22.926  1.00 246.33 ? 8   GLY H CA 1 
ATOM 755 C CA . GLY H 1 9   ? -13.654 -8.498  25.209  1.00 217.04 ? 9   GLY H CA 1 
ATOM 756 C CA . ALA H 1 10  ? -11.624 -11.667 25.338  1.00 187.82 ? 10  ALA H CA 1 
ATOM 757 C CA . ILE H 1 11  ? -8.492  -9.531  25.502  1.00 178.42 ? 11  ILE H CA 1 
ATOM 758 C CA . LEU H 1 12  ? -8.591  -7.969  28.945  1.00 190.81 ? 12  LEU H CA 1 
ATOM 759 C CA . ALA H 1 13  ? -11.077 -10.650 30.076  1.00 255.12 ? 13  ALA H CA 1 
ATOM 760 C CA . GLU H 1 14  ? -8.125  -12.953 30.324  1.00 335.88 ? 14  GLU H CA 1 
ATOM 761 C CA . VAL H 1 15  ? -5.423  -10.415 31.225  1.00 200.53 ? 15  VAL H CA 1 
ATOM 762 C CA . ILE H 1 16  ? -7.664  -9.667  34.200  1.00 237.52 ? 16  ILE H CA 1 
ATOM 763 C CA . GLY H 1 17  ? -8.582  -13.147 35.114  1.00 100.97 ? 17  GLY H CA 1 
ATOM 764 C CA . THR H 1 18  ? -4.874  -13.736 34.510  1.00 280.19 ? 18  THR H CA 1 
ATOM 765 C CA . THR H 1 19  ? -3.819  -11.562 37.388  1.00 84.75  ? 19  THR H CA 1 
ATOM 766 C CA . LEU H 1 20  ? -7.092  -12.551 39.028  1.00 293.23 ? 20  LEU H CA 1 
ATOM 767 C CA . MET H 1 21  ? -5.477  -15.972 39.308  1.00 335.88 ? 21  MET H CA 1 
ATOM 768 C CA . LYS H 1 22  ? -1.982  -14.822 40.270  1.00 277.85 ? 22  LYS H CA 1 
ATOM 769 C CA . PHE H 1 23  ? -3.989  -12.839 42.794  1.00 335.88 ? 23  PHE H CA 1 
ATOM 770 C CA . SER H 1 24  ? -7.035  -14.940 43.942  1.00 335.88 ? 24  SER H CA 1 
ATOM 771 C CA . GLU H 1 25  ? -4.929  -17.940 44.884  1.00 335.88 ? 25  GLU H CA 1 
ATOM 772 C CA . GLY H 1 26  ? -3.200  -15.267 46.919  1.00 335.88 ? 26  GLY H CA 1 
ATOM 773 C CA . PHE H 1 27  ? -0.384  -17.364 45.557  1.00 335.88 ? 27  PHE H CA 1 
ATOM 774 C CA . THR H 1 28  ? -0.832  -19.883 48.429  1.00 335.88 ? 28  THR H CA 1 
ATOM 775 C CA . ARG H 1 29  ? -3.737  -21.628 50.334  1.00 335.88 ? 29  ARG H CA 1 
ATOM 776 C CA . LEU H 1 30  ? -3.520  -25.482 50.473  1.00 335.88 ? 30  LEU H CA 1 
ATOM 777 C CA . TRP H 1 31  ? -4.971  -27.568 47.578  1.00 335.88 ? 31  TRP H CA 1 
ATOM 778 C CA . PRO H 1 32  ? -4.013  -27.138 43.892  1.00 193.73 ? 32  PRO H CA 1 
ATOM 779 C CA . SER H 1 33  ? -4.665  -23.453 44.463  1.00 225.00 ? 33  SER H CA 1 
ATOM 780 C CA . VAL H 1 34  ? -1.076  -22.754 43.556  1.00 172.83 ? 34  VAL H CA 1 
ATOM 781 C CA . GLY H 1 35  ? -2.097  -24.873 40.559  1.00 334.99 ? 35  GLY H CA 1 
ATOM 782 C CA . THR H 1 36  ? -4.963  -22.494 39.981  1.00 329.65 ? 36  THR H CA 1 
ATOM 783 C CA . ILE H 1 37  ? -2.185  -20.128 38.979  1.00 105.69 ? 37  ILE H CA 1 
ATOM 784 C CA . ILE H 1 38  ? -1.411  -22.787 36.472  1.00 188.49 ? 38  ILE H CA 1 
ATOM 785 C CA . CYS H 1 39  ? -4.836  -22.498 34.837  1.00 152.19 ? 39  CYS H CA 1 
ATOM 786 C CA . TYR H 1 40  ? -5.402  -18.668 34.396  1.00 72.59  ? 40  TYR H CA 1 
ATOM 787 C CA . CYS H 1 41  ? -1.900  -17.737 33.457  1.00 123.68 ? 41  CYS H CA 1 
ATOM 788 C CA . ALA H 1 42  ? -2.814  -20.247 30.661  1.00 167.66 ? 42  ALA H CA 1 
ATOM 789 C CA . SER H 1 43  ? -5.785  -17.948 30.125  1.00 184.06 ? 43  SER H CA 1 
ATOM 790 C CA . PHE H 1 44  ? -3.234  -15.269 29.351  1.00 69.40  ? 44  PHE H CA 1 
ATOM 791 C CA . TRP H 1 45  ? -2.307  -17.692 26.555  1.00 190.20 ? 45  TRP H CA 1 
ATOM 792 C CA . LEU H 1 46  ? -5.795  -17.567 25.084  1.00 177.67 ? 46  LEU H CA 1 
ATOM 793 C CA . LEU H 1 47  ? -5.881  -13.839 25.602  1.00 147.56 ? 47  LEU H CA 1 
ATOM 794 C CA . ALA H 1 48  ? -2.986  -13.575 23.199  1.00 154.56 ? 48  ALA H CA 1 
ATOM 795 C CA . GLN H 1 49  ? -4.948  -16.201 21.292  1.00 335.88 ? 49  GLN H CA 1 
ATOM 796 C CA . THR H 1 50  ? -7.967  -14.069 20.461  1.00 204.67 ? 50  THR H CA 1 
ATOM 797 C CA . LEU H 1 51  ? -5.661  -11.207 19.520  1.00 132.10 ? 51  LEU H CA 1 
ATOM 798 C CA . ALA H 1 52  ? -5.380  -11.382 15.725  1.00 36.88  ? 52  ALA H CA 1 
ATOM 799 C CA . TYR H 1 53  ? -5.991  -8.468  13.345  1.00 260.79 ? 53  TYR H CA 1 
ATOM 800 C CA . ILE H 1 54  ? -3.459  -6.991  10.940  1.00 72.11  ? 54  ILE H CA 1 
ATOM 801 C CA . PRO H 1 55  ? -0.226  -8.775  9.873   1.00 209.86 ? 55  PRO H CA 1 
ATOM 802 C CA . THR H 1 56  ? 2.215   -6.493  11.707  1.00 335.88 ? 56  THR H CA 1 
ATOM 803 C CA . GLY H 1 57  ? 0.083   -6.732  14.821  1.00 218.75 ? 57  GLY H CA 1 
ATOM 804 C CA . ILE H 1 58  ? 0.503   -10.470 14.961  1.00 284.61 ? 58  ILE H CA 1 
ATOM 805 C CA . ALA H 1 59  ? 4.195   -9.882  14.345  1.00 200.36 ? 59  ALA H CA 1 
ATOM 806 C CA . TYR H 1 60  ? 4.157   -7.792  17.528  1.00 260.60 ? 60  TYR H CA 1 
ATOM 807 C CA . ALA H 1 61  ? 1.965   -10.199 19.415  1.00 299.67 ? 61  ALA H CA 1 
ATOM 808 C CA . ILE H 1 62  ? 4.133   -13.337 19.245  1.00 155.10 ? 62  ILE H CA 1 
ATOM 809 C CA . TRP H 1 63  ? 7.123   -11.020 19.103  1.00 168.10 ? 63  TRP H CA 1 
ATOM 810 C CA . SER H 1 64  ? 6.396   -9.903  22.667  1.00 335.88 ? 64  SER H CA 1 
ATOM 811 C CA . GLY H 1 65  ? 5.734   -13.535 23.434  1.00 104.50 ? 65  GLY H CA 1 
ATOM 812 C CA . VAL H 1 66  ? 9.368   -13.708 22.523  1.00 108.81 ? 66  VAL H CA 1 
ATOM 813 C CA . GLY H 1 67  ? 10.777  -11.411 25.124  1.00 273.21 ? 67  GLY H CA 1 
ATOM 814 C CA . ILE H 1 68  ? 8.554   -13.630 27.252  1.00 140.65 ? 68  ILE H CA 1 
ATOM 815 C CA . VAL H 1 69  ? 10.221  -16.950 26.506  1.00 149.46 ? 69  VAL H CA 1 
ATOM 816 C CA . LEU H 1 70  ? 13.249  -14.943 27.320  1.00 83.18  ? 70  LEU H CA 1 
ATOM 817 C CA . ILE H 1 71  ? 11.484  -13.776 30.496  1.00 288.01 ? 71  ILE H CA 1 
ATOM 818 C CA . SER H 1 72  ? 11.659  -17.497 31.342  1.00 164.63 ? 72  SER H CA 1 
ATOM 819 C CA . LEU H 1 73  ? 15.019  -18.655 30.068  1.00 96.77  ? 73  LEU H CA 1 
ATOM 820 C CA . LEU H 1 74  ? 16.178  -15.712 32.169  1.00 277.27 ? 74  LEU H CA 1 
ATOM 821 C CA . SER H 1 75  ? 13.342  -16.293 34.665  1.00 335.88 ? 75  SER H CA 1 
ATOM 822 C CA . TRP H 1 76  ? 15.620  -18.272 36.949  1.00 325.35 ? 76  TRP H CA 1 
ATOM 823 C CA . GLY H 1 77  ? 18.189  -16.443 34.846  1.00 314.80 ? 77  GLY H CA 1 
ATOM 824 C CA . PHE H 1 78  ? 20.295  -19.551 35.268  1.00 335.88 ? 78  PHE H CA 1 
ATOM 825 C CA . PHE H 1 79  ? 23.451  -17.677 36.389  1.00 112.48 ? 79  PHE H CA 1 
ATOM 826 C CA . GLY H 1 80  ? 21.872  -14.848 38.370  1.00 335.88 ? 80  GLY H CA 1 
ATOM 827 C CA . GLN H 1 81  ? 19.501  -11.887 37.913  1.00 322.74 ? 81  GLN H CA 1 
ATOM 828 C CA . ARG H 1 82  ? 21.084  -8.957  39.770  1.00 270.96 ? 82  ARG H CA 1 
ATOM 829 C CA . LEU H 1 83  ? 24.905  -8.981  39.536  1.00 335.88 ? 83  LEU H CA 1 
ATOM 830 C CA . ASP H 1 84  ? 27.638  -7.728  37.211  1.00 303.97 ? 84  ASP H CA 1 
ATOM 831 C CA . LEU H 1 85  ? 26.720  -10.949 35.456  1.00 166.99 ? 85  LEU H CA 1 
ATOM 832 C CA . PRO H 1 86  ? 28.645  -12.616 34.778  1.00 241.46 ? 86  PRO H CA 1 
ATOM 833 C CA . ALA H 1 87  ? 31.282  -10.876 36.899  1.00 332.58 ? 87  ALA H CA 1 
ATOM 834 C CA . ILE H 1 88  ? 32.312  -10.780 33.227  1.00 265.92 ? 88  ILE H CA 1 
ATOM 835 C CA . ILE H 1 89  ? 29.707  -8.339  31.905  1.00 164.16 ? 89  ILE H CA 1 
ATOM 836 C CA . GLY H 1 90  ? 32.045  -6.319  33.980  1.00 175.43 ? 90  GLY H CA 1 
ATOM 837 C CA . MET H 1 91  ? 35.219  -8.262  33.170  1.00 268.97 ? 91  MET H CA 1 
ATOM 838 C CA . MET H 1 92  ? 34.734  -7.747  29.454  1.00 221.35 ? 92  MET H CA 1 
ATOM 839 C CA . LEU H 1 93  ? 34.427  -4.092  30.413  1.00 181.74 ? 93  LEU H CA 1 
ATOM 840 C CA . ILE H 1 94  ? 37.418  -3.837  32.747  1.00 118.31 ? 94  ILE H CA 1 
ATOM 841 C CA . CYS H 1 95  ? 39.755  -6.004  30.822  1.00 123.68 ? 95  CYS H CA 1 
ATOM 842 C CA . ALA H 1 96  ? 38.655  -4.369  27.532  1.00 293.92 ? 96  ALA H CA 1 
ATOM 843 C CA . GLY H 1 97  ? 40.014  -1.071  28.836  1.00 93.65  ? 97  GLY H CA 1 
ATOM 844 C CA . VAL H 1 98  ? 43.381  -2.652  29.569  1.00 181.30 ? 98  VAL H CA 1 
ATOM 845 C CA . LEU H 1 99  ? 43.310  -3.631  25.881  1.00 251.65 ? 99  LEU H CA 1 
ATOM 846 C CA . ILE H 1 100 ? 42.938  -0.019  24.922  1.00 271.86 ? 100 ILE H CA 1 
ATOM 847 C CA . ILE H 1 101 ? 45.997  0.466   27.154  1.00 189.20 ? 101 ILE H CA 1 
ATOM 848 C CA . ASN H 1 102 ? 48.037  -2.325  25.579  1.00 335.88 ? 102 ASN H CA 1 
ATOM 849 C CA . LEU H 1 103 ? 47.505  -1.132  21.982  1.00 335.88 ? 103 LEU H CA 1 
ATOM 850 C CA . LEU H 1 104 ? 46.802  2.619   22.150  1.00 261.57 ? 104 LEU H CA 1 
ATOM 851 C CA . SER H 1 105 ? 48.838  3.302   25.285  1.00 335.88 ? 105 SER H CA 1 
ATOM 852 C CA . ARG H 1 106 ? 51.807  1.118   24.248  1.00 335.88 ? 106 ARG H CA 1 
ATOM 853 C CA . SER H 1 107 ? 52.371  3.232   21.114  1.00 335.88 ? 107 SER H CA 1 
ATOM 854 C CA . THR H 1 108 ? 51.785  6.749   22.590  1.00 335.88 ? 108 THR H CA 1 
ATOM 855 C CA . PRO H 1 109 ? 53.367  6.928   26.070  1.00 335.88 ? 109 PRO H CA 1 
ATOM 856 C CA . HIS H 1 110 ? 55.402  3.744   26.753  1.00 335.88 ? 110 HIS H CA 1 
# 
